data_1YX3
#
_entry.id   1YX3
#
_entity_poly.entity_id   1
_entity_poly.type   'polypeptide(L)'
_entity_poly.pdbx_seq_one_letter_code
;MGSSHHHHHHSSGLVPRGSHMADTIEVDGKQFAVDEEGYLSNLNDWVPGVADVMAKQDNLELTEEHWDIINFLREYYEEY
QIAPAVRVLTKAVGKKLGKEKGNSKYLYSLFPYGPAKQACRFAGLPKPTGCV
;
_entity_poly.pdbx_strand_id   A
#
# COMPACT_ATOMS: atom_id res chain seq x y z
N MET A 21 5.08 -18.92 -12.28
CA MET A 21 5.21 -17.46 -12.42
C MET A 21 3.89 -16.77 -12.10
N ALA A 22 3.95 -15.84 -11.14
CA ALA A 22 2.77 -15.20 -10.57
C ALA A 22 2.02 -16.17 -9.68
N ASP A 23 1.67 -15.75 -8.48
CA ASP A 23 1.13 -16.66 -7.48
C ASP A 23 -0.19 -16.14 -6.93
N THR A 24 -0.93 -17.02 -6.29
CA THR A 24 -2.19 -16.63 -5.67
C THR A 24 -2.10 -16.76 -4.16
N ILE A 25 -2.56 -15.73 -3.46
CA ILE A 25 -2.51 -15.74 -2.00
C ILE A 25 -3.77 -16.36 -1.42
N GLU A 26 -3.70 -16.74 -0.15
CA GLU A 26 -4.83 -17.37 0.52
C GLU A 26 -5.48 -16.38 1.48
N VAL A 27 -6.69 -15.95 1.15
CA VAL A 27 -7.46 -15.09 2.02
C VAL A 27 -8.90 -15.60 2.04
N ASP A 28 -9.33 -16.09 3.21
CA ASP A 28 -10.67 -16.66 3.37
C ASP A 28 -10.86 -17.90 2.51
N GLY A 29 -9.76 -18.54 2.14
CA GLY A 29 -9.82 -19.69 1.25
C GLY A 29 -9.93 -19.27 -0.19
N LYS A 30 -9.99 -17.97 -0.44
CA LYS A 30 -10.09 -17.44 -1.79
C LYS A 30 -8.70 -17.26 -2.38
N GLN A 31 -8.57 -17.55 -3.66
CA GLN A 31 -7.32 -17.37 -4.35
C GLN A 31 -7.30 -16.01 -5.05
N PHE A 32 -6.53 -15.09 -4.53
CA PHE A 32 -6.41 -13.77 -5.12
C PHE A 32 -5.13 -13.69 -5.95
N ALA A 33 -5.26 -13.18 -7.18
CA ALA A 33 -4.15 -13.11 -8.10
C ALA A 33 -3.26 -11.91 -7.80
N VAL A 34 -2.01 -12.19 -7.46
CA VAL A 34 -1.02 -11.16 -7.22
C VAL A 34 0.18 -11.36 -8.12
N ASP A 35 0.87 -10.29 -8.46
CA ASP A 35 2.10 -10.38 -9.22
C ASP A 35 3.15 -11.04 -8.33
N GLU A 36 4.09 -11.74 -8.95
CA GLU A 36 5.08 -12.52 -8.22
C GLU A 36 5.99 -11.61 -7.39
N GLU A 37 6.00 -10.32 -7.71
CA GLU A 37 6.77 -9.34 -6.93
C GLU A 37 6.08 -9.02 -5.60
N GLY A 38 4.83 -9.46 -5.47
CA GLY A 38 4.09 -9.21 -4.25
C GLY A 38 3.19 -7.98 -4.38
N TYR A 39 2.58 -7.82 -5.55
CA TYR A 39 1.67 -6.71 -5.79
C TYR A 39 0.36 -7.23 -6.35
N LEU A 40 -0.74 -6.96 -5.66
CA LEU A 40 -2.06 -7.42 -6.10
C LEU A 40 -2.37 -6.92 -7.50
N SER A 41 -2.59 -7.85 -8.42
CA SER A 41 -2.94 -7.49 -9.78
C SER A 41 -4.44 -7.47 -9.95
N ASN A 42 -5.13 -8.35 -9.24
CA ASN A 42 -6.58 -8.42 -9.28
C ASN A 42 -7.19 -7.32 -8.40
N LEU A 43 -7.27 -6.12 -8.94
CA LEU A 43 -7.88 -4.98 -8.23
C LEU A 43 -9.38 -4.97 -8.43
N ASN A 44 -9.98 -6.15 -8.46
CA ASN A 44 -11.41 -6.28 -8.67
C ASN A 44 -12.13 -6.54 -7.36
N ASP A 45 -11.39 -6.44 -6.26
CA ASP A 45 -11.96 -6.65 -4.93
C ASP A 45 -11.08 -6.00 -3.86
N TRP A 46 -10.07 -6.74 -3.39
CA TRP A 46 -9.17 -6.30 -2.33
C TRP A 46 -9.89 -6.19 -1.00
N VAL A 47 -9.56 -7.10 -0.09
CA VAL A 47 -10.07 -7.05 1.27
C VAL A 47 -8.90 -6.84 2.24
N PRO A 48 -9.18 -6.43 3.49
CA PRO A 48 -8.14 -6.20 4.50
C PRO A 48 -7.23 -7.42 4.69
N GLY A 49 -7.81 -8.61 4.55
CA GLY A 49 -7.05 -9.84 4.69
C GLY A 49 -5.92 -9.92 3.68
N VAL A 50 -6.15 -9.40 2.48
CA VAL A 50 -5.15 -9.39 1.43
C VAL A 50 -3.90 -8.64 1.88
N ALA A 51 -4.11 -7.42 2.37
CA ALA A 51 -3.01 -6.59 2.83
C ALA A 51 -2.33 -7.21 4.05
N ASP A 52 -3.13 -7.78 4.94
CA ASP A 52 -2.62 -8.36 6.18
C ASP A 52 -1.73 -9.57 5.90
N VAL A 53 -2.19 -10.46 5.02
CA VAL A 53 -1.42 -11.65 4.66
C VAL A 53 -0.12 -11.26 3.97
N MET A 54 -0.17 -10.21 3.14
CA MET A 54 1.03 -9.73 2.46
C MET A 54 1.98 -9.06 3.44
N ALA A 55 1.43 -8.44 4.46
CA ALA A 55 2.24 -7.79 5.50
C ALA A 55 2.92 -8.83 6.38
N LYS A 56 2.20 -9.90 6.69
CA LYS A 56 2.73 -10.99 7.51
C LYS A 56 3.99 -11.58 6.87
N GLN A 57 4.00 -11.67 5.55
CA GLN A 57 5.11 -12.26 4.81
C GLN A 57 6.33 -11.33 4.81
N ASP A 58 6.11 -10.08 5.17
CA ASP A 58 7.20 -9.09 5.22
C ASP A 58 7.58 -8.80 6.67
N ASN A 59 6.74 -9.30 7.59
CA ASN A 59 6.90 -9.07 9.03
C ASN A 59 6.73 -7.59 9.36
N LEU A 60 5.85 -6.94 8.61
CA LEU A 60 5.51 -5.55 8.88
C LEU A 60 4.10 -5.51 9.44
N GLU A 61 3.94 -4.91 10.61
CA GLU A 61 2.65 -4.85 11.25
C GLU A 61 1.88 -3.62 10.78
N LEU A 62 0.59 -3.79 10.57
CA LEU A 62 -0.25 -2.72 10.08
C LEU A 62 -1.12 -2.16 11.20
N THR A 63 -0.77 -0.96 11.67
CA THR A 63 -1.58 -0.28 12.67
C THR A 63 -2.59 0.62 11.97
N GLU A 64 -3.35 1.39 12.74
CA GLU A 64 -4.33 2.30 12.18
C GLU A 64 -3.65 3.36 11.32
N GLU A 65 -2.39 3.65 11.64
CA GLU A 65 -1.60 4.57 10.85
C GLU A 65 -1.34 4.00 9.46
N HIS A 66 -0.92 2.75 9.43
CA HIS A 66 -0.68 2.05 8.17
C HIS A 66 -1.97 1.92 7.38
N TRP A 67 -3.02 1.44 8.05
CA TRP A 67 -4.30 1.22 7.39
C TRP A 67 -4.88 2.51 6.82
N ASP A 68 -4.62 3.64 7.47
CA ASP A 68 -5.09 4.93 6.97
C ASP A 68 -4.39 5.25 5.66
N ILE A 69 -3.08 5.02 5.62
CA ILE A 69 -2.29 5.25 4.41
C ILE A 69 -2.64 4.25 3.32
N ILE A 70 -2.80 2.98 3.70
CA ILE A 70 -3.17 1.93 2.76
C ILE A 70 -4.51 2.24 2.11
N ASN A 71 -5.49 2.58 2.95
CA ASN A 71 -6.82 2.92 2.45
C ASN A 71 -6.76 4.20 1.62
N PHE A 72 -5.88 5.11 2.02
CA PHE A 72 -5.69 6.36 1.30
C PHE A 72 -5.27 6.08 -0.14
N LEU A 73 -4.22 5.27 -0.31
CA LEU A 73 -3.75 4.92 -1.65
C LEU A 73 -4.81 4.16 -2.42
N ARG A 74 -5.51 3.27 -1.72
CA ARG A 74 -6.60 2.49 -2.31
C ARG A 74 -7.68 3.43 -2.89
N GLU A 75 -8.11 4.38 -2.08
CA GLU A 75 -9.13 5.34 -2.47
C GLU A 75 -8.59 6.29 -3.55
N TYR A 76 -7.41 6.83 -3.30
CA TYR A 76 -6.79 7.81 -4.18
C TYR A 76 -6.64 7.25 -5.60
N TYR A 77 -6.10 6.05 -5.71
CA TYR A 77 -5.88 5.44 -7.02
C TYR A 77 -7.21 5.11 -7.67
N GLU A 78 -8.20 4.72 -6.87
CA GLU A 78 -9.49 4.34 -7.40
C GLU A 78 -10.27 5.55 -7.93
N GLU A 79 -10.16 6.69 -7.25
CA GLU A 79 -10.91 7.87 -7.65
C GLU A 79 -10.12 8.73 -8.65
N TYR A 80 -8.83 8.89 -8.43
CA TYR A 80 -8.02 9.77 -9.26
C TYR A 80 -7.34 9.02 -10.41
N GLN A 81 -7.21 7.69 -10.26
CA GLN A 81 -6.48 6.86 -11.23
C GLN A 81 -4.99 7.20 -11.21
N ILE A 82 -4.56 7.84 -10.14
CA ILE A 82 -3.17 8.26 -10.00
C ILE A 82 -2.52 7.56 -8.80
N ALA A 83 -1.32 7.05 -9.01
CA ALA A 83 -0.57 6.43 -7.94
C ALA A 83 0.47 7.42 -7.40
N PRO A 84 0.28 7.90 -6.16
CA PRO A 84 1.18 8.88 -5.55
C PRO A 84 2.56 8.32 -5.27
N ALA A 85 3.57 8.91 -5.90
CA ALA A 85 4.95 8.56 -5.64
C ALA A 85 5.38 9.06 -4.27
N VAL A 86 6.61 8.76 -3.86
CA VAL A 86 7.08 9.11 -2.52
C VAL A 86 7.04 10.62 -2.29
N ARG A 87 7.32 11.39 -3.34
CA ARG A 87 7.30 12.85 -3.25
C ARG A 87 5.87 13.37 -3.05
N VAL A 88 4.91 12.64 -3.61
CA VAL A 88 3.52 13.07 -3.56
C VAL A 88 2.85 12.58 -2.28
N LEU A 89 3.06 11.31 -1.95
CA LEU A 89 2.48 10.69 -0.77
C LEU A 89 2.79 11.49 0.49
N THR A 90 4.06 11.84 0.66
CA THR A 90 4.50 12.59 1.83
C THR A 90 3.74 13.92 1.99
N LYS A 91 3.40 14.54 0.87
CA LYS A 91 2.65 15.80 0.90
C LYS A 91 1.18 15.53 1.23
N ALA A 92 0.60 14.57 0.51
CA ALA A 92 -0.82 14.25 0.63
C ALA A 92 -1.17 13.79 2.05
N VAL A 93 -0.39 12.86 2.58
CA VAL A 93 -0.64 12.33 3.92
C VAL A 93 -0.47 13.42 4.98
N GLY A 94 0.42 14.37 4.71
CA GLY A 94 0.63 15.47 5.62
C GLY A 94 -0.61 16.28 5.86
N LYS A 95 -1.36 16.54 4.79
CA LYS A 95 -2.59 17.32 4.88
C LYS A 95 -3.77 16.43 5.29
N LYS A 96 -3.77 15.20 4.79
CA LYS A 96 -4.86 14.26 5.02
C LYS A 96 -4.89 13.81 6.49
N LEU A 97 -3.79 13.23 6.94
CA LEU A 97 -3.75 12.59 8.25
C LEU A 97 -3.86 13.61 9.38
N GLY A 98 -3.15 14.73 9.26
CA GLY A 98 -3.15 15.70 10.33
C GLY A 98 -2.74 17.08 9.87
N LYS A 99 -1.89 17.71 10.67
CA LYS A 99 -1.44 19.08 10.41
C LYS A 99 -0.18 19.07 9.57
N GLU A 100 0.84 18.36 10.04
CA GLU A 100 2.10 18.25 9.33
C GLU A 100 2.71 16.88 9.60
N LYS A 101 1.86 15.88 9.72
CA LYS A 101 2.27 14.52 10.10
C LYS A 101 3.06 13.85 8.96
N GLY A 102 2.97 14.43 7.76
CA GLY A 102 3.67 13.88 6.63
C GLY A 102 5.15 14.20 6.66
N ASN A 103 5.91 13.44 7.44
CA ASN A 103 7.34 13.64 7.57
C ASN A 103 8.09 12.45 6.98
N SER A 104 9.26 12.72 6.42
CA SER A 104 10.09 11.71 5.79
C SER A 104 10.44 10.59 6.78
N LYS A 105 10.88 11.00 7.97
CA LYS A 105 11.26 10.04 9.01
C LYS A 105 10.05 9.22 9.44
N TYR A 106 8.90 9.86 9.51
CA TYR A 106 7.66 9.21 9.93
C TYR A 106 7.30 8.08 8.98
N LEU A 107 7.42 8.34 7.68
CA LEU A 107 7.10 7.35 6.66
C LEU A 107 8.06 6.16 6.73
N TYR A 108 9.34 6.44 6.98
CA TYR A 108 10.34 5.38 7.11
C TYR A 108 10.18 4.62 8.42
N SER A 109 9.52 5.24 9.38
CA SER A 109 9.27 4.59 10.67
C SER A 109 8.05 3.67 10.56
N LEU A 110 7.20 3.94 9.58
CA LEU A 110 6.04 3.08 9.33
C LEU A 110 6.41 1.97 8.36
N PHE A 111 7.08 2.33 7.28
CA PHE A 111 7.49 1.36 6.27
C PHE A 111 9.01 1.40 6.10
N PRO A 112 9.74 0.55 6.84
CA PRO A 112 11.21 0.53 6.84
C PRO A 112 11.80 -0.03 5.55
N TYR A 113 10.94 -0.51 4.66
CA TYR A 113 11.39 -1.12 3.42
C TYR A 113 11.32 -0.10 2.27
N GLY A 114 10.60 0.98 2.51
CA GLY A 114 10.38 1.98 1.48
C GLY A 114 8.95 2.48 1.49
N PRO A 115 8.71 3.68 2.05
CA PRO A 115 7.37 4.21 2.32
C PRO A 115 6.34 3.97 1.22
N ALA A 116 6.51 4.65 0.09
CA ALA A 116 5.52 4.59 -0.99
C ALA A 116 5.43 3.20 -1.60
N LYS A 117 6.58 2.56 -1.76
CA LYS A 117 6.64 1.26 -2.42
C LYS A 117 5.98 0.17 -1.55
N GLN A 118 6.20 0.27 -0.25
CA GLN A 118 5.65 -0.71 0.69
C GLN A 118 4.15 -0.48 0.88
N ALA A 119 3.75 0.80 0.92
CA ALA A 119 2.35 1.15 1.10
C ALA A 119 1.50 0.66 -0.06
N CYS A 120 1.93 0.97 -1.28
CA CYS A 120 1.18 0.57 -2.47
C CYS A 120 1.12 -0.96 -2.59
N ARG A 121 2.21 -1.62 -2.19
CA ARG A 121 2.24 -3.08 -2.14
C ARG A 121 1.06 -3.63 -1.34
N PHE A 122 0.85 -3.08 -0.15
CA PHE A 122 -0.23 -3.56 0.71
C PHE A 122 -1.59 -3.04 0.24
N ALA A 123 -1.59 -1.87 -0.39
CA ALA A 123 -2.81 -1.26 -0.90
C ALA A 123 -3.33 -2.00 -2.14
N GLY A 124 -2.51 -2.90 -2.66
CA GLY A 124 -2.89 -3.68 -3.81
C GLY A 124 -2.64 -2.95 -5.11
N LEU A 125 -1.75 -1.98 -5.08
CA LEU A 125 -1.45 -1.18 -6.24
C LEU A 125 -0.23 -1.73 -6.96
N PRO A 126 -0.17 -1.59 -8.30
CA PRO A 126 0.99 -2.00 -9.08
C PRO A 126 2.20 -1.11 -8.82
N LYS A 127 3.37 -1.55 -9.28
CA LYS A 127 4.62 -0.83 -9.06
C LYS A 127 4.55 0.58 -9.66
N PRO A 128 4.56 1.62 -8.81
CA PRO A 128 4.48 3.00 -9.24
C PRO A 128 5.85 3.66 -9.38
N THR A 129 6.23 3.94 -10.62
CA THR A 129 7.44 4.71 -10.88
C THR A 129 7.11 5.90 -11.78
N GLY A 130 6.35 5.65 -12.84
CA GLY A 130 5.87 6.71 -13.68
C GLY A 130 6.89 7.16 -14.72
N CYS A 131 6.54 8.20 -15.46
CA CYS A 131 7.44 8.75 -16.46
C CYS A 131 8.28 9.86 -15.86
N VAL A 132 9.47 9.52 -15.40
CA VAL A 132 10.38 10.49 -14.81
C VAL A 132 11.67 10.57 -15.62
N MET A 21 1.85 -18.25 -14.39
CA MET A 21 3.05 -18.17 -13.54
C MET A 21 2.91 -17.01 -12.57
N ALA A 22 2.58 -17.33 -11.32
CA ALA A 22 2.39 -16.33 -10.27
C ALA A 22 2.02 -17.02 -8.97
N ASP A 23 1.94 -16.27 -7.89
CA ASP A 23 1.59 -16.83 -6.59
C ASP A 23 0.15 -16.51 -6.26
N THR A 24 -0.49 -17.38 -5.51
CA THR A 24 -1.88 -17.19 -5.14
C THR A 24 -2.04 -17.25 -3.63
N ILE A 25 -2.49 -16.16 -3.04
CA ILE A 25 -2.69 -16.11 -1.60
C ILE A 25 -4.14 -16.44 -1.27
N GLU A 26 -4.34 -17.38 -0.37
CA GLU A 26 -5.68 -17.80 -0.01
C GLU A 26 -6.22 -16.93 1.11
N VAL A 27 -7.03 -15.95 0.73
CA VAL A 27 -7.61 -15.02 1.68
C VAL A 27 -9.13 -15.07 1.58
N ASP A 28 -9.79 -15.32 2.72
CA ASP A 28 -11.26 -15.34 2.79
C ASP A 28 -11.84 -16.54 2.05
N GLY A 29 -10.95 -17.43 1.61
CA GLY A 29 -11.36 -18.58 0.82
C GLY A 29 -11.15 -18.35 -0.66
N LYS A 30 -10.70 -17.15 -0.98
CA LYS A 30 -10.50 -16.76 -2.37
C LYS A 30 -9.01 -16.72 -2.69
N GLN A 31 -8.64 -17.31 -3.81
CA GLN A 31 -7.27 -17.27 -4.28
C GLN A 31 -6.99 -15.96 -4.99
N PHE A 32 -6.22 -15.11 -4.34
CA PHE A 32 -5.83 -13.85 -4.94
C PHE A 32 -4.51 -14.01 -5.67
N ALA A 33 -4.58 -13.93 -6.99
CA ALA A 33 -3.39 -14.06 -7.82
C ALA A 33 -2.54 -12.80 -7.73
N VAL A 34 -1.30 -12.98 -7.30
CA VAL A 34 -0.36 -11.89 -7.19
C VAL A 34 0.86 -12.18 -8.05
N ASP A 35 1.44 -11.15 -8.64
CA ASP A 35 2.62 -11.30 -9.47
C ASP A 35 3.80 -11.71 -8.61
N GLU A 36 4.86 -12.18 -9.27
CA GLU A 36 6.06 -12.68 -8.58
C GLU A 36 6.66 -11.60 -7.69
N GLU A 37 6.46 -10.34 -8.08
CA GLU A 37 7.00 -9.20 -7.34
C GLU A 37 6.22 -8.96 -6.05
N GLY A 38 5.13 -9.70 -5.86
CA GLY A 38 4.34 -9.56 -4.66
C GLY A 38 3.31 -8.46 -4.76
N TYR A 39 2.69 -8.33 -5.91
CA TYR A 39 1.67 -7.30 -6.11
C TYR A 39 0.39 -7.93 -6.64
N LEU A 40 -0.75 -7.40 -6.17
CA LEU A 40 -2.06 -7.94 -6.51
C LEU A 40 -2.37 -7.74 -7.99
N SER A 41 -2.48 -8.84 -8.72
CA SER A 41 -2.75 -8.79 -10.16
C SER A 41 -4.24 -8.59 -10.43
N ASN A 42 -5.06 -8.97 -9.46
CA ASN A 42 -6.51 -8.86 -9.59
C ASN A 42 -7.03 -7.69 -8.76
N LEU A 43 -7.23 -6.56 -9.41
CA LEU A 43 -7.71 -5.35 -8.74
C LEU A 43 -9.22 -5.20 -8.91
N ASN A 44 -9.91 -6.32 -8.92
CA ASN A 44 -11.36 -6.32 -9.07
C ASN A 44 -12.04 -5.79 -7.81
N ASP A 45 -11.53 -6.18 -6.65
CA ASP A 45 -12.17 -5.81 -5.39
C ASP A 45 -11.15 -5.41 -4.32
N TRP A 46 -10.30 -6.37 -3.92
CA TRP A 46 -9.31 -6.17 -2.86
C TRP A 46 -9.99 -6.09 -1.48
N VAL A 47 -9.55 -6.95 -0.56
CA VAL A 47 -10.06 -6.94 0.80
C VAL A 47 -8.91 -6.70 1.78
N PRO A 48 -9.21 -6.22 2.99
CA PRO A 48 -8.19 -5.93 4.01
C PRO A 48 -7.33 -7.16 4.33
N GLY A 49 -7.93 -8.34 4.22
CA GLY A 49 -7.21 -9.57 4.49
C GLY A 49 -6.01 -9.75 3.56
N VAL A 50 -6.12 -9.23 2.34
CA VAL A 50 -5.03 -9.31 1.37
C VAL A 50 -3.80 -8.58 1.91
N ALA A 51 -4.04 -7.37 2.40
CA ALA A 51 -2.96 -6.55 2.94
C ALA A 51 -2.35 -7.20 4.18
N ASP A 52 -3.21 -7.79 5.02
CA ASP A 52 -2.76 -8.43 6.25
C ASP A 52 -1.79 -9.57 5.97
N VAL A 53 -2.23 -10.52 5.14
CA VAL A 53 -1.43 -11.70 4.81
C VAL A 53 -0.16 -11.29 4.05
N MET A 54 -0.29 -10.29 3.21
CA MET A 54 0.83 -9.83 2.38
C MET A 54 1.81 -8.99 3.20
N ALA A 55 1.35 -8.46 4.32
CA ALA A 55 2.21 -7.71 5.23
C ALA A 55 3.08 -8.66 6.03
N LYS A 56 2.51 -9.82 6.37
CA LYS A 56 3.23 -10.84 7.12
C LYS A 56 4.42 -11.37 6.33
N GLN A 57 4.34 -11.24 5.01
CA GLN A 57 5.45 -11.62 4.13
C GLN A 57 6.71 -10.81 4.46
N ASP A 58 6.51 -9.57 4.88
CA ASP A 58 7.63 -8.71 5.27
C ASP A 58 7.70 -8.56 6.78
N ASN A 59 6.85 -9.32 7.47
CA ASN A 59 6.79 -9.30 8.93
C ASN A 59 6.41 -7.92 9.47
N LEU A 60 5.75 -7.14 8.62
CA LEU A 60 5.34 -5.80 9.00
C LEU A 60 3.94 -5.83 9.59
N GLU A 61 3.84 -5.56 10.87
CA GLU A 61 2.54 -5.53 11.54
C GLU A 61 1.81 -4.26 11.16
N LEU A 62 0.70 -4.41 10.46
CA LEU A 62 -0.10 -3.27 10.04
C LEU A 62 -0.84 -2.66 11.24
N THR A 63 -0.41 -1.47 11.64
CA THR A 63 -1.05 -0.76 12.73
C THR A 63 -2.13 0.16 12.19
N GLU A 64 -2.80 0.87 13.08
CA GLU A 64 -3.83 1.83 12.68
C GLU A 64 -3.22 2.93 11.82
N GLU A 65 -1.96 3.26 12.11
CA GLU A 65 -1.23 4.25 11.32
C GLU A 65 -0.99 3.71 9.91
N HIS A 66 -0.61 2.44 9.83
CA HIS A 66 -0.41 1.77 8.55
C HIS A 66 -1.71 1.70 7.77
N TRP A 67 -2.75 1.23 8.44
CA TRP A 67 -4.07 1.09 7.81
C TRP A 67 -4.60 2.45 7.35
N ASP A 68 -4.21 3.51 8.03
CA ASP A 68 -4.64 4.85 7.66
C ASP A 68 -4.01 5.26 6.33
N ILE A 69 -2.73 4.92 6.16
CA ILE A 69 -2.02 5.19 4.92
C ILE A 69 -2.59 4.32 3.79
N ILE A 70 -2.83 3.06 4.10
CA ILE A 70 -3.42 2.12 3.15
C ILE A 70 -4.80 2.60 2.72
N ASN A 71 -5.59 3.01 3.70
CA ASN A 71 -6.93 3.55 3.46
C ASN A 71 -6.87 4.71 2.47
N PHE A 72 -5.91 5.61 2.69
CA PHE A 72 -5.73 6.76 1.83
C PHE A 72 -5.49 6.33 0.39
N LEU A 73 -4.45 5.52 0.17
CA LEU A 73 -4.09 5.08 -1.18
C LEU A 73 -5.18 4.23 -1.80
N ARG A 74 -5.88 3.48 -0.97
CA ARG A 74 -7.00 2.65 -1.41
C ARG A 74 -8.00 3.46 -2.21
N GLU A 75 -8.58 4.47 -1.59
CA GLU A 75 -9.60 5.28 -2.25
C GLU A 75 -8.97 6.37 -3.11
N TYR A 76 -7.69 6.65 -2.90
CA TYR A 76 -6.96 7.60 -3.72
C TYR A 76 -6.84 7.04 -5.13
N TYR A 77 -6.49 5.76 -5.23
CA TYR A 77 -6.36 5.11 -6.52
C TYR A 77 -7.73 4.81 -7.13
N GLU A 78 -8.71 4.52 -6.27
CA GLU A 78 -10.07 4.28 -6.75
C GLU A 78 -10.68 5.55 -7.33
N GLU A 79 -10.58 6.64 -6.59
CA GLU A 79 -11.22 7.89 -6.97
C GLU A 79 -10.39 8.65 -8.01
N TYR A 80 -9.09 8.77 -7.78
CA TYR A 80 -8.24 9.57 -8.66
C TYR A 80 -7.63 8.72 -9.77
N GLN A 81 -7.47 7.43 -9.51
CA GLN A 81 -6.83 6.49 -10.45
C GLN A 81 -5.36 6.84 -10.64
N ILE A 82 -4.79 7.47 -9.62
CA ILE A 82 -3.40 7.90 -9.68
C ILE A 82 -2.58 7.19 -8.60
N ALA A 83 -1.42 6.68 -8.98
CA ALA A 83 -0.49 6.09 -8.03
C ALA A 83 0.64 7.08 -7.73
N PRO A 84 0.68 7.62 -6.51
CA PRO A 84 1.63 8.67 -6.15
C PRO A 84 3.04 8.14 -5.91
N ALA A 85 4.02 8.90 -6.38
CA ALA A 85 5.43 8.58 -6.17
C ALA A 85 5.79 8.76 -4.69
N VAL A 86 7.02 8.41 -4.31
CA VAL A 86 7.40 8.42 -2.89
C VAL A 86 7.41 9.85 -2.34
N ARG A 87 7.85 10.79 -3.16
CA ARG A 87 7.87 12.19 -2.74
C ARG A 87 6.44 12.73 -2.67
N VAL A 88 5.61 12.26 -3.60
CA VAL A 88 4.23 12.73 -3.68
C VAL A 88 3.39 12.15 -2.54
N LEU A 89 3.56 10.86 -2.28
CA LEU A 89 2.84 10.19 -1.20
C LEU A 89 3.09 10.88 0.14
N THR A 90 4.36 11.16 0.42
CA THR A 90 4.74 11.82 1.66
C THR A 90 4.06 13.18 1.79
N LYS A 91 4.02 13.92 0.69
CA LYS A 91 3.41 15.25 0.68
C LYS A 91 1.90 15.15 0.83
N ALA A 92 1.34 14.03 0.40
CA ALA A 92 -0.09 13.77 0.51
C ALA A 92 -0.45 13.35 1.93
N VAL A 93 0.44 12.62 2.58
CA VAL A 93 0.25 12.26 3.98
C VAL A 93 0.26 13.53 4.83
N GLY A 94 1.10 14.48 4.43
CA GLY A 94 1.13 15.78 5.07
C GLY A 94 -0.07 16.65 4.68
N LYS A 95 -1.07 16.03 4.09
CA LYS A 95 -2.30 16.72 3.73
C LYS A 95 -3.51 16.02 4.35
N LYS A 96 -3.29 14.81 4.84
CA LYS A 96 -4.40 13.99 5.34
C LYS A 96 -4.46 13.98 6.86
N LEU A 97 -3.30 13.93 7.51
CA LEU A 97 -3.24 13.75 8.96
C LEU A 97 -3.25 15.09 9.68
N GLY A 98 -4.06 15.99 9.16
CA GLY A 98 -4.16 17.31 9.73
C GLY A 98 -3.39 18.30 8.91
N LYS A 99 -2.12 18.47 9.24
CA LYS A 99 -1.21 19.25 8.44
C LYS A 99 0.16 18.57 8.40
N GLU A 100 0.96 18.80 9.41
CA GLU A 100 2.31 18.26 9.42
C GLU A 100 2.46 17.13 10.43
N LYS A 101 2.24 15.91 9.94
CA LYS A 101 2.47 14.70 10.72
C LYS A 101 3.36 13.74 9.94
N GLY A 102 2.95 13.45 8.71
CA GLY A 102 3.71 12.55 7.87
C GLY A 102 4.66 13.29 6.96
N ASN A 103 5.50 14.13 7.56
CA ASN A 103 6.43 14.95 6.79
C ASN A 103 7.69 14.18 6.43
N SER A 104 8.13 13.32 7.32
CA SER A 104 9.32 12.52 7.06
C SER A 104 9.36 11.29 7.96
N LYS A 105 9.52 11.53 9.27
CA LYS A 105 9.68 10.45 10.24
C LYS A 105 8.56 9.43 10.13
N TYR A 106 7.33 9.93 10.11
CA TYR A 106 6.13 9.08 10.08
C TYR A 106 6.22 7.99 9.01
N LEU A 107 6.55 8.39 7.78
CA LEU A 107 6.57 7.45 6.65
C LEU A 107 7.76 6.51 6.73
N TYR A 108 8.93 7.04 7.02
CA TYR A 108 10.14 6.24 7.10
C TYR A 108 10.13 5.33 8.33
N SER A 109 9.22 5.59 9.25
CA SER A 109 9.03 4.73 10.41
C SER A 109 8.04 3.62 10.10
N LEU A 110 6.98 3.96 9.39
CA LEU A 110 5.97 2.97 9.02
C LEU A 110 6.55 1.99 8.00
N PHE A 111 7.28 2.52 7.04
CA PHE A 111 7.90 1.69 6.00
C PHE A 111 9.38 2.05 5.89
N PRO A 112 10.26 1.21 6.47
CA PRO A 112 11.70 1.47 6.53
C PRO A 112 12.35 1.62 5.15
N TYR A 113 12.11 0.65 4.29
CA TYR A 113 12.77 0.62 2.97
C TYR A 113 12.18 1.65 2.02
N GLY A 114 10.87 1.57 1.80
CA GLY A 114 10.23 2.48 0.88
C GLY A 114 8.77 2.68 1.21
N PRO A 115 8.40 3.87 1.69
CA PRO A 115 7.01 4.22 2.03
C PRO A 115 6.05 3.94 0.88
N ALA A 116 6.37 4.44 -0.30
CA ALA A 116 5.52 4.27 -1.46
C ALA A 116 5.43 2.80 -1.86
N LYS A 117 6.56 2.11 -1.85
CA LYS A 117 6.64 0.73 -2.31
C LYS A 117 5.75 -0.19 -1.47
N GLN A 118 5.85 -0.07 -0.16
CA GLN A 118 5.11 -0.95 0.73
C GLN A 118 3.64 -0.55 0.80
N ALA A 119 3.37 0.74 0.93
CA ALA A 119 2.01 1.24 1.05
C ALA A 119 1.17 0.84 -0.16
N CYS A 120 1.72 1.03 -1.36
CA CYS A 120 1.00 0.68 -2.56
C CYS A 120 0.78 -0.82 -2.65
N ARG A 121 1.81 -1.59 -2.31
CA ARG A 121 1.72 -3.06 -2.36
C ARG A 121 0.53 -3.55 -1.55
N PHE A 122 0.42 -3.09 -0.31
CA PHE A 122 -0.63 -3.56 0.59
C PHE A 122 -2.00 -3.15 0.10
N ALA A 123 -2.08 -1.98 -0.52
CA ALA A 123 -3.35 -1.48 -1.06
C ALA A 123 -3.67 -2.14 -2.40
N GLY A 124 -2.72 -2.93 -2.91
CA GLY A 124 -2.91 -3.63 -4.16
C GLY A 124 -2.48 -2.80 -5.35
N LEU A 125 -2.00 -1.58 -5.07
CA LEU A 125 -1.65 -0.66 -6.13
C LEU A 125 -0.39 -1.10 -6.85
N PRO A 126 -0.36 -0.95 -8.18
CA PRO A 126 0.84 -1.20 -8.97
C PRO A 126 1.98 -0.28 -8.55
N LYS A 127 3.20 -0.79 -8.64
CA LYS A 127 4.39 -0.02 -8.26
C LYS A 127 4.42 1.33 -8.98
N PRO A 128 4.35 2.43 -8.20
CA PRO A 128 4.27 3.79 -8.74
C PRO A 128 5.64 4.30 -9.19
N THR A 129 6.17 3.66 -10.23
CA THR A 129 7.47 3.99 -10.85
C THR A 129 8.65 3.70 -9.92
N GLY A 130 8.61 4.24 -8.71
CA GLY A 130 9.70 4.06 -7.77
C GLY A 130 10.89 4.93 -8.09
N CYS A 131 10.78 5.71 -9.16
CA CYS A 131 11.87 6.55 -9.61
C CYS A 131 11.70 7.98 -9.12
N VAL A 132 10.52 8.27 -8.60
CA VAL A 132 10.20 9.59 -8.07
C VAL A 132 9.74 9.45 -6.62
N MET A 21 5.23 -18.18 -12.80
CA MET A 21 5.21 -16.70 -12.78
C MET A 21 4.00 -16.21 -12.00
N ALA A 22 4.26 -15.44 -10.95
CA ALA A 22 3.23 -14.99 -10.00
C ALA A 22 2.61 -16.17 -9.26
N ASP A 23 1.75 -15.88 -8.30
CA ASP A 23 1.10 -16.94 -7.51
C ASP A 23 -0.19 -16.41 -6.88
N THR A 24 -0.97 -17.31 -6.31
CA THR A 24 -2.23 -16.94 -5.70
C THR A 24 -2.22 -17.23 -4.20
N ILE A 25 -2.52 -16.22 -3.40
CA ILE A 25 -2.59 -16.39 -1.96
C ILE A 25 -4.00 -16.78 -1.53
N GLU A 26 -4.08 -17.82 -0.73
CA GLU A 26 -5.36 -18.28 -0.21
C GLU A 26 -5.73 -17.47 1.03
N VAL A 27 -6.71 -16.59 0.86
CA VAL A 27 -7.14 -15.72 1.94
C VAL A 27 -8.60 -15.97 2.28
N ASP A 28 -8.81 -16.67 3.40
CA ASP A 28 -10.14 -16.89 3.95
C ASP A 28 -11.01 -17.69 2.97
N GLY A 29 -10.37 -18.48 2.13
CA GLY A 29 -11.11 -19.31 1.19
C GLY A 29 -10.92 -18.89 -0.26
N LYS A 30 -10.53 -17.64 -0.48
CA LYS A 30 -10.39 -17.13 -1.84
C LYS A 30 -8.93 -16.91 -2.21
N GLN A 31 -8.59 -17.23 -3.45
CA GLN A 31 -7.22 -17.13 -3.92
C GLN A 31 -7.02 -15.85 -4.72
N PHE A 32 -6.17 -14.97 -4.20
CA PHE A 32 -5.90 -13.70 -4.84
C PHE A 32 -4.55 -13.73 -5.57
N ALA A 33 -4.54 -13.32 -6.82
CA ALA A 33 -3.34 -13.38 -7.64
C ALA A 33 -2.39 -12.22 -7.36
N VAL A 34 -1.19 -12.57 -6.93
CA VAL A 34 -0.13 -11.60 -6.69
C VAL A 34 1.11 -11.99 -7.48
N ASP A 35 2.02 -11.05 -7.70
CA ASP A 35 3.26 -11.37 -8.38
C ASP A 35 4.26 -11.94 -7.38
N GLU A 36 5.41 -12.40 -7.87
CA GLU A 36 6.40 -13.03 -7.01
C GLU A 36 7.19 -12.01 -6.19
N GLU A 37 6.73 -10.77 -6.18
CA GLU A 37 7.31 -9.75 -5.30
C GLU A 37 6.35 -9.44 -4.17
N GLY A 38 5.07 -9.68 -4.41
CA GLY A 38 4.07 -9.50 -3.38
C GLY A 38 3.01 -8.47 -3.77
N TYR A 39 3.05 -8.00 -4.99
CA TYR A 39 2.07 -7.01 -5.45
C TYR A 39 0.82 -7.69 -5.99
N LEU A 40 -0.34 -7.26 -5.51
CA LEU A 40 -1.60 -7.81 -5.95
C LEU A 40 -1.86 -7.45 -7.42
N SER A 41 -1.94 -8.48 -8.24
CA SER A 41 -2.17 -8.29 -9.66
C SER A 41 -3.67 -8.34 -9.96
N ASN A 42 -4.41 -9.01 -9.10
CA ASN A 42 -5.85 -9.12 -9.26
C ASN A 42 -6.54 -7.86 -8.73
N LEU A 43 -6.46 -6.77 -9.48
CA LEU A 43 -7.16 -5.55 -9.12
C LEU A 43 -8.59 -5.61 -9.62
N ASN A 44 -9.47 -6.04 -8.74
CA ASN A 44 -10.86 -6.27 -9.11
C ASN A 44 -11.75 -6.15 -7.88
N ASP A 45 -11.35 -6.84 -6.82
CA ASP A 45 -12.09 -6.85 -5.58
C ASP A 45 -11.30 -6.19 -4.47
N TRP A 46 -10.27 -6.88 -3.99
CA TRP A 46 -9.41 -6.39 -2.91
C TRP A 46 -10.17 -6.26 -1.59
N VAL A 47 -9.72 -7.02 -0.60
CA VAL A 47 -10.30 -6.95 0.73
C VAL A 47 -9.19 -6.78 1.77
N PRO A 48 -9.53 -6.26 2.96
CA PRO A 48 -8.55 -6.05 4.04
C PRO A 48 -7.74 -7.32 4.35
N GLY A 49 -8.40 -8.47 4.23
CA GLY A 49 -7.73 -9.74 4.43
C GLY A 49 -6.51 -9.92 3.54
N VAL A 50 -6.58 -9.35 2.34
CA VAL A 50 -5.46 -9.44 1.39
C VAL A 50 -4.25 -8.71 1.94
N ALA A 51 -4.46 -7.48 2.39
CA ALA A 51 -3.38 -6.67 2.93
C ALA A 51 -2.83 -7.29 4.21
N ASP A 52 -3.73 -7.90 4.99
CA ASP A 52 -3.34 -8.57 6.23
C ASP A 52 -2.40 -9.73 5.94
N VAL A 53 -2.82 -10.65 5.07
CA VAL A 53 -2.00 -11.81 4.71
C VAL A 53 -0.72 -11.39 4.00
N MET A 54 -0.83 -10.39 3.14
CA MET A 54 0.32 -9.90 2.39
C MET A 54 1.38 -9.35 3.34
N ALA A 55 0.94 -8.49 4.26
CA ALA A 55 1.84 -7.93 5.26
C ALA A 55 2.30 -9.00 6.23
N LYS A 56 1.44 -9.98 6.44
CA LYS A 56 1.74 -11.12 7.32
C LYS A 56 2.94 -11.89 6.82
N GLN A 57 2.96 -12.16 5.51
CA GLN A 57 4.02 -12.95 4.91
C GLN A 57 5.29 -12.11 4.69
N ASP A 58 5.13 -10.80 4.62
CA ASP A 58 6.28 -9.90 4.56
C ASP A 58 6.77 -9.62 5.98
N ASN A 59 5.94 -10.00 6.93
CA ASN A 59 6.21 -9.86 8.37
C ASN A 59 6.28 -8.38 8.74
N LEU A 60 5.36 -7.61 8.17
CA LEU A 60 5.24 -6.20 8.48
C LEU A 60 3.87 -5.96 9.12
N GLU A 61 3.86 -5.78 10.43
CA GLU A 61 2.59 -5.61 11.15
C GLU A 61 1.95 -4.27 10.80
N LEU A 62 0.66 -4.33 10.47
CA LEU A 62 -0.08 -3.14 10.08
C LEU A 62 -0.78 -2.52 11.29
N THR A 63 -0.28 -1.37 11.72
CA THR A 63 -0.90 -0.64 12.82
C THR A 63 -2.00 0.27 12.30
N GLU A 64 -2.60 1.06 13.20
CA GLU A 64 -3.66 2.02 12.82
C GLU A 64 -3.18 2.90 11.67
N GLU A 65 -1.97 3.42 11.82
CA GLU A 65 -1.41 4.35 10.85
C GLU A 65 -1.08 3.63 9.54
N HIS A 66 -0.61 2.40 9.63
CA HIS A 66 -0.30 1.61 8.44
C HIS A 66 -1.56 1.41 7.61
N TRP A 67 -2.63 1.01 8.28
CA TRP A 67 -3.92 0.79 7.62
C TRP A 67 -4.45 2.08 7.01
N ASP A 68 -4.21 3.20 7.68
CA ASP A 68 -4.70 4.49 7.20
C ASP A 68 -3.97 4.93 5.93
N ILE A 69 -2.66 4.69 5.90
CA ILE A 69 -1.87 5.02 4.72
C ILE A 69 -2.32 4.17 3.52
N ILE A 70 -2.53 2.89 3.76
CA ILE A 70 -3.05 1.99 2.74
C ILE A 70 -4.44 2.46 2.31
N ASN A 71 -5.25 2.83 3.30
CA ASN A 71 -6.59 3.34 3.05
C ASN A 71 -6.56 4.61 2.20
N PHE A 72 -5.57 5.47 2.45
CA PHE A 72 -5.41 6.69 1.68
C PHE A 72 -5.22 6.39 0.21
N LEU A 73 -4.32 5.44 -0.09
CA LEU A 73 -4.08 5.04 -1.46
C LEU A 73 -5.29 4.32 -2.04
N ARG A 74 -5.96 3.54 -1.20
CA ARG A 74 -7.20 2.87 -1.57
C ARG A 74 -8.22 3.88 -2.11
N GLU A 75 -8.43 4.96 -1.35
CA GLU A 75 -9.35 6.02 -1.77
C GLU A 75 -8.82 6.77 -2.98
N TYR A 76 -7.53 7.12 -2.92
CA TYR A 76 -6.90 7.90 -3.98
C TYR A 76 -6.98 7.17 -5.32
N TYR A 77 -6.65 5.89 -5.32
CA TYR A 77 -6.63 5.13 -6.55
C TYR A 77 -8.04 4.95 -7.13
N GLU A 78 -9.02 4.68 -6.27
CA GLU A 78 -10.39 4.47 -6.74
C GLU A 78 -10.94 5.75 -7.37
N GLU A 79 -10.54 6.90 -6.84
CA GLU A 79 -11.05 8.16 -7.32
C GLU A 79 -10.23 8.67 -8.51
N TYR A 80 -8.93 8.84 -8.31
CA TYR A 80 -8.07 9.48 -9.31
C TYR A 80 -7.53 8.48 -10.33
N GLN A 81 -7.52 7.19 -9.96
CA GLN A 81 -7.02 6.13 -10.83
C GLN A 81 -5.52 6.29 -11.10
N ILE A 82 -4.83 7.00 -10.21
CA ILE A 82 -3.41 7.26 -10.35
C ILE A 82 -2.65 6.76 -9.12
N ALA A 83 -1.44 6.28 -9.32
CA ALA A 83 -0.57 5.89 -8.22
C ALA A 83 0.43 7.02 -7.93
N PRO A 84 0.31 7.67 -6.77
CA PRO A 84 1.13 8.81 -6.43
C PRO A 84 2.53 8.42 -5.96
N ALA A 85 3.54 9.13 -6.47
CA ALA A 85 4.91 8.88 -6.07
C ALA A 85 5.16 9.35 -4.64
N VAL A 86 6.32 8.99 -4.10
CA VAL A 86 6.64 9.27 -2.71
C VAL A 86 6.61 10.77 -2.40
N ARG A 87 6.99 11.59 -3.39
CA ARG A 87 7.01 13.03 -3.23
C ARG A 87 5.58 13.58 -3.09
N VAL A 88 4.67 13.04 -3.90
CA VAL A 88 3.28 13.45 -3.84
C VAL A 88 2.61 12.91 -2.57
N LEU A 89 2.97 11.69 -2.21
CA LEU A 89 2.44 11.05 -1.02
C LEU A 89 2.78 11.85 0.23
N THR A 90 4.07 12.11 0.43
CA THR A 90 4.55 12.85 1.59
C THR A 90 3.90 14.24 1.65
N LYS A 91 3.67 14.83 0.48
CA LYS A 91 3.03 16.13 0.38
C LYS A 91 1.59 16.06 0.91
N ALA A 92 0.87 15.02 0.51
CA ALA A 92 -0.53 14.85 0.90
C ALA A 92 -0.66 14.43 2.36
N VAL A 93 0.32 13.67 2.84
CA VAL A 93 0.33 13.22 4.23
C VAL A 93 0.22 14.40 5.20
N GLY A 94 0.90 15.50 4.86
CA GLY A 94 0.89 16.67 5.72
C GLY A 94 -0.48 17.33 5.82
N LYS A 95 -1.37 16.98 4.91
CA LYS A 95 -2.74 17.51 4.91
C LYS A 95 -3.72 16.46 5.44
N LYS A 96 -3.26 15.22 5.53
CA LYS A 96 -4.13 14.10 5.88
C LYS A 96 -3.92 13.69 7.33
N LEU A 97 -2.66 13.48 7.71
CA LEU A 97 -2.33 13.03 9.06
C LEU A 97 -2.26 14.19 10.03
N GLY A 98 -3.01 15.24 9.74
CA GLY A 98 -3.04 16.40 10.59
C GLY A 98 -2.54 17.64 9.88
N LYS A 99 -1.55 18.28 10.47
CA LYS A 99 -0.98 19.49 9.90
C LYS A 99 0.53 19.56 10.19
N GLU A 100 0.91 19.07 11.37
CA GLU A 100 2.31 19.09 11.79
C GLU A 100 2.91 17.69 11.64
N LYS A 101 2.19 16.80 10.99
CA LYS A 101 2.65 15.45 10.77
C LYS A 101 2.61 15.09 9.29
N GLY A 102 3.77 15.11 8.64
CA GLY A 102 3.84 14.78 7.24
C GLY A 102 5.23 14.95 6.67
N ASN A 103 6.13 14.03 7.01
CA ASN A 103 7.50 14.07 6.51
C ASN A 103 7.98 12.68 6.15
N SER A 104 9.19 12.59 5.61
CA SER A 104 9.74 11.33 5.16
C SER A 104 10.13 10.42 6.32
N LYS A 105 10.62 11.02 7.40
CA LYS A 105 11.04 10.25 8.58
C LYS A 105 9.87 9.44 9.11
N TYR A 106 8.72 10.09 9.26
CA TYR A 106 7.51 9.45 9.75
C TYR A 106 7.14 8.25 8.87
N LEU A 107 7.14 8.46 7.56
CA LEU A 107 6.75 7.41 6.63
C LEU A 107 7.80 6.30 6.55
N TYR A 108 9.06 6.65 6.78
CA TYR A 108 10.12 5.64 6.81
C TYR A 108 10.09 4.85 8.10
N SER A 109 9.48 5.41 9.13
CA SER A 109 9.25 4.68 10.37
C SER A 109 8.13 3.68 10.15
N LEU A 110 7.18 4.04 9.29
CA LEU A 110 6.09 3.16 8.93
C LEU A 110 6.56 2.09 7.96
N PHE A 111 7.17 2.51 6.87
CA PHE A 111 7.65 1.60 5.86
C PHE A 111 9.13 1.86 5.57
N PRO A 112 10.03 1.05 6.17
CA PRO A 112 11.48 1.24 6.06
C PRO A 112 12.02 1.01 4.65
N TYR A 113 11.22 0.32 3.84
CA TYR A 113 11.62 0.01 2.47
C TYR A 113 11.11 1.08 1.52
N GLY A 114 10.46 2.09 2.08
CA GLY A 114 9.84 3.12 1.27
C GLY A 114 8.34 3.14 1.44
N PRO A 115 7.78 4.25 1.94
CA PRO A 115 6.35 4.39 2.23
C PRO A 115 5.47 3.98 1.05
N ALA A 116 5.71 4.60 -0.09
CA ALA A 116 4.91 4.35 -1.28
C ALA A 116 5.00 2.89 -1.71
N LYS A 117 6.22 2.34 -1.69
CA LYS A 117 6.47 0.98 -2.19
C LYS A 117 5.66 -0.05 -1.41
N GLN A 118 5.76 -0.03 -0.09
CA GLN A 118 5.09 -1.02 0.74
C GLN A 118 3.58 -0.80 0.73
N ALA A 119 3.16 0.45 0.87
CA ALA A 119 1.73 0.77 0.94
C ALA A 119 1.02 0.40 -0.35
N CYS A 120 1.61 0.75 -1.49
CA CYS A 120 1.00 0.46 -2.78
C CYS A 120 0.95 -1.04 -2.99
N ARG A 121 1.94 -1.76 -2.46
CA ARG A 121 1.97 -3.21 -2.54
C ARG A 121 0.69 -3.80 -1.95
N PHE A 122 0.36 -3.37 -0.74
CA PHE A 122 -0.79 -3.92 -0.02
C PHE A 122 -2.10 -3.55 -0.72
N ALA A 123 -2.12 -2.40 -1.38
CA ALA A 123 -3.30 -1.96 -2.11
C ALA A 123 -3.32 -2.53 -3.53
N GLY A 124 -2.26 -3.23 -3.90
CA GLY A 124 -2.16 -3.83 -5.22
C GLY A 124 -1.89 -2.82 -6.31
N LEU A 125 -1.33 -1.69 -5.93
CA LEU A 125 -1.09 -0.61 -6.87
C LEU A 125 0.26 -0.78 -7.56
N PRO A 126 0.32 -0.51 -8.88
CA PRO A 126 1.57 -0.59 -9.63
C PRO A 126 2.64 0.32 -9.04
N LYS A 127 3.88 -0.17 -9.04
CA LYS A 127 5.02 0.54 -8.46
C LYS A 127 5.06 2.00 -8.89
N PRO A 128 4.85 2.92 -7.94
CA PRO A 128 4.86 4.36 -8.22
C PRO A 128 6.28 4.92 -8.25
N THR A 129 7.24 4.04 -8.54
CA THR A 129 8.62 4.44 -8.69
C THR A 129 8.91 4.76 -10.15
N GLY A 130 7.95 4.42 -11.00
CA GLY A 130 8.06 4.71 -12.41
C GLY A 130 6.70 4.85 -13.06
N CYS A 131 5.79 5.52 -12.36
CA CYS A 131 4.42 5.68 -12.84
C CYS A 131 4.28 6.99 -13.61
N VAL A 132 3.57 6.93 -14.72
CA VAL A 132 3.33 8.10 -15.54
C VAL A 132 2.15 7.84 -16.49
N MET A 21 3.64 -17.09 -14.22
CA MET A 21 4.64 -16.71 -13.18
C MET A 21 4.00 -15.88 -12.08
N ALA A 22 2.68 -15.76 -12.13
CA ALA A 22 1.95 -15.02 -11.11
C ALA A 22 1.45 -15.98 -10.04
N ASP A 23 1.70 -15.66 -8.78
CA ASP A 23 1.32 -16.54 -7.68
C ASP A 23 -0.06 -16.15 -7.16
N THR A 24 -0.55 -16.86 -6.15
CA THR A 24 -1.87 -16.61 -5.60
C THR A 24 -1.89 -16.79 -4.09
N ILE A 25 -2.34 -15.75 -3.40
CA ILE A 25 -2.45 -15.81 -1.95
C ILE A 25 -3.88 -16.16 -1.55
N GLU A 26 -4.02 -17.12 -0.63
CA GLU A 26 -5.32 -17.56 -0.16
C GLU A 26 -5.81 -16.66 0.97
N VAL A 27 -6.83 -15.87 0.69
CA VAL A 27 -7.38 -14.96 1.68
C VAL A 27 -8.88 -15.21 1.84
N ASP A 28 -9.26 -15.69 3.02
CA ASP A 28 -10.67 -15.95 3.37
C ASP A 28 -11.21 -17.15 2.59
N GLY A 29 -11.40 -16.96 1.30
CA GLY A 29 -11.85 -18.03 0.43
C GLY A 29 -11.56 -17.72 -1.02
N LYS A 30 -10.63 -16.79 -1.23
CA LYS A 30 -10.29 -16.35 -2.56
C LYS A 30 -8.79 -16.40 -2.77
N GLN A 31 -8.38 -16.86 -3.93
CA GLN A 31 -6.98 -16.83 -4.29
C GLN A 31 -6.70 -15.56 -5.05
N PHE A 32 -5.98 -14.64 -4.42
CA PHE A 32 -5.68 -13.36 -5.04
C PHE A 32 -4.37 -13.46 -5.79
N ALA A 33 -4.43 -13.26 -7.10
CA ALA A 33 -3.26 -13.32 -7.95
C ALA A 33 -2.32 -12.17 -7.65
N VAL A 34 -1.05 -12.50 -7.46
CA VAL A 34 -0.04 -11.50 -7.21
C VAL A 34 1.02 -11.51 -8.31
N ASP A 35 1.51 -10.34 -8.63
CA ASP A 35 2.53 -10.16 -9.65
C ASP A 35 3.83 -10.82 -9.22
N GLU A 36 4.72 -11.05 -10.19
CA GLU A 36 5.99 -11.70 -9.95
C GLU A 36 6.83 -10.97 -8.88
N GLU A 37 6.57 -9.68 -8.70
CA GLU A 37 7.31 -8.90 -7.72
C GLU A 37 6.53 -8.74 -6.40
N GLY A 38 5.43 -9.46 -6.28
CA GLY A 38 4.69 -9.47 -5.02
C GLY A 38 3.76 -8.28 -4.86
N TYR A 39 2.95 -8.00 -5.87
CA TYR A 39 1.96 -6.93 -5.80
C TYR A 39 0.63 -7.42 -6.36
N LEU A 40 -0.47 -7.01 -5.74
CA LEU A 40 -1.79 -7.47 -6.17
C LEU A 40 -2.08 -7.06 -7.61
N SER A 41 -2.18 -8.05 -8.48
CA SER A 41 -2.50 -7.80 -9.88
C SER A 41 -4.00 -7.93 -10.11
N ASN A 42 -4.67 -8.65 -9.22
CA ASN A 42 -6.11 -8.83 -9.31
C ASN A 42 -6.84 -7.62 -8.73
N LEU A 43 -7.00 -6.59 -9.54
CA LEU A 43 -7.70 -5.38 -9.12
C LEU A 43 -9.20 -5.57 -9.31
N ASN A 44 -9.80 -6.35 -8.43
CA ASN A 44 -11.23 -6.63 -8.51
C ASN A 44 -11.96 -5.97 -7.33
N ASP A 45 -11.59 -6.35 -6.12
CA ASP A 45 -12.26 -5.84 -4.92
C ASP A 45 -11.27 -5.47 -3.83
N TRP A 46 -10.37 -6.41 -3.52
CA TRP A 46 -9.40 -6.26 -2.44
C TRP A 46 -10.09 -6.29 -1.07
N VAL A 47 -9.71 -7.24 -0.25
CA VAL A 47 -10.22 -7.32 1.11
C VAL A 47 -9.10 -7.03 2.10
N PRO A 48 -9.42 -6.48 3.28
CA PRO A 48 -8.43 -6.10 4.29
C PRO A 48 -7.51 -7.27 4.67
N GLY A 49 -8.02 -8.49 4.59
CA GLY A 49 -7.22 -9.67 4.88
C GLY A 49 -6.01 -9.79 3.98
N VAL A 50 -6.11 -9.22 2.77
CA VAL A 50 -4.99 -9.22 1.84
C VAL A 50 -3.81 -8.43 2.41
N ALA A 51 -4.13 -7.32 3.06
CA ALA A 51 -3.12 -6.48 3.69
C ALA A 51 -2.47 -7.23 4.85
N ASP A 52 -3.31 -7.92 5.62
CA ASP A 52 -2.84 -8.71 6.77
C ASP A 52 -1.86 -9.78 6.33
N VAL A 53 -2.27 -10.62 5.39
CA VAL A 53 -1.43 -11.73 4.93
C VAL A 53 -0.19 -11.20 4.21
N MET A 54 -0.32 -10.05 3.56
CA MET A 54 0.80 -9.44 2.86
C MET A 54 1.85 -8.97 3.87
N ALA A 55 1.40 -8.21 4.87
CA ALA A 55 2.29 -7.70 5.91
C ALA A 55 2.98 -8.83 6.65
N LYS A 56 2.29 -9.96 6.78
CA LYS A 56 2.85 -11.15 7.40
C LYS A 56 4.07 -11.64 6.61
N GLN A 57 3.92 -11.69 5.29
CA GLN A 57 4.98 -12.20 4.41
C GLN A 57 6.17 -11.24 4.39
N ASP A 58 5.89 -9.94 4.41
CA ASP A 58 6.94 -8.92 4.39
C ASP A 58 7.53 -8.70 5.79
N ASN A 59 6.96 -9.38 6.78
CA ASN A 59 7.42 -9.30 8.16
C ASN A 59 7.30 -7.86 8.67
N LEU A 60 6.09 -7.33 8.59
CA LEU A 60 5.80 -5.96 9.02
C LEU A 60 4.46 -5.93 9.73
N GLU A 61 4.29 -5.00 10.66
CA GLU A 61 3.04 -4.84 11.36
C GLU A 61 2.22 -3.72 10.73
N LEU A 62 0.93 -3.71 11.01
CA LEU A 62 0.05 -2.65 10.52
C LEU A 62 -0.67 -1.99 11.68
N THR A 63 -0.26 -0.75 11.98
CA THR A 63 -0.88 0.01 13.05
C THR A 63 -2.06 0.82 12.52
N GLU A 64 -2.63 1.65 13.39
CA GLU A 64 -3.73 2.54 13.02
C GLU A 64 -3.29 3.42 11.85
N GLU A 65 -2.04 3.86 11.90
CA GLU A 65 -1.50 4.77 10.90
C GLU A 65 -1.20 4.03 9.60
N HIS A 66 -0.71 2.80 9.71
CA HIS A 66 -0.45 1.97 8.53
C HIS A 66 -1.74 1.74 7.75
N TRP A 67 -2.77 1.28 8.46
CA TRP A 67 -4.07 1.02 7.84
C TRP A 67 -4.66 2.27 7.21
N ASP A 68 -4.38 3.43 7.81
CA ASP A 68 -4.84 4.69 7.27
C ASP A 68 -4.21 4.95 5.91
N ILE A 69 -2.88 4.79 5.85
CA ILE A 69 -2.13 4.97 4.60
C ILE A 69 -2.60 3.98 3.54
N ILE A 70 -2.80 2.73 3.96
CA ILE A 70 -3.28 1.68 3.06
C ILE A 70 -4.58 2.08 2.38
N ASN A 71 -5.56 2.49 3.20
CA ASN A 71 -6.85 2.89 2.68
C ASN A 71 -6.73 4.18 1.87
N PHE A 72 -5.83 5.06 2.30
CA PHE A 72 -5.62 6.34 1.62
C PHE A 72 -5.12 6.12 0.20
N LEU A 73 -4.17 5.20 0.01
CA LEU A 73 -3.66 4.90 -1.31
C LEU A 73 -4.74 4.30 -2.20
N ARG A 74 -5.59 3.46 -1.61
CA ARG A 74 -6.72 2.92 -2.35
C ARG A 74 -7.64 4.05 -2.83
N GLU A 75 -7.97 4.95 -1.91
CA GLU A 75 -8.81 6.10 -2.24
C GLU A 75 -8.13 7.00 -3.26
N TYR A 76 -6.84 7.20 -3.09
CA TYR A 76 -6.06 8.05 -3.98
C TYR A 76 -6.11 7.51 -5.41
N TYR A 77 -5.93 6.21 -5.55
CA TYR A 77 -5.97 5.57 -6.86
C TYR A 77 -7.41 5.52 -7.39
N GLU A 78 -8.35 5.21 -6.52
CA GLU A 78 -9.75 5.08 -6.90
C GLU A 78 -10.34 6.44 -7.30
N GLU A 79 -9.79 7.50 -6.73
CA GLU A 79 -10.25 8.84 -7.01
C GLU A 79 -9.48 9.46 -8.19
N TYR A 80 -8.17 9.52 -8.07
CA TYR A 80 -7.34 10.26 -9.01
C TYR A 80 -6.77 9.36 -10.10
N GLN A 81 -6.92 8.05 -9.93
CA GLN A 81 -6.47 7.06 -10.92
C GLN A 81 -4.96 7.11 -11.14
N ILE A 82 -4.24 7.53 -10.12
CA ILE A 82 -2.79 7.65 -10.21
C ILE A 82 -2.11 7.07 -8.96
N ALA A 83 -0.97 6.43 -9.15
CA ALA A 83 -0.19 5.91 -8.04
C ALA A 83 0.91 6.90 -7.69
N PRO A 84 0.86 7.46 -6.47
CA PRO A 84 1.79 8.51 -6.05
C PRO A 84 3.14 7.96 -5.60
N ALA A 85 4.20 8.71 -5.89
CA ALA A 85 5.54 8.36 -5.44
C ALA A 85 5.71 8.70 -3.96
N VAL A 86 6.87 8.36 -3.41
CA VAL A 86 7.14 8.56 -1.98
C VAL A 86 6.91 10.00 -1.55
N ARG A 87 7.48 10.95 -2.29
CA ARG A 87 7.39 12.35 -1.93
C ARG A 87 5.99 12.89 -2.18
N VAL A 88 5.34 12.36 -3.21
CA VAL A 88 3.97 12.77 -3.54
C VAL A 88 3.01 12.29 -2.46
N LEU A 89 3.17 11.04 -2.05
CA LEU A 89 2.36 10.46 -0.99
C LEU A 89 2.56 11.24 0.31
N THR A 90 3.79 11.63 0.57
CA THR A 90 4.13 12.42 1.75
C THR A 90 3.23 13.63 1.91
N LYS A 91 3.09 14.41 0.85
CA LYS A 91 2.31 15.64 0.88
C LYS A 91 0.82 15.33 1.00
N ALA A 92 0.41 14.20 0.45
CA ALA A 92 -0.98 13.79 0.47
C ALA A 92 -1.38 13.31 1.87
N VAL A 93 -0.46 12.65 2.55
CA VAL A 93 -0.71 12.17 3.91
C VAL A 93 -0.92 13.34 4.86
N GLY A 94 -0.13 14.39 4.67
CA GLY A 94 -0.22 15.56 5.54
C GLY A 94 -1.62 16.14 5.64
N LYS A 95 -2.29 16.26 4.49
CA LYS A 95 -3.62 16.87 4.47
C LYS A 95 -4.68 15.86 4.92
N LYS A 96 -4.30 14.59 5.02
CA LYS A 96 -5.20 13.57 5.53
C LYS A 96 -5.35 13.72 7.04
N LEU A 97 -4.22 13.85 7.73
CA LEU A 97 -4.22 14.07 9.17
C LEU A 97 -4.75 15.47 9.49
N GLY A 98 -4.28 16.45 8.73
CA GLY A 98 -4.77 17.81 8.91
C GLY A 98 -3.72 18.72 9.51
N LYS A 99 -2.84 18.14 10.32
CA LYS A 99 -1.77 18.89 10.96
C LYS A 99 -0.43 18.47 10.39
N GLU A 100 0.65 18.91 11.03
CA GLU A 100 1.99 18.50 10.63
C GLU A 100 2.20 17.03 10.97
N LYS A 101 1.82 16.15 10.06
CA LYS A 101 1.96 14.73 10.26
C LYS A 101 2.13 14.03 8.92
N GLY A 102 3.37 13.93 8.47
CA GLY A 102 3.64 13.28 7.20
C GLY A 102 4.68 14.03 6.40
N ASN A 103 5.95 13.78 6.73
CA ASN A 103 7.04 14.44 6.03
C ASN A 103 8.27 13.54 5.97
N SER A 104 8.48 12.92 4.81
CA SER A 104 9.69 12.15 4.50
C SER A 104 9.97 11.05 5.54
N LYS A 105 10.70 11.40 6.59
CA LYS A 105 11.15 10.44 7.61
C LYS A 105 9.99 9.68 8.24
N TYR A 106 8.82 10.32 8.30
CA TYR A 106 7.64 9.69 8.88
C TYR A 106 7.29 8.41 8.14
N LEU A 107 7.34 8.45 6.82
CA LEU A 107 6.96 7.29 6.03
C LEU A 107 8.08 6.26 5.96
N TYR A 108 9.32 6.73 6.01
CA TYR A 108 10.47 5.84 6.05
C TYR A 108 10.55 5.09 7.37
N SER A 109 10.11 5.76 8.44
CA SER A 109 10.03 5.14 9.74
C SER A 109 8.85 4.17 9.80
N LEU A 110 7.75 4.55 9.16
CA LEU A 110 6.54 3.75 9.15
C LEU A 110 6.76 2.46 8.37
N PHE A 111 7.33 2.59 7.18
CA PHE A 111 7.61 1.43 6.33
C PHE A 111 9.11 1.29 6.10
N PRO A 112 9.77 0.40 6.87
CA PRO A 112 11.23 0.22 6.79
C PRO A 112 11.67 -0.42 5.48
N TYR A 113 10.72 -0.96 4.74
CA TYR A 113 11.03 -1.66 3.49
C TYR A 113 10.67 -0.79 2.30
N GLY A 114 10.35 0.47 2.55
CA GLY A 114 9.99 1.37 1.48
C GLY A 114 8.57 1.88 1.65
N PRO A 115 8.41 3.19 1.94
CA PRO A 115 7.11 3.82 2.20
C PRO A 115 6.04 3.45 1.18
N ALA A 116 6.23 3.90 -0.06
CA ALA A 116 5.23 3.70 -1.10
C ALA A 116 5.10 2.23 -1.49
N LYS A 117 6.23 1.54 -1.57
CA LYS A 117 6.24 0.16 -2.08
C LYS A 117 5.41 -0.76 -1.20
N GLN A 118 5.59 -0.65 0.10
CA GLN A 118 4.88 -1.52 1.04
C GLN A 118 3.44 -1.07 1.19
N ALA A 119 3.25 0.24 1.29
CA ALA A 119 1.91 0.80 1.47
C ALA A 119 1.00 0.43 0.31
N CYS A 120 1.49 0.58 -0.92
CA CYS A 120 0.69 0.26 -2.09
C CYS A 120 0.46 -1.24 -2.18
N ARG A 121 1.49 -2.01 -1.82
CA ARG A 121 1.40 -3.47 -1.83
C ARG A 121 0.25 -3.96 -0.96
N PHE A 122 0.12 -3.36 0.23
CA PHE A 122 -0.93 -3.75 1.15
C PHE A 122 -2.28 -3.23 0.67
N ALA A 123 -2.26 -2.10 -0.02
CA ALA A 123 -3.47 -1.48 -0.53
C ALA A 123 -4.00 -2.21 -1.77
N GLY A 124 -3.16 -3.04 -2.35
CA GLY A 124 -3.56 -3.81 -3.52
C GLY A 124 -3.07 -3.21 -4.81
N LEU A 125 -2.15 -2.26 -4.70
CA LEU A 125 -1.59 -1.60 -5.88
C LEU A 125 -0.30 -2.29 -6.31
N PRO A 126 0.03 -2.22 -7.61
CA PRO A 126 1.28 -2.78 -8.14
C PRO A 126 2.49 -1.93 -7.79
N LYS A 127 3.62 -2.20 -8.44
CA LYS A 127 4.84 -1.45 -8.20
C LYS A 127 4.81 -0.14 -8.98
N PRO A 128 4.75 1.00 -8.28
CA PRO A 128 4.68 2.32 -8.91
C PRO A 128 6.01 2.74 -9.51
N THR A 129 5.95 3.56 -10.54
CA THR A 129 7.14 4.05 -11.22
C THR A 129 6.79 5.29 -12.03
N GLY A 130 7.79 6.13 -12.28
CA GLY A 130 7.54 7.36 -13.02
C GLY A 130 8.77 7.81 -13.78
N CYS A 131 8.58 8.70 -14.73
CA CYS A 131 9.68 9.22 -15.52
C CYS A 131 9.87 10.71 -15.24
N VAL A 132 8.92 11.52 -15.68
CA VAL A 132 8.94 12.96 -15.42
C VAL A 132 7.54 13.44 -15.08
N MET A 21 0.35 -13.23 -12.26
CA MET A 21 1.55 -13.73 -12.96
C MET A 21 2.39 -14.60 -12.04
N ALA A 22 2.40 -14.25 -10.75
CA ALA A 22 3.12 -15.05 -9.76
C ALA A 22 2.15 -15.97 -9.03
N ASP A 23 2.43 -16.23 -7.77
CA ASP A 23 1.62 -17.14 -6.96
C ASP A 23 0.26 -16.49 -6.63
N THR A 24 -0.51 -17.17 -5.80
CA THR A 24 -1.83 -16.68 -5.40
C THR A 24 -1.99 -16.75 -3.89
N ILE A 25 -2.35 -15.63 -3.27
CA ILE A 25 -2.59 -15.59 -1.84
C ILE A 25 -4.05 -15.90 -1.55
N GLU A 26 -4.29 -16.58 -0.44
CA GLU A 26 -5.64 -16.96 -0.07
C GLU A 26 -6.06 -16.25 1.22
N VAL A 27 -7.09 -15.45 1.14
CA VAL A 27 -7.61 -14.76 2.30
C VAL A 27 -8.95 -15.36 2.69
N ASP A 28 -8.88 -16.45 3.46
CA ASP A 28 -10.08 -17.19 3.88
C ASP A 28 -10.90 -17.62 2.67
N GLY A 29 -10.38 -18.61 1.93
CA GLY A 29 -11.09 -19.15 0.80
C GLY A 29 -10.91 -18.33 -0.47
N LYS A 30 -10.85 -17.01 -0.34
CA LYS A 30 -10.80 -16.13 -1.50
C LYS A 30 -9.36 -15.88 -1.91
N GLN A 31 -9.03 -16.25 -3.14
CA GLN A 31 -7.65 -16.17 -3.61
C GLN A 31 -7.44 -14.98 -4.53
N PHE A 32 -6.27 -14.37 -4.43
CA PHE A 32 -5.90 -13.22 -5.24
C PHE A 32 -4.57 -13.44 -5.93
N ALA A 33 -4.47 -13.01 -7.18
CA ALA A 33 -3.26 -13.20 -7.97
C ALA A 33 -2.27 -12.07 -7.73
N VAL A 34 -1.03 -12.43 -7.41
CA VAL A 34 -0.02 -11.43 -7.10
C VAL A 34 1.04 -11.34 -8.20
N ASP A 35 1.86 -10.30 -8.11
CA ASP A 35 2.98 -10.10 -9.03
C ASP A 35 4.26 -10.60 -8.37
N GLU A 36 5.39 -10.52 -9.05
CA GLU A 36 6.61 -11.17 -8.60
C GLU A 36 7.27 -10.48 -7.42
N GLU A 37 6.93 -9.22 -7.18
CA GLU A 37 7.45 -8.52 -6.01
C GLU A 37 6.67 -8.92 -4.76
N GLY A 38 5.60 -9.70 -4.95
CA GLY A 38 4.79 -10.12 -3.83
C GLY A 38 3.74 -9.09 -3.47
N TYR A 39 3.06 -8.57 -4.47
CA TYR A 39 1.99 -7.61 -4.26
C TYR A 39 0.82 -7.93 -5.17
N LEU A 40 -0.36 -7.46 -4.81
CA LEU A 40 -1.57 -7.73 -5.59
C LEU A 40 -1.48 -7.02 -6.94
N SER A 41 -1.63 -7.79 -8.02
CA SER A 41 -1.48 -7.23 -9.36
C SER A 41 -2.84 -6.88 -9.96
N ASN A 42 -3.91 -7.40 -9.36
CA ASN A 42 -5.24 -7.21 -9.88
C ASN A 42 -6.17 -6.64 -8.84
N LEU A 43 -6.57 -5.39 -9.02
CA LEU A 43 -7.55 -4.77 -8.13
C LEU A 43 -8.95 -5.12 -8.58
N ASN A 44 -9.36 -6.34 -8.28
CA ASN A 44 -10.67 -6.84 -8.66
C ASN A 44 -11.55 -6.98 -7.42
N ASP A 45 -11.03 -6.47 -6.29
CA ASP A 45 -11.71 -6.59 -5.01
C ASP A 45 -10.88 -5.93 -3.91
N TRP A 46 -9.88 -6.66 -3.44
CA TRP A 46 -8.99 -6.22 -2.35
C TRP A 46 -9.76 -5.97 -1.06
N VAL A 47 -9.63 -6.88 -0.12
CA VAL A 47 -10.19 -6.70 1.21
C VAL A 47 -9.07 -6.47 2.21
N PRO A 48 -9.39 -5.94 3.41
CA PRO A 48 -8.40 -5.68 4.46
C PRO A 48 -7.50 -6.88 4.72
N GLY A 49 -8.09 -8.08 4.70
CA GLY A 49 -7.33 -9.30 4.93
C GLY A 49 -6.18 -9.48 3.95
N VAL A 50 -6.36 -9.00 2.73
CA VAL A 50 -5.33 -9.12 1.70
C VAL A 50 -4.06 -8.40 2.14
N ALA A 51 -4.23 -7.18 2.63
CA ALA A 51 -3.11 -6.36 3.08
C ALA A 51 -2.43 -7.00 4.29
N ASP A 52 -3.25 -7.55 5.19
CA ASP A 52 -2.72 -8.15 6.41
C ASP A 52 -1.90 -9.39 6.10
N VAL A 53 -2.47 -10.30 5.31
CA VAL A 53 -1.78 -11.52 4.94
C VAL A 53 -0.45 -11.20 4.26
N MET A 54 -0.51 -10.29 3.29
CA MET A 54 0.68 -9.91 2.52
C MET A 54 1.76 -9.33 3.45
N ALA A 55 1.36 -8.37 4.28
CA ALA A 55 2.29 -7.72 5.20
C ALA A 55 2.80 -8.70 6.25
N LYS A 56 1.98 -9.70 6.56
CA LYS A 56 2.33 -10.70 7.55
C LYS A 56 3.39 -11.66 7.01
N GLN A 57 3.41 -11.81 5.69
CA GLN A 57 4.44 -12.63 5.04
C GLN A 57 5.82 -12.01 5.25
N ASP A 58 5.88 -10.69 5.14
CA ASP A 58 7.10 -9.94 5.43
C ASP A 58 7.23 -9.72 6.92
N ASN A 59 6.16 -10.07 7.64
CA ASN A 59 6.05 -9.87 9.08
C ASN A 59 6.21 -8.41 9.45
N LEU A 60 5.31 -7.59 8.93
CA LEU A 60 5.24 -6.18 9.27
C LEU A 60 3.91 -5.90 9.95
N GLU A 61 3.94 -5.25 11.10
CA GLU A 61 2.71 -4.97 11.83
C GLU A 61 1.95 -3.85 11.16
N LEU A 62 0.68 -4.07 10.93
CA LEU A 62 -0.17 -3.03 10.40
C LEU A 62 -0.98 -2.41 11.53
N THR A 63 -0.54 -1.26 11.99
CA THR A 63 -1.27 -0.53 13.01
C THR A 63 -2.28 0.39 12.32
N GLU A 64 -3.09 1.11 13.09
CA GLU A 64 -4.19 1.89 12.51
C GLU A 64 -3.73 2.91 11.47
N GLU A 65 -2.54 3.48 11.68
CA GLU A 65 -2.01 4.45 10.74
C GLU A 65 -1.46 3.77 9.48
N HIS A 66 -0.96 2.55 9.64
CA HIS A 66 -0.52 1.75 8.49
C HIS A 66 -1.72 1.46 7.59
N TRP A 67 -2.79 0.97 8.21
CA TRP A 67 -4.02 0.67 7.48
C TRP A 67 -4.54 1.89 6.75
N ASP A 68 -4.46 3.04 7.41
CA ASP A 68 -5.00 4.28 6.85
C ASP A 68 -4.22 4.70 5.60
N ILE A 69 -2.90 4.57 5.65
CA ILE A 69 -2.06 4.90 4.51
C ILE A 69 -2.39 3.99 3.32
N ILE A 70 -2.43 2.69 3.58
CA ILE A 70 -2.77 1.71 2.57
C ILE A 70 -4.16 1.97 2.01
N ASN A 71 -5.10 2.23 2.91
CA ASN A 71 -6.47 2.53 2.54
C ASN A 71 -6.54 3.79 1.67
N PHE A 72 -5.87 4.85 2.11
CA PHE A 72 -5.88 6.12 1.41
C PHE A 72 -5.33 5.95 -0.01
N LEU A 73 -4.32 5.11 -0.16
CA LEU A 73 -3.73 4.87 -1.47
C LEU A 73 -4.74 4.25 -2.43
N ARG A 74 -5.49 3.26 -1.98
CA ARG A 74 -6.48 2.64 -2.85
C ARG A 74 -7.66 3.58 -3.08
N GLU A 75 -7.86 4.54 -2.19
CA GLU A 75 -8.91 5.54 -2.36
C GLU A 75 -8.49 6.60 -3.38
N TYR A 76 -7.21 6.97 -3.33
CA TYR A 76 -6.66 7.92 -4.27
C TYR A 76 -6.67 7.31 -5.67
N TYR A 77 -6.33 6.03 -5.75
CA TYR A 77 -6.40 5.30 -7.01
C TYR A 77 -7.85 5.08 -7.42
N GLU A 78 -8.72 4.85 -6.43
CA GLU A 78 -10.14 4.63 -6.69
C GLU A 78 -10.73 5.86 -7.38
N GLU A 79 -10.25 7.03 -6.99
CA GLU A 79 -10.78 8.29 -7.48
C GLU A 79 -10.06 8.74 -8.76
N TYR A 80 -8.74 8.86 -8.69
CA TYR A 80 -7.97 9.44 -9.78
C TYR A 80 -7.33 8.40 -10.67
N GLN A 81 -7.32 7.14 -10.22
CA GLN A 81 -6.58 6.07 -10.90
C GLN A 81 -5.09 6.38 -10.89
N ILE A 82 -4.66 7.21 -9.94
CA ILE A 82 -3.28 7.61 -9.82
C ILE A 82 -2.67 7.08 -8.54
N ALA A 83 -1.47 6.54 -8.64
CA ALA A 83 -0.74 6.08 -7.47
C ALA A 83 0.35 7.08 -7.12
N PRO A 84 0.17 7.81 -6.01
CA PRO A 84 1.13 8.83 -5.59
C PRO A 84 2.45 8.21 -5.13
N ALA A 85 3.55 8.71 -5.70
CA ALA A 85 4.88 8.22 -5.36
C ALA A 85 5.27 8.64 -3.95
N VAL A 86 6.46 8.22 -3.52
CA VAL A 86 6.90 8.43 -2.14
C VAL A 86 6.84 9.90 -1.75
N ARG A 87 7.46 10.75 -2.56
CA ARG A 87 7.54 12.17 -2.24
C ARG A 87 6.19 12.85 -2.43
N VAL A 88 5.36 12.29 -3.31
CA VAL A 88 4.04 12.83 -3.56
C VAL A 88 3.11 12.48 -2.40
N LEU A 89 3.27 11.28 -1.88
CA LEU A 89 2.44 10.80 -0.78
C LEU A 89 2.65 11.64 0.47
N THR A 90 3.86 12.16 0.64
CA THR A 90 4.19 13.00 1.79
C THR A 90 3.23 14.19 1.87
N LYS A 91 2.90 14.75 0.72
CA LYS A 91 1.95 15.86 0.65
C LYS A 91 0.56 15.39 1.03
N ALA A 92 0.15 14.27 0.48
CA ALA A 92 -1.18 13.72 0.72
C ALA A 92 -1.37 13.37 2.19
N VAL A 93 -0.38 12.74 2.78
CA VAL A 93 -0.43 12.36 4.18
C VAL A 93 -0.43 13.60 5.08
N GLY A 94 0.40 14.57 4.73
CA GLY A 94 0.46 15.80 5.50
C GLY A 94 -0.87 16.52 5.55
N LYS A 95 -1.61 16.48 4.45
CA LYS A 95 -2.92 17.10 4.38
C LYS A 95 -3.97 16.26 5.11
N LYS A 96 -3.88 14.94 4.94
CA LYS A 96 -4.86 14.02 5.48
C LYS A 96 -4.75 13.93 7.00
N LEU A 97 -3.53 13.93 7.51
CA LEU A 97 -3.30 13.81 8.95
C LEU A 97 -3.34 15.19 9.63
N GLY A 98 -2.65 16.15 9.05
CA GLY A 98 -2.64 17.50 9.61
C GLY A 98 -1.36 17.81 10.35
N LYS A 99 -0.94 19.08 10.30
CA LYS A 99 0.30 19.54 10.94
C LYS A 99 1.49 18.69 10.48
N GLU A 100 1.51 18.37 9.19
CA GLU A 100 2.51 17.47 8.62
C GLU A 100 2.26 16.04 9.12
N LYS A 101 2.82 15.73 10.30
CA LYS A 101 2.67 14.42 10.94
C LYS A 101 3.36 13.33 10.13
N GLY A 102 2.89 13.11 8.90
CA GLY A 102 3.48 12.11 8.04
C GLY A 102 4.77 12.57 7.41
N ASN A 103 5.76 12.81 8.27
CA ASN A 103 7.08 13.25 7.84
C ASN A 103 7.77 12.15 7.03
N SER A 104 8.82 12.52 6.29
CA SER A 104 9.60 11.58 5.52
C SER A 104 10.10 10.43 6.41
N LYS A 105 10.54 10.77 7.61
CA LYS A 105 11.01 9.77 8.57
C LYS A 105 9.85 8.99 9.16
N TYR A 106 8.72 9.67 9.34
CA TYR A 106 7.53 9.07 9.93
C TYR A 106 6.97 8.00 8.98
N LEU A 107 6.93 8.32 7.70
CA LEU A 107 6.44 7.38 6.70
C LEU A 107 7.47 6.30 6.43
N TYR A 108 8.75 6.61 6.65
CA TYR A 108 9.81 5.66 6.39
C TYR A 108 9.92 4.65 7.53
N SER A 109 9.45 5.04 8.71
CA SER A 109 9.37 4.11 9.82
C SER A 109 8.11 3.28 9.73
N LEU A 110 7.10 3.82 9.06
CA LEU A 110 5.91 3.06 8.70
C LEU A 110 6.29 1.96 7.70
N PHE A 111 6.90 2.38 6.59
CA PHE A 111 7.35 1.44 5.57
C PHE A 111 8.80 1.76 5.18
N PRO A 112 9.76 0.98 5.71
CA PRO A 112 11.20 1.27 5.55
C PRO A 112 11.76 0.90 4.18
N TYR A 113 10.89 0.50 3.27
CA TYR A 113 11.34 0.10 1.93
C TYR A 113 10.76 1.02 0.88
N GLY A 114 10.28 2.18 1.33
CA GLY A 114 9.66 3.13 0.43
C GLY A 114 8.19 3.31 0.77
N PRO A 115 7.86 4.35 1.58
CA PRO A 115 6.52 4.59 2.11
C PRO A 115 5.38 4.24 1.15
N ALA A 116 5.33 4.93 0.03
CA ALA A 116 4.25 4.76 -0.92
C ALA A 116 4.34 3.42 -1.65
N LYS A 117 5.55 3.03 -2.03
CA LYS A 117 5.75 1.84 -2.85
C LYS A 117 5.50 0.57 -2.04
N GLN A 118 5.77 0.64 -0.75
CA GLN A 118 5.56 -0.49 0.14
C GLN A 118 4.07 -0.60 0.49
N ALA A 119 3.45 0.56 0.69
CA ALA A 119 2.04 0.62 1.03
C ALA A 119 1.18 0.25 -0.19
N CYS A 120 1.58 0.71 -1.37
CA CYS A 120 0.83 0.39 -2.59
C CYS A 120 0.99 -1.09 -2.90
N ARG A 121 2.14 -1.64 -2.52
CA ARG A 121 2.37 -3.09 -2.56
C ARG A 121 1.26 -3.83 -1.82
N PHE A 122 1.01 -3.42 -0.58
CA PHE A 122 -0.03 -4.07 0.23
C PHE A 122 -1.43 -3.69 -0.27
N ALA A 123 -1.55 -2.49 -0.85
CA ALA A 123 -2.82 -2.00 -1.35
C ALA A 123 -3.19 -2.63 -2.69
N GLY A 124 -2.22 -3.28 -3.31
CA GLY A 124 -2.48 -3.94 -4.58
C GLY A 124 -2.46 -2.98 -5.75
N LEU A 125 -1.76 -1.87 -5.58
CA LEU A 125 -1.68 -0.87 -6.63
C LEU A 125 -0.62 -1.27 -7.65
N PRO A 126 -0.90 -1.03 -8.94
CA PRO A 126 0.07 -1.28 -10.02
C PRO A 126 1.41 -0.60 -9.74
N LYS A 127 2.49 -1.34 -9.94
CA LYS A 127 3.85 -0.87 -9.66
C LYS A 127 4.11 0.49 -10.30
N PRO A 128 4.18 1.55 -9.47
CA PRO A 128 4.38 2.92 -9.94
C PRO A 128 5.87 3.25 -10.10
N THR A 129 6.43 2.87 -11.24
CA THR A 129 7.83 3.11 -11.55
C THR A 129 8.75 2.18 -10.73
N GLY A 130 8.60 2.21 -9.41
CA GLY A 130 9.39 1.33 -8.55
C GLY A 130 10.69 1.97 -8.12
N CYS A 131 11.54 2.27 -9.09
CA CYS A 131 12.82 2.90 -8.81
C CYS A 131 12.63 4.37 -8.45
N VAL A 132 13.05 4.74 -7.25
CA VAL A 132 12.92 6.10 -6.77
C VAL A 132 14.15 6.93 -7.14
N MET A 21 1.86 -20.08 -12.73
CA MET A 21 3.32 -19.90 -12.51
C MET A 21 3.56 -19.02 -11.30
N ALA A 22 3.00 -17.81 -11.34
CA ALA A 22 3.09 -16.91 -10.21
C ALA A 22 2.30 -17.48 -9.04
N ASP A 23 2.77 -17.26 -7.84
CA ASP A 23 2.14 -17.80 -6.67
C ASP A 23 0.85 -17.07 -6.35
N THR A 24 -0.01 -17.72 -5.58
CA THR A 24 -1.29 -17.16 -5.22
C THR A 24 -1.44 -17.10 -3.70
N ILE A 25 -2.23 -16.15 -3.23
CA ILE A 25 -2.58 -16.09 -1.82
C ILE A 25 -4.06 -16.40 -1.66
N GLU A 26 -4.38 -17.26 -0.70
CA GLU A 26 -5.76 -17.66 -0.48
C GLU A 26 -6.40 -16.81 0.60
N VAL A 27 -7.35 -15.98 0.20
CA VAL A 27 -8.07 -15.12 1.13
C VAL A 27 -9.57 -15.28 0.93
N ASP A 28 -10.27 -15.66 2.00
CA ASP A 28 -11.73 -15.84 1.97
C ASP A 28 -12.13 -17.07 1.14
N GLY A 29 -11.15 -17.87 0.74
CA GLY A 29 -11.43 -18.98 -0.14
C GLY A 29 -11.21 -18.60 -1.60
N LYS A 30 -10.64 -17.42 -1.80
CA LYS A 30 -10.33 -16.92 -3.13
C LYS A 30 -8.84 -17.05 -3.41
N GLN A 31 -8.47 -17.19 -4.67
CA GLN A 31 -7.07 -17.25 -5.03
C GLN A 31 -6.63 -15.95 -5.68
N PHE A 32 -5.84 -15.17 -4.95
CA PHE A 32 -5.35 -13.91 -5.47
C PHE A 32 -3.96 -14.09 -6.06
N ALA A 33 -3.89 -14.04 -7.38
CA ALA A 33 -2.64 -14.16 -8.08
C ALA A 33 -1.82 -12.89 -7.92
N VAL A 34 -0.58 -13.05 -7.50
CA VAL A 34 0.28 -11.92 -7.26
C VAL A 34 1.51 -11.96 -8.16
N ASP A 35 2.08 -10.81 -8.42
CA ASP A 35 3.30 -10.70 -9.20
C ASP A 35 4.47 -11.28 -8.40
N GLU A 36 5.55 -11.64 -9.09
CA GLU A 36 6.70 -12.28 -8.45
C GLU A 36 7.36 -11.35 -7.41
N GLU A 37 7.13 -10.04 -7.54
CA GLU A 37 7.63 -9.09 -6.56
C GLU A 37 6.64 -8.92 -5.40
N GLY A 38 5.56 -9.67 -5.43
CA GLY A 38 4.60 -9.65 -4.36
C GLY A 38 3.61 -8.51 -4.46
N TYR A 39 3.16 -8.21 -5.68
CA TYR A 39 2.15 -7.19 -5.90
C TYR A 39 0.86 -7.83 -6.38
N LEU A 40 -0.26 -7.38 -5.83
CA LEU A 40 -1.57 -7.93 -6.18
C LEU A 40 -1.87 -7.68 -7.66
N SER A 41 -2.08 -8.76 -8.40
CA SER A 41 -2.38 -8.67 -9.83
C SER A 41 -3.89 -8.79 -10.04
N ASN A 42 -4.65 -8.78 -8.96
CA ASN A 42 -6.09 -8.91 -9.03
C ASN A 42 -6.75 -7.67 -8.45
N LEU A 43 -7.05 -6.71 -9.32
CA LEU A 43 -7.64 -5.45 -8.90
C LEU A 43 -9.15 -5.47 -9.06
N ASN A 44 -9.72 -6.67 -9.14
CA ASN A 44 -11.15 -6.83 -9.35
C ASN A 44 -11.94 -6.46 -8.11
N ASP A 45 -11.31 -6.57 -6.95
CA ASP A 45 -11.98 -6.22 -5.70
C ASP A 45 -10.98 -5.78 -4.64
N TRP A 46 -10.15 -6.72 -4.18
CA TRP A 46 -9.22 -6.48 -3.06
C TRP A 46 -9.97 -6.34 -1.74
N VAL A 47 -9.62 -7.17 -0.79
CA VAL A 47 -10.17 -7.08 0.55
C VAL A 47 -9.05 -6.79 1.55
N PRO A 48 -9.39 -6.22 2.73
CA PRO A 48 -8.40 -5.93 3.77
C PRO A 48 -7.58 -7.16 4.15
N GLY A 49 -8.20 -8.34 4.01
CA GLY A 49 -7.52 -9.59 4.27
C GLY A 49 -6.28 -9.78 3.41
N VAL A 50 -6.31 -9.21 2.21
CA VAL A 50 -5.18 -9.30 1.29
C VAL A 50 -3.97 -8.59 1.90
N ALA A 51 -4.22 -7.43 2.49
CA ALA A 51 -3.16 -6.66 3.13
C ALA A 51 -2.64 -7.40 4.36
N ASP A 52 -3.57 -8.01 5.10
CA ASP A 52 -3.21 -8.78 6.30
C ASP A 52 -2.30 -9.94 5.93
N VAL A 53 -2.72 -10.73 4.95
CA VAL A 53 -1.94 -11.89 4.51
C VAL A 53 -0.63 -11.45 3.89
N MET A 54 -0.65 -10.32 3.20
CA MET A 54 0.56 -9.77 2.58
C MET A 54 1.56 -9.37 3.67
N ALA A 55 1.05 -8.68 4.69
CA ALA A 55 1.88 -8.20 5.79
C ALA A 55 2.58 -9.34 6.52
N LYS A 56 1.91 -10.47 6.60
CA LYS A 56 2.47 -11.66 7.25
C LYS A 56 3.73 -12.13 6.53
N GLN A 57 3.79 -11.88 5.23
CA GLN A 57 4.93 -12.28 4.42
C GLN A 57 6.14 -11.42 4.74
N ASP A 58 5.88 -10.14 5.03
CA ASP A 58 6.93 -9.19 5.31
C ASP A 58 7.28 -9.16 6.79
N ASN A 59 6.43 -9.80 7.59
CA ASN A 59 6.59 -9.80 9.05
C ASN A 59 6.46 -8.39 9.61
N LEU A 60 5.73 -7.56 8.87
CA LEU A 60 5.51 -6.18 9.26
C LEU A 60 4.06 -6.03 9.70
N GLU A 61 3.85 -5.86 11.00
CA GLU A 61 2.51 -5.74 11.54
C GLU A 61 1.90 -4.40 11.15
N LEU A 62 0.65 -4.44 10.70
CA LEU A 62 -0.04 -3.24 10.28
C LEU A 62 -0.81 -2.62 11.44
N THR A 63 -0.32 -1.49 11.91
CA THR A 63 -0.98 -0.77 12.99
C THR A 63 -2.15 0.04 12.46
N GLU A 64 -2.88 0.68 13.36
CA GLU A 64 -3.97 1.57 12.97
C GLU A 64 -3.45 2.68 12.05
N GLU A 65 -2.22 3.12 12.31
CA GLU A 65 -1.59 4.16 11.52
C GLU A 65 -1.15 3.63 10.17
N HIS A 66 -0.70 2.36 10.14
CA HIS A 66 -0.33 1.72 8.89
C HIS A 66 -1.55 1.54 8.00
N TRP A 67 -2.63 1.02 8.58
CA TRP A 67 -3.89 0.85 7.87
C TRP A 67 -4.43 2.19 7.39
N ASP A 68 -4.15 3.24 8.14
CA ASP A 68 -4.57 4.59 7.78
C ASP A 68 -3.90 5.03 6.48
N ILE A 69 -2.61 4.74 6.35
CA ILE A 69 -1.86 5.08 5.14
C ILE A 69 -2.34 4.24 3.97
N ILE A 70 -2.57 2.95 4.23
CA ILE A 70 -3.12 2.05 3.22
C ILE A 70 -4.48 2.58 2.76
N ASN A 71 -5.29 3.00 3.74
CA ASN A 71 -6.59 3.60 3.48
C ASN A 71 -6.45 4.85 2.62
N PHE A 72 -5.49 5.70 2.96
CA PHE A 72 -5.25 6.93 2.23
C PHE A 72 -4.97 6.66 0.75
N LEU A 73 -4.11 5.67 0.49
CA LEU A 73 -3.79 5.29 -0.88
C LEU A 73 -5.01 4.74 -1.59
N ARG A 74 -5.85 4.01 -0.85
CA ARG A 74 -7.06 3.47 -1.42
C ARG A 74 -8.04 4.58 -1.77
N GLU A 75 -8.18 5.55 -0.88
CA GLU A 75 -9.05 6.70 -1.16
C GLU A 75 -8.56 7.42 -2.41
N TYR A 76 -7.26 7.60 -2.50
CA TYR A 76 -6.65 8.30 -3.62
C TYR A 76 -6.84 7.53 -4.92
N TYR A 77 -6.59 6.22 -4.87
CA TYR A 77 -6.72 5.39 -6.07
C TYR A 77 -8.18 5.20 -6.45
N GLU A 78 -9.04 5.04 -5.45
CA GLU A 78 -10.47 4.85 -5.68
C GLU A 78 -11.07 6.12 -6.27
N GLU A 79 -10.43 7.25 -6.01
CA GLU A 79 -10.91 8.54 -6.48
C GLU A 79 -10.27 8.92 -7.82
N TYR A 80 -8.95 9.03 -7.83
CA TYR A 80 -8.23 9.54 -9.00
C TYR A 80 -7.82 8.41 -9.95
N GLN A 81 -7.78 7.18 -9.44
CA GLN A 81 -7.29 6.03 -10.20
C GLN A 81 -5.81 6.21 -10.54
N ILE A 82 -5.12 7.03 -9.77
CA ILE A 82 -3.72 7.31 -10.01
C ILE A 82 -2.90 6.93 -8.78
N ALA A 83 -1.77 6.27 -9.01
CA ALA A 83 -0.88 5.87 -7.93
C ALA A 83 0.16 6.96 -7.68
N PRO A 84 0.13 7.58 -6.50
CA PRO A 84 1.06 8.65 -6.14
C PRO A 84 2.49 8.16 -5.95
N ALA A 85 3.45 8.92 -6.48
CA ALA A 85 4.86 8.61 -6.28
C ALA A 85 5.27 8.99 -4.85
N VAL A 86 6.48 8.60 -4.47
CA VAL A 86 6.97 8.87 -3.11
C VAL A 86 6.98 10.38 -2.81
N ARG A 87 7.25 11.18 -3.84
CA ARG A 87 7.29 12.64 -3.67
C ARG A 87 5.89 13.22 -3.50
N VAL A 88 4.90 12.47 -3.97
CA VAL A 88 3.52 12.94 -3.97
C VAL A 88 2.78 12.45 -2.73
N LEU A 89 2.93 11.16 -2.43
CA LEU A 89 2.27 10.55 -1.28
C LEU A 89 2.63 11.28 0.01
N THR A 90 3.92 11.36 0.29
CA THR A 90 4.42 11.99 1.50
C THR A 90 3.87 13.41 1.69
N LYS A 91 3.85 14.17 0.60
CA LYS A 91 3.42 15.55 0.64
C LYS A 91 1.90 15.66 0.76
N ALA A 92 1.20 14.67 0.20
CA ALA A 92 -0.26 14.65 0.24
C ALA A 92 -0.76 14.29 1.64
N VAL A 93 -0.01 13.46 2.35
CA VAL A 93 -0.35 13.09 3.72
C VAL A 93 -0.45 14.32 4.61
N GLY A 94 0.34 15.34 4.27
CA GLY A 94 0.33 16.58 5.03
C GLY A 94 -0.99 17.32 4.97
N LYS A 95 -1.86 16.94 4.04
CA LYS A 95 -3.14 17.62 3.90
C LYS A 95 -4.28 16.82 4.52
N LYS A 96 -4.03 15.56 4.82
CA LYS A 96 -5.10 14.67 5.26
C LYS A 96 -4.85 14.15 6.67
N LEU A 97 -3.60 13.99 7.05
CA LEU A 97 -3.27 13.37 8.32
C LEU A 97 -2.50 14.31 9.26
N GLY A 98 -1.77 15.25 8.69
CA GLY A 98 -1.02 16.19 9.52
C GLY A 98 -0.05 17.03 8.71
N LYS A 99 -0.18 18.34 8.83
CA LYS A 99 0.60 19.29 8.03
C LYS A 99 2.09 19.20 8.36
N GLU A 100 2.40 18.99 9.63
CA GLU A 100 3.78 18.88 10.08
C GLU A 100 4.11 17.43 10.43
N LYS A 101 3.17 16.53 10.17
CA LYS A 101 3.29 15.16 10.62
C LYS A 101 4.01 14.30 9.59
N GLY A 102 3.33 13.99 8.49
CA GLY A 102 3.86 13.04 7.52
C GLY A 102 4.77 13.69 6.51
N ASN A 103 5.70 14.51 6.97
CA ASN A 103 6.59 15.22 6.08
C ASN A 103 7.86 14.43 5.80
N SER A 104 8.21 13.52 6.71
CA SER A 104 9.40 12.70 6.52
C SER A 104 9.44 11.51 7.47
N LYS A 105 9.95 11.73 8.68
CA LYS A 105 10.25 10.67 9.63
C LYS A 105 9.05 9.77 9.89
N TYR A 106 7.86 10.36 9.94
CA TYR A 106 6.63 9.64 10.20
C TYR A 106 6.47 8.45 9.25
N LEU A 107 6.51 8.72 7.96
CA LEU A 107 6.26 7.68 6.96
C LEU A 107 7.47 6.77 6.79
N TYR A 108 8.66 7.30 6.99
CA TYR A 108 9.88 6.52 6.83
C TYR A 108 10.04 5.54 8.00
N SER A 109 9.42 5.85 9.12
CA SER A 109 9.42 4.95 10.27
C SER A 109 8.31 3.93 10.11
N LEU A 110 7.24 4.32 9.42
CA LEU A 110 6.13 3.40 9.15
C LEU A 110 6.54 2.34 8.15
N PHE A 111 7.17 2.77 7.06
CA PHE A 111 7.62 1.85 6.02
C PHE A 111 9.09 2.10 5.72
N PRO A 112 9.98 1.31 6.34
CA PRO A 112 11.44 1.46 6.20
C PRO A 112 11.96 1.11 4.81
N TYR A 113 11.10 0.51 3.99
CA TYR A 113 11.48 0.14 2.63
C TYR A 113 10.91 1.16 1.64
N GLY A 114 10.33 2.22 2.17
CA GLY A 114 9.70 3.22 1.33
C GLY A 114 8.20 3.22 1.52
N PRO A 115 7.63 4.34 2.00
CA PRO A 115 6.19 4.45 2.26
C PRO A 115 5.33 4.02 1.08
N ALA A 116 5.55 4.65 -0.07
CA ALA A 116 4.74 4.38 -1.26
C ALA A 116 4.89 2.92 -1.70
N LYS A 117 6.07 2.36 -1.51
CA LYS A 117 6.36 1.01 -1.97
C LYS A 117 5.58 -0.04 -1.18
N GLN A 118 5.78 -0.04 0.13
CA GLN A 118 5.14 -1.04 0.99
C GLN A 118 3.64 -0.82 1.09
N ALA A 119 3.22 0.45 1.12
CA ALA A 119 1.81 0.77 1.29
C ALA A 119 0.99 0.26 0.10
N CYS A 120 1.46 0.50 -1.12
CA CYS A 120 0.73 0.06 -2.31
C CYS A 120 0.75 -1.46 -2.40
N ARG A 121 1.84 -2.06 -1.93
CA ARG A 121 1.95 -3.52 -1.86
C ARG A 121 0.79 -4.12 -1.05
N PHE A 122 0.45 -3.47 0.06
CA PHE A 122 -0.63 -3.96 0.91
C PHE A 122 -1.99 -3.48 0.40
N ALA A 123 -2.02 -2.26 -0.12
CA ALA A 123 -3.27 -1.66 -0.60
C ALA A 123 -3.72 -2.26 -1.92
N GLY A 124 -2.91 -3.15 -2.47
CA GLY A 124 -3.24 -3.80 -3.73
C GLY A 124 -3.19 -2.83 -4.89
N LEU A 125 -2.03 -2.23 -5.10
CA LEU A 125 -1.84 -1.29 -6.20
C LEU A 125 -0.66 -1.74 -7.06
N PRO A 126 -0.66 -1.33 -8.34
CA PRO A 126 0.47 -1.59 -9.23
C PRO A 126 1.73 -0.87 -8.76
N LYS A 127 2.89 -1.47 -9.04
CA LYS A 127 4.18 -0.96 -8.56
C LYS A 127 4.46 0.45 -9.11
N PRO A 128 4.38 1.48 -8.24
CA PRO A 128 4.60 2.86 -8.62
C PRO A 128 6.06 3.28 -8.46
N THR A 129 6.53 3.22 -7.22
CA THR A 129 7.88 3.61 -6.86
C THR A 129 8.08 5.13 -6.97
N GLY A 130 8.10 5.63 -8.21
CA GLY A 130 8.26 7.06 -8.44
C GLY A 130 9.61 7.58 -8.03
N CYS A 131 10.60 6.70 -8.00
CA CYS A 131 11.94 7.08 -7.61
C CYS A 131 12.84 7.15 -8.85
N VAL A 132 12.79 8.28 -9.52
CA VAL A 132 13.59 8.51 -10.72
C VAL A 132 14.21 9.91 -10.70
N MET A 21 6.65 -16.77 -13.30
CA MET A 21 5.53 -17.73 -13.15
C MET A 21 4.27 -17.01 -12.68
N ALA A 22 4.39 -16.29 -11.55
CA ALA A 22 3.26 -15.62 -10.89
C ALA A 22 2.36 -16.65 -10.19
N ASP A 23 1.80 -16.26 -9.05
CA ASP A 23 1.02 -17.18 -8.23
C ASP A 23 -0.19 -16.46 -7.62
N THR A 24 -0.79 -17.05 -6.61
CA THR A 24 -1.98 -16.48 -5.98
C THR A 24 -1.84 -16.51 -4.46
N ILE A 25 -2.30 -15.46 -3.79
CA ILE A 25 -2.33 -15.44 -2.33
C ILE A 25 -3.69 -15.94 -1.87
N GLU A 26 -3.68 -16.94 -1.00
CA GLU A 26 -4.92 -17.55 -0.54
C GLU A 26 -5.32 -16.98 0.82
N VAL A 27 -6.29 -16.08 0.80
CA VAL A 27 -6.83 -15.52 2.03
C VAL A 27 -8.01 -16.35 2.51
N ASP A 28 -7.70 -17.39 3.28
CA ASP A 28 -8.70 -18.34 3.81
C ASP A 28 -9.29 -19.19 2.69
N GLY A 29 -10.08 -18.58 1.82
CA GLY A 29 -10.66 -19.29 0.71
C GLY A 29 -10.74 -18.43 -0.54
N LYS A 30 -9.98 -17.35 -0.54
CA LYS A 30 -9.95 -16.43 -1.67
C LYS A 30 -8.54 -16.30 -2.21
N GLN A 31 -8.27 -16.91 -3.35
CA GLN A 31 -6.95 -16.85 -3.96
C GLN A 31 -6.87 -15.69 -4.96
N PHE A 32 -6.16 -14.64 -4.57
CA PHE A 32 -6.00 -13.48 -5.41
C PHE A 32 -4.70 -13.58 -6.21
N ALA A 33 -4.78 -13.35 -7.51
CA ALA A 33 -3.60 -13.38 -8.37
C ALA A 33 -2.64 -12.27 -8.00
N VAL A 34 -1.36 -12.62 -7.86
CA VAL A 34 -0.36 -11.65 -7.47
C VAL A 34 0.86 -11.72 -8.37
N ASP A 35 1.53 -10.59 -8.49
CA ASP A 35 2.77 -10.47 -9.24
C ASP A 35 3.88 -11.23 -8.51
N GLU A 36 4.92 -11.58 -9.23
CA GLU A 36 5.98 -12.40 -8.67
C GLU A 36 6.81 -11.62 -7.67
N GLU A 37 6.70 -10.30 -7.70
CA GLU A 37 7.36 -9.46 -6.71
C GLU A 37 6.53 -9.38 -5.42
N GLY A 38 5.27 -9.82 -5.51
CA GLY A 38 4.38 -9.79 -4.36
C GLY A 38 3.48 -8.58 -4.35
N TYR A 39 2.75 -8.38 -5.44
CA TYR A 39 1.82 -7.25 -5.55
C TYR A 39 0.53 -7.72 -6.20
N LEU A 40 -0.61 -7.27 -5.67
CA LEU A 40 -1.90 -7.69 -6.17
C LEU A 40 -2.05 -7.38 -7.66
N SER A 41 -2.04 -8.42 -8.47
CA SER A 41 -2.22 -8.28 -9.90
C SER A 41 -3.58 -8.84 -10.30
N ASN A 42 -4.62 -8.11 -9.93
CA ASN A 42 -5.99 -8.53 -10.16
C ASN A 42 -6.91 -7.36 -9.90
N LEU A 43 -6.58 -6.59 -8.85
CA LEU A 43 -7.33 -5.39 -8.49
C LEU A 43 -8.81 -5.72 -8.27
N ASN A 44 -9.67 -5.12 -9.09
CA ASN A 44 -11.12 -5.36 -9.04
C ASN A 44 -11.74 -4.89 -7.73
N ASP A 45 -11.52 -5.64 -6.66
CA ASP A 45 -12.16 -5.35 -5.38
C ASP A 45 -11.14 -5.02 -4.31
N TRP A 46 -10.28 -5.99 -3.98
CA TRP A 46 -9.31 -5.89 -2.88
C TRP A 46 -10.02 -5.90 -1.53
N VAL A 47 -9.77 -6.95 -0.76
CA VAL A 47 -10.32 -7.04 0.57
C VAL A 47 -9.24 -6.71 1.60
N PRO A 48 -9.63 -6.23 2.79
CA PRO A 48 -8.68 -5.91 3.86
C PRO A 48 -7.75 -7.07 4.19
N GLY A 49 -8.27 -8.29 4.05
CA GLY A 49 -7.48 -9.49 4.30
C GLY A 49 -6.24 -9.57 3.43
N VAL A 50 -6.29 -8.95 2.25
CA VAL A 50 -5.14 -8.91 1.36
C VAL A 50 -3.99 -8.16 2.03
N ALA A 51 -4.33 -7.06 2.70
CA ALA A 51 -3.35 -6.26 3.41
C ALA A 51 -2.83 -7.02 4.62
N ASP A 52 -3.74 -7.72 5.30
CA ASP A 52 -3.38 -8.53 6.47
C ASP A 52 -2.35 -9.60 6.08
N VAL A 53 -2.67 -10.38 5.07
CA VAL A 53 -1.78 -11.44 4.61
C VAL A 53 -0.47 -10.85 4.07
N MET A 54 -0.59 -9.75 3.32
CA MET A 54 0.59 -9.09 2.76
C MET A 54 1.53 -8.65 3.88
N ALA A 55 0.96 -8.03 4.90
CA ALA A 55 1.72 -7.57 6.06
C ALA A 55 2.29 -8.75 6.83
N LYS A 56 1.53 -9.84 6.89
CA LYS A 56 1.98 -11.06 7.53
C LYS A 56 3.28 -11.55 6.89
N GLN A 57 3.33 -11.47 5.56
CA GLN A 57 4.52 -11.87 4.81
C GLN A 57 5.69 -10.94 5.12
N ASP A 58 5.42 -9.64 5.09
CA ASP A 58 6.45 -8.63 5.30
C ASP A 58 6.84 -8.50 6.76
N ASN A 59 6.02 -9.06 7.66
CA ASN A 59 6.27 -9.02 9.10
C ASN A 59 6.11 -7.61 9.65
N LEU A 60 5.36 -6.79 8.92
CA LEU A 60 5.18 -5.39 9.28
C LEU A 60 3.77 -5.19 9.84
N GLU A 61 3.69 -4.83 11.12
CA GLU A 61 2.39 -4.60 11.76
C GLU A 61 1.72 -3.35 11.22
N LEU A 62 0.49 -3.51 10.75
CA LEU A 62 -0.28 -2.40 10.25
C LEU A 62 -1.09 -1.76 11.38
N THR A 63 -0.75 -0.54 11.74
CA THR A 63 -1.49 0.19 12.75
C THR A 63 -2.53 1.09 12.07
N GLU A 64 -3.23 1.89 12.86
CA GLU A 64 -4.21 2.85 12.33
C GLU A 64 -3.54 3.75 11.30
N GLU A 65 -2.27 4.06 11.54
CA GLU A 65 -1.48 4.89 10.64
C GLU A 65 -1.36 4.22 9.27
N HIS A 66 -0.92 2.96 9.29
CA HIS A 66 -0.72 2.20 8.07
C HIS A 66 -2.05 1.98 7.35
N TRP A 67 -3.05 1.53 8.09
CA TRP A 67 -4.37 1.24 7.52
C TRP A 67 -4.97 2.47 6.86
N ASP A 68 -4.73 3.64 7.44
CA ASP A 68 -5.23 4.89 6.88
C ASP A 68 -4.56 5.19 5.55
N ILE A 69 -3.25 4.97 5.49
CA ILE A 69 -2.50 5.17 4.25
C ILE A 69 -2.90 4.14 3.19
N ILE A 70 -3.09 2.90 3.63
CA ILE A 70 -3.56 1.84 2.74
C ILE A 70 -4.92 2.22 2.14
N ASN A 71 -5.84 2.63 3.02
CA ASN A 71 -7.17 3.06 2.60
C ASN A 71 -7.07 4.29 1.70
N PHE A 72 -6.17 5.20 2.06
CA PHE A 72 -5.96 6.42 1.29
C PHE A 72 -5.56 6.10 -0.14
N LEU A 73 -4.58 5.21 -0.30
CA LEU A 73 -4.13 4.82 -1.63
C LEU A 73 -5.22 4.08 -2.38
N ARG A 74 -6.03 3.32 -1.65
CA ARG A 74 -7.18 2.65 -2.25
C ARG A 74 -8.08 3.69 -2.91
N GLU A 75 -8.50 4.67 -2.12
CA GLU A 75 -9.36 5.75 -2.61
C GLU A 75 -8.69 6.50 -3.77
N TYR A 76 -7.42 6.86 -3.58
CA TYR A 76 -6.69 7.65 -4.56
C TYR A 76 -6.61 6.92 -5.91
N TYR A 77 -6.28 5.64 -5.86
CA TYR A 77 -6.13 4.87 -7.10
C TYR A 77 -7.49 4.50 -7.68
N GLU A 78 -8.45 4.19 -6.82
CA GLU A 78 -9.74 3.70 -7.28
C GLU A 78 -10.62 4.86 -7.76
N GLU A 79 -10.22 6.10 -7.44
CA GLU A 79 -10.96 7.27 -7.89
C GLU A 79 -10.18 8.06 -8.94
N TYR A 80 -8.91 8.33 -8.67
CA TYR A 80 -8.11 9.17 -9.57
C TYR A 80 -7.38 8.32 -10.62
N GLN A 81 -7.29 7.02 -10.37
CA GLN A 81 -6.59 6.08 -11.28
C GLN A 81 -5.10 6.39 -11.34
N ILE A 82 -4.56 6.98 -10.28
CA ILE A 82 -3.16 7.34 -10.25
C ILE A 82 -2.47 6.70 -9.04
N ALA A 83 -1.25 6.24 -9.24
CA ALA A 83 -0.45 5.72 -8.14
C ALA A 83 0.61 6.74 -7.75
N PRO A 84 0.50 7.33 -6.55
CA PRO A 84 1.37 8.42 -6.11
C PRO A 84 2.69 7.94 -5.51
N ALA A 85 3.75 8.67 -5.81
CA ALA A 85 5.06 8.38 -5.25
C ALA A 85 5.21 9.03 -3.89
N VAL A 86 6.38 8.86 -3.27
CA VAL A 86 6.65 9.45 -1.95
C VAL A 86 6.52 10.97 -2.01
N ARG A 87 6.97 11.54 -3.12
CA ARG A 87 6.88 12.98 -3.36
C ARG A 87 5.45 13.49 -3.21
N VAL A 88 4.49 12.67 -3.60
CA VAL A 88 3.09 13.06 -3.55
C VAL A 88 2.45 12.59 -2.24
N LEU A 89 2.73 11.34 -1.86
CA LEU A 89 2.14 10.73 -0.68
C LEU A 89 2.44 11.55 0.58
N THR A 90 3.67 12.04 0.69
CA THR A 90 4.10 12.80 1.86
C THR A 90 3.20 14.02 2.12
N LYS A 91 2.81 14.71 1.05
CA LYS A 91 2.00 15.92 1.19
C LYS A 91 0.53 15.57 1.33
N ALA A 92 0.15 14.42 0.78
CA ALA A 92 -1.21 13.91 0.92
C ALA A 92 -1.48 13.48 2.37
N VAL A 93 -0.48 12.82 2.95
CA VAL A 93 -0.54 12.40 4.36
C VAL A 93 -0.67 13.62 5.28
N GLY A 94 -0.21 14.77 4.79
CA GLY A 94 -0.29 16.00 5.56
C GLY A 94 -1.72 16.43 5.84
N LYS A 95 -2.66 15.95 5.03
CA LYS A 95 -4.07 16.25 5.25
C LYS A 95 -4.69 15.22 6.20
N LYS A 96 -4.06 14.06 6.27
CA LYS A 96 -4.55 12.97 7.11
C LYS A 96 -3.99 13.06 8.52
N LEU A 97 -2.67 12.98 8.64
CA LEU A 97 -2.02 12.96 9.96
C LEU A 97 -1.83 14.36 10.50
N GLY A 98 -1.84 15.35 9.62
CA GLY A 98 -1.72 16.73 10.07
C GLY A 98 -0.43 17.38 9.62
N LYS A 99 -0.22 18.61 10.05
CA LYS A 99 0.94 19.40 9.61
C LYS A 99 2.15 19.11 10.49
N GLU A 100 2.04 18.09 11.34
CA GLU A 100 3.14 17.75 12.24
C GLU A 100 3.61 16.31 12.00
N LYS A 101 3.08 15.68 10.96
CA LYS A 101 3.50 14.33 10.60
C LYS A 101 3.82 14.26 9.12
N GLY A 102 4.56 13.22 8.74
CA GLY A 102 4.97 13.07 7.36
C GLY A 102 6.42 13.46 7.18
N ASN A 103 6.65 14.56 6.46
CA ASN A 103 7.99 15.10 6.21
C ASN A 103 8.83 14.15 5.36
N SER A 104 9.27 13.06 5.97
CA SER A 104 10.09 12.05 5.32
C SER A 104 10.36 10.92 6.31
N LYS A 105 10.94 11.29 7.45
CA LYS A 105 11.31 10.33 8.48
C LYS A 105 10.11 9.53 8.99
N TYR A 106 8.96 10.19 9.10
CA TYR A 106 7.77 9.55 9.64
C TYR A 106 7.31 8.42 8.72
N LEU A 107 7.51 8.59 7.42
CA LEU A 107 7.09 7.57 6.47
C LEU A 107 8.14 6.48 6.32
N TYR A 108 9.40 6.85 6.47
CA TYR A 108 10.50 5.88 6.39
C TYR A 108 10.60 5.05 7.67
N SER A 109 9.85 5.44 8.68
CA SER A 109 9.75 4.65 9.90
C SER A 109 8.47 3.83 9.90
N LEU A 110 7.42 4.38 9.29
CA LEU A 110 6.18 3.63 9.07
C LEU A 110 6.44 2.44 8.16
N PHE A 111 7.07 2.71 7.02
CA PHE A 111 7.44 1.67 6.09
C PHE A 111 8.95 1.72 5.86
N PRO A 112 9.73 0.97 6.68
CA PRO A 112 11.20 0.97 6.58
C PRO A 112 11.70 0.24 5.33
N TYR A 113 10.78 -0.25 4.54
CA TYR A 113 11.12 -1.00 3.34
C TYR A 113 10.74 -0.20 2.09
N GLY A 114 10.40 1.06 2.31
CA GLY A 114 10.00 1.93 1.21
C GLY A 114 8.58 2.44 1.37
N PRO A 115 8.42 3.72 1.76
CA PRO A 115 7.11 4.31 2.07
C PRO A 115 6.02 3.99 1.05
N ALA A 116 6.18 4.52 -0.16
CA ALA A 116 5.17 4.37 -1.20
C ALA A 116 5.06 2.92 -1.68
N LYS A 117 6.21 2.25 -1.77
CA LYS A 117 6.24 0.90 -2.32
C LYS A 117 5.54 -0.10 -1.41
N GLN A 118 5.73 0.06 -0.10
CA GLN A 118 5.09 -0.84 0.85
C GLN A 118 3.62 -0.48 1.02
N ALA A 119 3.31 0.82 1.03
CA ALA A 119 1.94 1.27 1.14
C ALA A 119 1.09 0.72 0.00
N CYS A 120 1.61 0.82 -1.22
CA CYS A 120 0.90 0.30 -2.38
C CYS A 120 0.87 -1.23 -2.36
N ARG A 121 1.89 -1.81 -1.75
CA ARG A 121 2.00 -3.26 -1.64
C ARG A 121 0.84 -3.83 -0.82
N PHE A 122 0.47 -3.11 0.23
CA PHE A 122 -0.65 -3.55 1.08
C PHE A 122 -1.98 -3.10 0.49
N ALA A 123 -1.97 -1.95 -0.18
CA ALA A 123 -3.18 -1.37 -0.76
C ALA A 123 -3.58 -2.07 -2.07
N GLY A 124 -2.77 -3.02 -2.49
CA GLY A 124 -3.07 -3.79 -3.69
C GLY A 124 -2.77 -3.02 -4.96
N LEU A 125 -1.62 -2.38 -5.00
CA LEU A 125 -1.19 -1.65 -6.18
C LEU A 125 0.11 -2.26 -6.71
N PRO A 126 0.18 -2.48 -8.03
CA PRO A 126 1.33 -3.14 -8.66
C PRO A 126 2.52 -2.20 -8.91
N LYS A 127 2.89 -1.44 -7.88
CA LYS A 127 4.03 -0.52 -7.92
C LYS A 127 3.79 0.69 -8.82
N PRO A 128 4.00 1.89 -8.29
CA PRO A 128 3.93 3.14 -9.06
C PRO A 128 5.12 3.28 -10.02
N THR A 129 5.18 2.40 -11.00
CA THR A 129 6.29 2.35 -11.94
C THR A 129 5.95 3.15 -13.19
N GLY A 130 6.97 3.64 -13.90
CA GLY A 130 6.75 4.39 -15.11
C GLY A 130 7.53 5.69 -15.14
N CYS A 131 7.60 6.36 -14.01
CA CYS A 131 8.34 7.61 -13.91
C CYS A 131 9.76 7.38 -13.39
N VAL A 132 10.20 6.14 -13.48
CA VAL A 132 11.54 5.76 -13.05
C VAL A 132 12.27 5.03 -14.18
N MET A 21 7.06 -16.52 -12.42
CA MET A 21 5.90 -17.31 -11.97
C MET A 21 5.03 -16.50 -11.02
N ALA A 22 3.80 -16.26 -11.41
CA ALA A 22 2.85 -15.58 -10.54
C ALA A 22 2.19 -16.59 -9.61
N ASP A 23 1.90 -16.17 -8.39
CA ASP A 23 1.34 -17.07 -7.40
C ASP A 23 -0.06 -16.61 -7.02
N THR A 24 -0.68 -17.29 -6.07
CA THR A 24 -2.04 -16.99 -5.66
C THR A 24 -2.16 -16.97 -4.14
N ILE A 25 -2.57 -15.83 -3.60
CA ILE A 25 -2.75 -15.71 -2.16
C ILE A 25 -4.18 -16.09 -1.78
N GLU A 26 -4.31 -16.86 -0.72
CA GLU A 26 -5.60 -17.34 -0.28
C GLU A 26 -6.14 -16.45 0.82
N VAL A 27 -7.13 -15.65 0.49
CA VAL A 27 -7.76 -14.75 1.44
C VAL A 27 -9.23 -15.11 1.60
N ASP A 28 -9.62 -15.49 2.83
CA ASP A 28 -11.00 -15.89 3.14
C ASP A 28 -11.36 -17.20 2.45
N GLY A 29 -11.58 -17.13 1.15
CA GLY A 29 -11.83 -18.31 0.35
C GLY A 29 -11.54 -18.06 -1.10
N LYS A 30 -10.82 -16.99 -1.38
CA LYS A 30 -10.50 -16.61 -2.75
C LYS A 30 -9.00 -16.68 -2.95
N GLN A 31 -8.58 -17.10 -4.13
CA GLN A 31 -7.15 -17.11 -4.45
C GLN A 31 -6.84 -16.00 -5.44
N PHE A 32 -6.21 -14.96 -4.94
CA PHE A 32 -5.91 -13.80 -5.75
C PHE A 32 -4.54 -13.93 -6.40
N ALA A 33 -4.50 -13.84 -7.72
CA ALA A 33 -3.24 -13.88 -8.45
C ALA A 33 -2.40 -12.67 -8.07
N VAL A 34 -1.16 -12.92 -7.69
CA VAL A 34 -0.29 -11.85 -7.26
C VAL A 34 1.02 -11.82 -8.03
N ASP A 35 1.65 -10.65 -8.02
CA ASP A 35 2.94 -10.44 -8.63
C ASP A 35 3.99 -11.24 -7.89
N GLU A 36 5.03 -11.66 -8.59
CA GLU A 36 6.04 -12.54 -8.02
C GLU A 36 6.81 -11.87 -6.87
N GLU A 37 6.73 -10.55 -6.76
CA GLU A 37 7.40 -9.86 -5.67
C GLU A 37 6.41 -9.59 -4.52
N GLY A 38 5.13 -9.68 -4.83
CA GLY A 38 4.10 -9.47 -3.83
C GLY A 38 3.26 -8.25 -4.09
N TYR A 39 2.50 -8.27 -5.17
CA TYR A 39 1.57 -7.18 -5.49
C TYR A 39 0.27 -7.79 -5.99
N LEU A 40 -0.83 -7.10 -5.81
CA LEU A 40 -2.13 -7.64 -6.18
C LEU A 40 -2.40 -7.40 -7.67
N SER A 41 -2.61 -8.48 -8.41
CA SER A 41 -2.88 -8.39 -9.83
C SER A 41 -4.39 -8.33 -10.09
N ASN A 42 -5.14 -8.14 -9.02
CA ASN A 42 -6.59 -8.02 -9.11
C ASN A 42 -7.07 -6.85 -8.26
N LEU A 43 -7.15 -5.67 -8.86
CA LEU A 43 -7.58 -4.47 -8.16
C LEU A 43 -9.10 -4.32 -8.21
N ASN A 44 -9.78 -5.39 -8.60
CA ASN A 44 -11.23 -5.38 -8.66
C ASN A 44 -11.82 -5.50 -7.27
N ASP A 45 -11.29 -6.43 -6.49
CA ASP A 45 -11.80 -6.68 -5.16
C ASP A 45 -10.95 -5.99 -4.09
N TRP A 46 -9.94 -6.70 -3.61
CA TRP A 46 -9.08 -6.25 -2.51
C TRP A 46 -9.87 -6.05 -1.22
N VAL A 47 -9.74 -6.99 -0.32
CA VAL A 47 -10.25 -6.85 1.04
C VAL A 47 -9.09 -6.67 2.00
N PRO A 48 -9.33 -6.12 3.20
CA PRO A 48 -8.28 -5.91 4.20
C PRO A 48 -7.43 -7.16 4.45
N GLY A 49 -8.07 -8.33 4.35
CA GLY A 49 -7.37 -9.59 4.54
C GLY A 49 -6.21 -9.77 3.57
N VAL A 50 -6.29 -9.15 2.40
CA VAL A 50 -5.23 -9.19 1.42
C VAL A 50 -4.00 -8.48 1.97
N ALA A 51 -4.22 -7.33 2.60
CA ALA A 51 -3.14 -6.56 3.20
C ALA A 51 -2.56 -7.29 4.40
N ASP A 52 -3.42 -7.98 5.15
CA ASP A 52 -2.98 -8.80 6.28
C ASP A 52 -1.94 -9.82 5.82
N VAL A 53 -2.33 -10.63 4.86
CA VAL A 53 -1.47 -11.69 4.33
C VAL A 53 -0.21 -11.09 3.70
N MET A 54 -0.37 -9.94 3.04
CA MET A 54 0.75 -9.28 2.37
C MET A 54 1.76 -8.77 3.40
N ALA A 55 1.26 -8.06 4.41
CA ALA A 55 2.12 -7.49 5.44
C ALA A 55 2.82 -8.58 6.24
N LYS A 56 2.12 -9.71 6.41
CA LYS A 56 2.68 -10.85 7.10
C LYS A 56 3.95 -11.35 6.41
N GLN A 57 3.98 -11.26 5.09
CA GLN A 57 5.13 -11.71 4.31
C GLN A 57 6.34 -10.81 4.59
N ASP A 58 6.11 -9.51 4.65
CA ASP A 58 7.18 -8.55 4.94
C ASP A 58 7.42 -8.44 6.44
N ASN A 59 6.60 -9.14 7.21
CA ASN A 59 6.71 -9.17 8.68
C ASN A 59 6.50 -7.79 9.28
N LEU A 60 5.72 -6.97 8.59
CA LEU A 60 5.47 -5.60 9.02
C LEU A 60 4.12 -5.52 9.74
N GLU A 61 4.08 -4.76 10.82
CA GLU A 61 2.85 -4.56 11.57
C GLU A 61 1.98 -3.49 10.94
N LEU A 62 0.72 -3.82 10.73
CA LEU A 62 -0.26 -2.85 10.26
C LEU A 62 -1.07 -2.32 11.43
N THR A 63 -0.64 -1.20 11.98
CA THR A 63 -1.35 -0.58 13.07
C THR A 63 -2.34 0.45 12.53
N GLU A 64 -2.97 1.24 13.40
CA GLU A 64 -3.98 2.22 12.99
C GLU A 64 -3.49 3.09 11.84
N GLU A 65 -2.33 3.70 12.03
CA GLU A 65 -1.78 4.63 11.06
C GLU A 65 -1.35 3.91 9.78
N HIS A 66 -0.74 2.74 9.94
CA HIS A 66 -0.33 1.93 8.79
C HIS A 66 -1.54 1.59 7.93
N TRP A 67 -2.64 1.21 8.58
CA TRP A 67 -3.86 0.85 7.88
C TRP A 67 -4.43 2.03 7.10
N ASP A 68 -4.39 3.22 7.69
CA ASP A 68 -4.99 4.39 7.04
C ASP A 68 -4.13 4.85 5.87
N ILE A 69 -2.84 4.57 5.91
CA ILE A 69 -1.98 4.86 4.77
C ILE A 69 -2.36 3.95 3.60
N ILE A 70 -2.55 2.66 3.90
CA ILE A 70 -3.01 1.70 2.92
C ILE A 70 -4.40 2.09 2.42
N ASN A 71 -5.24 2.46 3.37
CA ASN A 71 -6.59 2.95 3.11
C ASN A 71 -6.53 4.15 2.17
N PHE A 72 -5.64 5.09 2.46
CA PHE A 72 -5.53 6.31 1.66
C PHE A 72 -5.16 5.99 0.22
N LEU A 73 -4.22 5.09 0.00
CA LEU A 73 -3.85 4.69 -1.35
C LEU A 73 -5.03 4.07 -2.06
N ARG A 74 -5.81 3.30 -1.33
CA ARG A 74 -7.03 2.70 -1.85
C ARG A 74 -8.01 3.81 -2.27
N GLU A 75 -8.22 4.78 -1.39
CA GLU A 75 -9.11 5.91 -1.68
C GLU A 75 -8.60 6.71 -2.86
N TYR A 76 -7.31 7.03 -2.84
CA TYR A 76 -6.71 7.87 -3.85
C TYR A 76 -6.76 7.21 -5.23
N TYR A 77 -6.49 5.91 -5.27
CA TYR A 77 -6.48 5.19 -6.54
C TYR A 77 -7.88 5.07 -7.12
N GLU A 78 -8.88 4.83 -6.28
CA GLU A 78 -10.24 4.67 -6.75
C GLU A 78 -10.79 5.98 -7.32
N GLU A 79 -10.51 7.08 -6.63
CA GLU A 79 -11.05 8.38 -7.01
C GLU A 79 -10.21 9.07 -8.08
N TYR A 80 -8.89 9.08 -7.89
CA TYR A 80 -8.00 9.80 -8.79
C TYR A 80 -7.47 8.90 -9.91
N GLN A 81 -7.60 7.59 -9.72
CA GLN A 81 -7.21 6.59 -10.72
C GLN A 81 -5.70 6.65 -10.99
N ILE A 82 -4.94 7.15 -10.03
CA ILE A 82 -3.50 7.29 -10.19
C ILE A 82 -2.77 6.91 -8.90
N ALA A 83 -1.61 6.30 -9.05
CA ALA A 83 -0.77 5.96 -7.90
C ALA A 83 0.26 7.07 -7.68
N PRO A 84 0.33 7.63 -6.47
CA PRO A 84 1.22 8.75 -6.16
C PRO A 84 2.68 8.30 -6.01
N ALA A 85 3.59 9.21 -6.36
CA ALA A 85 5.01 8.96 -6.22
C ALA A 85 5.44 9.09 -4.76
N VAL A 86 6.71 8.85 -4.47
CA VAL A 86 7.20 8.82 -3.09
C VAL A 86 6.98 10.16 -2.37
N ARG A 87 7.26 11.27 -3.05
CA ARG A 87 7.09 12.58 -2.44
C ARG A 87 5.64 13.01 -2.51
N VAL A 88 4.95 12.58 -3.57
CA VAL A 88 3.55 12.91 -3.76
C VAL A 88 2.71 12.27 -2.67
N LEU A 89 3.05 11.04 -2.30
CA LEU A 89 2.39 10.35 -1.20
C LEU A 89 2.58 11.13 0.10
N THR A 90 3.84 11.49 0.39
CA THR A 90 4.15 12.27 1.57
C THR A 90 3.36 13.58 1.59
N LYS A 91 3.28 14.23 0.43
CA LYS A 91 2.50 15.45 0.27
C LYS A 91 1.04 15.24 0.69
N ALA A 92 0.46 14.15 0.21
CA ALA A 92 -0.94 13.85 0.46
C ALA A 92 -1.18 13.45 1.91
N VAL A 93 -0.26 12.66 2.48
CA VAL A 93 -0.34 12.27 3.88
C VAL A 93 -0.23 13.52 4.76
N GLY A 94 0.52 14.50 4.27
CA GLY A 94 0.69 15.76 4.98
C GLY A 94 -0.56 16.63 4.95
N LYS A 95 -1.66 16.08 4.47
CA LYS A 95 -2.94 16.75 4.51
C LYS A 95 -4.03 15.81 5.01
N LYS A 96 -4.04 14.58 4.50
CA LYS A 96 -5.02 13.58 4.90
C LYS A 96 -4.85 13.24 6.38
N LEU A 97 -3.61 13.04 6.81
CA LEU A 97 -3.33 12.64 8.17
C LEU A 97 -2.94 13.85 9.01
N GLY A 98 -2.18 14.76 8.41
CA GLY A 98 -1.80 15.98 9.10
C GLY A 98 -0.53 16.58 8.55
N LYS A 99 -0.39 17.90 8.67
CA LYS A 99 0.77 18.61 8.17
C LYS A 99 2.04 18.20 8.93
N GLU A 100 1.91 18.05 10.24
CA GLU A 100 3.03 17.63 11.07
C GLU A 100 3.08 16.12 11.14
N LYS A 101 1.91 15.51 11.01
CA LYS A 101 1.77 14.06 11.12
C LYS A 101 2.35 13.38 9.88
N GLY A 102 2.09 13.94 8.71
CA GLY A 102 2.58 13.37 7.47
C GLY A 102 3.97 13.85 7.14
N ASN A 103 4.91 13.58 8.03
CA ASN A 103 6.29 14.00 7.83
C ASN A 103 7.07 12.92 7.09
N SER A 104 8.09 13.33 6.34
CA SER A 104 8.88 12.39 5.54
C SER A 104 9.51 11.30 6.42
N LYS A 105 10.18 11.71 7.49
CA LYS A 105 10.78 10.77 8.42
C LYS A 105 9.72 9.83 8.99
N TYR A 106 8.54 10.37 9.21
CA TYR A 106 7.43 9.62 9.79
C TYR A 106 7.02 8.48 8.86
N LEU A 107 6.94 8.78 7.57
CA LEU A 107 6.61 7.79 6.55
C LEU A 107 7.66 6.68 6.50
N TYR A 108 8.92 7.05 6.62
CA TYR A 108 10.01 6.08 6.59
C TYR A 108 10.08 5.29 7.90
N SER A 109 9.45 5.82 8.94
CA SER A 109 9.37 5.12 10.22
C SER A 109 8.22 4.12 10.18
N LEU A 110 7.19 4.45 9.43
CA LEU A 110 6.07 3.54 9.20
C LEU A 110 6.50 2.43 8.26
N PHE A 111 7.07 2.82 7.13
CA PHE A 111 7.53 1.87 6.13
C PHE A 111 9.04 2.03 5.90
N PRO A 112 9.84 1.19 6.57
CA PRO A 112 11.31 1.30 6.56
C PRO A 112 11.93 0.99 5.20
N TYR A 113 11.22 0.19 4.40
CA TYR A 113 11.73 -0.22 3.09
C TYR A 113 11.24 0.71 1.99
N GLY A 114 10.72 1.86 2.39
CA GLY A 114 10.21 2.81 1.43
C GLY A 114 8.71 2.97 1.54
N PRO A 115 8.23 4.17 1.89
CA PRO A 115 6.80 4.44 2.09
C PRO A 115 5.94 3.97 0.93
N ALA A 116 6.26 4.42 -0.26
CA ALA A 116 5.49 4.07 -1.45
C ALA A 116 5.54 2.57 -1.73
N LYS A 117 6.75 2.02 -1.70
CA LYS A 117 6.97 0.61 -2.04
C LYS A 117 6.18 -0.31 -1.12
N GLN A 118 6.36 -0.14 0.19
CA GLN A 118 5.69 -0.98 1.17
C GLN A 118 4.18 -0.79 1.11
N ALA A 119 3.75 0.47 1.07
CA ALA A 119 2.33 0.79 1.10
C ALA A 119 1.60 0.23 -0.12
N CYS A 120 2.16 0.44 -1.31
CA CYS A 120 1.52 -0.04 -2.54
C CYS A 120 1.42 -1.56 -2.52
N ARG A 121 2.45 -2.20 -1.96
CA ARG A 121 2.50 -3.64 -1.86
C ARG A 121 1.29 -4.19 -1.09
N PHE A 122 0.97 -3.54 0.03
CA PHE A 122 -0.12 -4.01 0.88
C PHE A 122 -1.48 -3.57 0.33
N ALA A 123 -1.52 -2.42 -0.33
CA ALA A 123 -2.76 -1.92 -0.91
C ALA A 123 -3.08 -2.62 -2.23
N GLY A 124 -2.11 -3.38 -2.73
CA GLY A 124 -2.32 -4.15 -3.93
C GLY A 124 -2.00 -3.36 -5.19
N LEU A 125 -1.36 -2.23 -5.02
CA LEU A 125 -1.05 -1.35 -6.13
C LEU A 125 0.27 -1.76 -6.78
N PRO A 126 0.36 -1.68 -8.11
CA PRO A 126 1.59 -1.97 -8.84
C PRO A 126 2.64 -0.89 -8.60
N LYS A 127 3.82 -1.06 -9.22
CA LYS A 127 4.94 -0.12 -9.08
C LYS A 127 4.47 1.33 -9.34
N PRO A 128 4.39 2.14 -8.27
CA PRO A 128 3.91 3.52 -8.34
C PRO A 128 5.02 4.51 -8.60
N THR A 129 6.22 4.19 -8.13
CA THR A 129 7.35 5.09 -8.27
C THR A 129 7.94 5.01 -9.68
N GLY A 130 7.34 5.77 -10.58
CA GLY A 130 7.79 5.80 -11.95
C GLY A 130 6.89 6.67 -12.82
N CYS A 131 6.14 6.02 -13.70
CA CYS A 131 5.20 6.74 -14.56
C CYS A 131 3.91 5.94 -14.71
N VAL A 132 2.85 6.43 -14.08
CA VAL A 132 1.55 5.77 -14.17
C VAL A 132 0.76 6.32 -15.35
N MET A 21 -0.97 -16.28 -13.24
CA MET A 21 -0.24 -15.14 -13.84
C MET A 21 1.20 -15.13 -13.38
N ALA A 22 1.41 -15.15 -12.07
CA ALA A 22 2.74 -15.20 -11.48
C ALA A 22 2.72 -16.12 -10.25
N ASP A 23 2.13 -15.63 -9.18
CA ASP A 23 1.98 -16.42 -7.96
C ASP A 23 0.63 -16.12 -7.32
N THR A 24 0.26 -16.85 -6.29
CA THR A 24 -1.03 -16.67 -5.64
C THR A 24 -0.92 -16.75 -4.12
N ILE A 25 -1.90 -16.16 -3.44
CA ILE A 25 -2.00 -16.25 -1.98
C ILE A 25 -3.39 -16.75 -1.58
N GLU A 26 -3.44 -17.56 -0.54
CA GLU A 26 -4.71 -18.12 -0.07
C GLU A 26 -5.30 -17.21 1.01
N VAL A 27 -6.32 -16.46 0.63
CA VAL A 27 -6.99 -15.56 1.57
C VAL A 27 -8.43 -16.00 1.80
N ASP A 28 -8.60 -16.92 2.75
CA ASP A 28 -9.92 -17.41 3.15
C ASP A 28 -10.71 -17.96 1.97
N GLY A 29 -10.41 -19.21 1.59
CA GLY A 29 -11.16 -19.88 0.54
C GLY A 29 -11.06 -19.19 -0.81
N LYS A 30 -10.03 -18.36 -0.98
CA LYS A 30 -9.86 -17.59 -2.20
C LYS A 30 -8.39 -17.44 -2.50
N GLN A 31 -8.03 -17.55 -3.77
CA GLN A 31 -6.65 -17.37 -4.18
C GLN A 31 -6.52 -16.11 -5.01
N PHE A 32 -5.76 -15.16 -4.50
CA PHE A 32 -5.53 -13.91 -5.19
C PHE A 32 -4.20 -13.94 -5.93
N ALA A 33 -4.24 -13.64 -7.22
CA ALA A 33 -3.04 -13.59 -8.03
C ALA A 33 -2.17 -12.39 -7.65
N VAL A 34 -0.96 -12.66 -7.18
CA VAL A 34 -0.04 -11.62 -6.80
C VAL A 34 1.05 -11.45 -7.84
N ASP A 35 1.64 -10.27 -7.84
CA ASP A 35 2.68 -9.92 -8.79
C ASP A 35 4.04 -10.37 -8.26
N GLU A 36 5.03 -10.45 -9.13
CA GLU A 36 6.37 -10.88 -8.75
C GLU A 36 7.00 -9.89 -7.76
N GLU A 37 6.51 -8.65 -7.77
CA GLU A 37 6.96 -7.64 -6.82
C GLU A 37 6.36 -7.91 -5.43
N GLY A 38 5.40 -8.81 -5.38
CA GLY A 38 4.69 -9.06 -4.14
C GLY A 38 3.47 -8.18 -4.01
N TYR A 39 3.05 -7.62 -5.14
CA TYR A 39 1.87 -6.78 -5.21
C TYR A 39 0.65 -7.62 -5.59
N LEU A 40 -0.48 -6.97 -5.78
CA LEU A 40 -1.67 -7.64 -6.30
C LEU A 40 -1.76 -7.41 -7.80
N SER A 41 -1.51 -8.46 -8.59
CA SER A 41 -1.49 -8.32 -10.03
C SER A 41 -2.91 -8.41 -10.58
N ASN A 42 -3.77 -9.12 -9.86
CA ASN A 42 -5.16 -9.22 -10.25
C ASN A 42 -5.95 -8.04 -9.68
N LEU A 43 -5.82 -6.90 -10.33
CA LEU A 43 -6.54 -5.71 -9.94
C LEU A 43 -8.01 -5.88 -10.28
N ASN A 44 -8.85 -5.93 -9.25
CA ASN A 44 -10.27 -6.12 -9.46
C ASN A 44 -11.06 -5.47 -8.31
N ASP A 45 -10.82 -5.93 -7.09
CA ASP A 45 -11.57 -5.42 -5.94
C ASP A 45 -10.69 -5.27 -4.71
N TRP A 46 -9.93 -6.34 -4.40
CA TRP A 46 -9.03 -6.36 -3.25
C TRP A 46 -9.81 -6.50 -1.93
N VAL A 47 -9.34 -7.40 -1.07
CA VAL A 47 -9.92 -7.57 0.25
C VAL A 47 -8.87 -7.26 1.31
N PRO A 48 -9.30 -6.77 2.49
CA PRO A 48 -8.38 -6.43 3.59
C PRO A 48 -7.49 -7.60 4.01
N GLY A 49 -8.01 -8.80 3.82
CA GLY A 49 -7.24 -10.00 4.14
C GLY A 49 -5.96 -10.11 3.34
N VAL A 50 -5.95 -9.52 2.14
CA VAL A 50 -4.76 -9.53 1.31
C VAL A 50 -3.61 -8.79 2.00
N ALA A 51 -3.93 -7.60 2.53
CA ALA A 51 -2.95 -6.81 3.25
C ALA A 51 -2.49 -7.52 4.51
N ASP A 52 -3.45 -8.15 5.19
CA ASP A 52 -3.18 -8.88 6.42
C ASP A 52 -2.16 -10.02 6.19
N VAL A 53 -2.48 -10.91 5.26
CA VAL A 53 -1.63 -12.06 5.02
C VAL A 53 -0.31 -11.65 4.37
N MET A 54 -0.31 -10.52 3.67
CA MET A 54 0.89 -10.02 3.04
C MET A 54 1.82 -9.39 4.06
N ALA A 55 1.25 -8.54 4.91
CA ALA A 55 2.03 -7.87 5.96
C ALA A 55 2.47 -8.86 7.02
N LYS A 56 1.72 -9.94 7.17
CA LYS A 56 2.08 -11.02 8.10
C LYS A 56 3.40 -11.64 7.67
N GLN A 57 3.55 -11.89 6.38
CA GLN A 57 4.76 -12.48 5.84
C GLN A 57 5.91 -11.47 5.89
N ASP A 58 5.57 -10.21 5.65
CA ASP A 58 6.55 -9.12 5.75
C ASP A 58 6.86 -8.81 7.21
N ASN A 59 6.07 -9.41 8.10
CA ASN A 59 6.18 -9.18 9.55
C ASN A 59 6.11 -7.69 9.86
N LEU A 60 5.15 -7.03 9.22
CA LEU A 60 4.93 -5.62 9.43
C LEU A 60 3.58 -5.41 10.11
N GLU A 61 3.63 -4.98 11.36
CA GLU A 61 2.42 -4.78 12.15
C GLU A 61 1.61 -3.61 11.59
N LEU A 62 0.47 -3.92 10.99
CA LEU A 62 -0.40 -2.90 10.45
C LEU A 62 -1.23 -2.28 11.57
N THR A 63 -0.85 -1.08 11.97
CA THR A 63 -1.62 -0.31 12.95
C THR A 63 -2.67 0.52 12.23
N GLU A 64 -3.44 1.30 12.98
CA GLU A 64 -4.43 2.19 12.39
C GLU A 64 -3.75 3.13 11.42
N GLU A 65 -2.60 3.65 11.83
CA GLU A 65 -1.82 4.54 11.00
C GLU A 65 -1.45 3.87 9.68
N HIS A 66 -1.02 2.61 9.76
CA HIS A 66 -0.68 1.84 8.56
C HIS A 66 -1.92 1.62 7.70
N TRP A 67 -3.00 1.16 8.32
CA TRP A 67 -4.24 0.91 7.61
C TRP A 67 -4.78 2.19 6.97
N ASP A 68 -4.62 3.32 7.65
CA ASP A 68 -5.11 4.59 7.13
C ASP A 68 -4.34 4.98 5.87
N ILE A 69 -3.02 4.78 5.89
CA ILE A 69 -2.19 5.05 4.72
C ILE A 69 -2.61 4.15 3.56
N ILE A 70 -2.83 2.88 3.87
CA ILE A 70 -3.31 1.91 2.88
C ILE A 70 -4.66 2.35 2.31
N ASN A 71 -5.58 2.66 3.21
CA ASN A 71 -6.93 3.11 2.84
C ASN A 71 -6.87 4.39 2.01
N PHE A 72 -6.09 5.35 2.49
CA PHE A 72 -5.97 6.65 1.82
C PHE A 72 -5.40 6.50 0.42
N LEU A 73 -4.46 5.57 0.25
CA LEU A 73 -3.86 5.32 -1.05
C LEU A 73 -4.87 4.63 -1.96
N ARG A 74 -5.61 3.69 -1.39
CA ARG A 74 -6.68 3.00 -2.11
C ARG A 74 -7.74 4.01 -2.55
N GLU A 75 -8.07 4.91 -1.63
CA GLU A 75 -9.06 5.96 -1.88
C GLU A 75 -8.54 6.96 -2.91
N TYR A 76 -7.27 7.33 -2.77
CA TYR A 76 -6.62 8.24 -3.72
C TYR A 76 -6.71 7.67 -5.13
N TYR A 77 -6.47 6.37 -5.24
CA TYR A 77 -6.53 5.69 -6.53
C TYR A 77 -7.95 5.70 -7.08
N GLU A 78 -8.91 5.36 -6.21
CA GLU A 78 -10.31 5.33 -6.61
C GLU A 78 -10.80 6.71 -7.02
N GLU A 79 -10.29 7.74 -6.36
CA GLU A 79 -10.74 9.10 -6.60
C GLU A 79 -10.00 9.74 -7.77
N TYR A 80 -8.68 9.87 -7.65
CA TYR A 80 -7.90 10.63 -8.61
C TYR A 80 -7.41 9.76 -9.77
N GLN A 81 -7.61 8.45 -9.65
CA GLN A 81 -7.22 7.50 -10.70
C GLN A 81 -5.71 7.46 -10.89
N ILE A 82 -4.97 7.90 -9.88
CA ILE A 82 -3.52 7.95 -9.95
C ILE A 82 -2.90 7.12 -8.85
N ALA A 83 -1.82 6.41 -9.16
CA ALA A 83 -1.04 5.72 -8.15
C ALA A 83 0.06 6.64 -7.62
N PRO A 84 -0.14 7.19 -6.41
CA PRO A 84 0.78 8.18 -5.83
C PRO A 84 2.14 7.59 -5.46
N ALA A 85 3.18 8.17 -6.02
CA ALA A 85 4.55 7.76 -5.72
C ALA A 85 4.97 8.27 -4.35
N VAL A 86 6.16 7.87 -3.90
CA VAL A 86 6.67 8.23 -2.57
C VAL A 86 6.57 9.73 -2.31
N ARG A 87 7.01 10.53 -3.28
CA ARG A 87 7.02 11.98 -3.12
C ARG A 87 5.60 12.54 -3.00
N VAL A 88 4.68 11.95 -3.75
CA VAL A 88 3.30 12.43 -3.78
C VAL A 88 2.55 12.04 -2.52
N LEU A 89 2.62 10.77 -2.15
CA LEU A 89 1.89 10.25 -0.99
C LEU A 89 2.31 10.98 0.28
N THR A 90 3.61 11.11 0.48
CA THR A 90 4.13 11.75 1.69
C THR A 90 3.68 13.21 1.78
N LYS A 91 3.57 13.86 0.63
CA LYS A 91 3.17 15.26 0.60
C LYS A 91 1.67 15.40 0.89
N ALA A 92 0.91 14.38 0.50
CA ALA A 92 -0.52 14.34 0.77
C ALA A 92 -0.78 14.04 2.25
N VAL A 93 0.15 13.32 2.86
CA VAL A 93 0.09 13.04 4.29
C VAL A 93 0.15 14.34 5.09
N GLY A 94 0.78 15.35 4.49
CA GLY A 94 0.89 16.65 5.12
C GLY A 94 -0.42 17.40 5.18
N LYS A 95 -1.47 16.82 4.60
CA LYS A 95 -2.80 17.41 4.65
C LYS A 95 -3.68 16.67 5.66
N LYS A 96 -3.77 15.35 5.51
CA LYS A 96 -4.68 14.55 6.32
C LYS A 96 -4.10 14.19 7.68
N LEU A 97 -2.83 13.80 7.70
CA LEU A 97 -2.22 13.32 8.92
C LEU A 97 -1.62 14.45 9.74
N GLY A 98 -0.91 15.35 9.10
CA GLY A 98 -0.36 16.48 9.80
C GLY A 98 0.83 17.11 9.09
N LYS A 99 1.20 18.30 9.54
CA LYS A 99 2.28 19.06 8.92
C LYS A 99 3.63 18.45 9.26
N GLU A 100 3.72 17.86 10.44
CA GLU A 100 4.95 17.24 10.90
C GLU A 100 5.04 15.80 10.42
N LYS A 101 3.87 15.17 10.28
CA LYS A 101 3.79 13.81 9.81
C LYS A 101 4.07 13.74 8.31
N GLY A 102 3.58 14.74 7.58
CA GLY A 102 3.76 14.77 6.14
C GLY A 102 5.09 15.39 5.74
N ASN A 103 6.18 14.78 6.18
CA ASN A 103 7.51 15.26 5.82
C ASN A 103 8.37 14.12 5.29
N SER A 104 8.82 13.26 6.19
CA SER A 104 9.69 12.14 5.84
C SER A 104 9.71 11.10 6.95
N LYS A 105 10.14 11.54 8.14
CA LYS A 105 10.34 10.65 9.28
C LYS A 105 9.14 9.73 9.52
N TYR A 106 7.95 10.32 9.56
CA TYR A 106 6.73 9.58 9.87
C TYR A 106 6.50 8.42 8.90
N LEU A 107 6.61 8.70 7.61
CA LEU A 107 6.34 7.69 6.58
C LEU A 107 7.40 6.60 6.57
N TYR A 108 8.65 6.99 6.79
CA TYR A 108 9.74 6.03 6.76
C TYR A 108 9.79 5.21 8.05
N SER A 109 9.19 5.72 9.12
CA SER A 109 9.08 4.96 10.36
C SER A 109 7.89 4.00 10.28
N LEU A 110 6.94 4.31 9.41
CA LEU A 110 5.80 3.41 9.18
C LEU A 110 6.19 2.31 8.21
N PHE A 111 6.73 2.71 7.06
CA PHE A 111 7.13 1.76 6.03
C PHE A 111 8.59 1.98 5.65
N PRO A 112 9.52 1.30 6.33
CA PRO A 112 10.96 1.43 6.09
C PRO A 112 11.38 0.86 4.74
N TYR A 113 10.53 0.01 4.18
CA TYR A 113 10.83 -0.65 2.91
C TYR A 113 10.30 0.18 1.74
N GLY A 114 9.78 1.36 2.05
CA GLY A 114 9.24 2.23 1.02
C GLY A 114 7.84 2.68 1.36
N PRO A 115 7.67 3.95 1.76
CA PRO A 115 6.37 4.52 2.18
C PRO A 115 5.24 4.19 1.22
N ALA A 116 5.32 4.72 0.01
CA ALA A 116 4.28 4.51 -0.98
C ALA A 116 4.29 3.09 -1.52
N LYS A 117 5.50 2.54 -1.70
CA LYS A 117 5.65 1.21 -2.28
C LYS A 117 4.93 0.15 -1.46
N GLN A 118 5.17 0.14 -0.16
CA GLN A 118 4.53 -0.83 0.71
C GLN A 118 3.04 -0.55 0.88
N ALA A 119 2.69 0.73 1.01
CA ALA A 119 1.30 1.13 1.21
C ALA A 119 0.41 0.66 0.06
N CYS A 120 0.82 0.96 -1.18
CA CYS A 120 0.03 0.57 -2.34
C CYS A 120 0.07 -0.94 -2.55
N ARG A 121 1.16 -1.54 -2.14
CA ARG A 121 1.32 -2.99 -2.22
C ARG A 121 0.25 -3.69 -1.37
N PHE A 122 0.08 -3.21 -0.14
CA PHE A 122 -0.92 -3.77 0.76
C PHE A 122 -2.32 -3.34 0.34
N ALA A 123 -2.39 -2.22 -0.39
CA ALA A 123 -3.67 -1.68 -0.85
C ALA A 123 -4.17 -2.46 -2.06
N GLY A 124 -3.35 -3.37 -2.57
CA GLY A 124 -3.75 -4.21 -3.67
C GLY A 124 -3.66 -3.52 -5.01
N LEU A 125 -2.68 -2.63 -5.14
CA LEU A 125 -2.46 -1.93 -6.39
C LEU A 125 -1.28 -2.55 -7.13
N PRO A 126 -1.14 -2.26 -8.43
CA PRO A 126 0.06 -2.63 -9.18
C PRO A 126 1.26 -1.79 -8.74
N LYS A 127 2.45 -2.10 -9.27
CA LYS A 127 3.66 -1.43 -8.82
C LYS A 127 3.80 -0.05 -9.48
N PRO A 128 3.76 1.02 -8.66
CA PRO A 128 3.94 2.38 -9.13
C PRO A 128 5.41 2.70 -9.34
N THR A 129 5.78 2.96 -10.58
CA THR A 129 7.16 3.19 -10.92
C THR A 129 7.41 4.66 -11.20
N GLY A 130 8.06 5.33 -10.26
CA GLY A 130 8.37 6.73 -10.42
C GLY A 130 9.46 7.18 -9.48
N CYS A 131 9.06 7.72 -8.34
CA CYS A 131 10.01 8.25 -7.38
C CYS A 131 10.60 7.13 -6.53
N VAL A 132 11.72 6.58 -6.97
CA VAL A 132 12.41 5.54 -6.23
C VAL A 132 13.88 5.90 -6.08
N MET A 21 0.67 -20.55 -12.02
CA MET A 21 2.13 -20.73 -11.91
C MET A 21 2.74 -19.63 -11.03
N ALA A 22 2.25 -18.41 -11.19
CA ALA A 22 2.57 -17.35 -10.24
C ALA A 22 1.65 -17.49 -9.05
N ASP A 23 2.21 -17.35 -7.85
CA ASP A 23 1.50 -17.73 -6.63
C ASP A 23 0.33 -16.79 -6.33
N THR A 24 -0.60 -17.30 -5.54
CA THR A 24 -1.76 -16.53 -5.11
C THR A 24 -1.79 -16.42 -3.60
N ILE A 25 -2.28 -15.31 -3.08
CA ILE A 25 -2.42 -15.17 -1.64
C ILE A 25 -3.77 -15.70 -1.21
N GLU A 26 -3.76 -16.62 -0.27
CA GLU A 26 -4.97 -17.30 0.14
C GLU A 26 -5.57 -16.64 1.37
N VAL A 27 -6.66 -15.93 1.17
CA VAL A 27 -7.34 -15.26 2.25
C VAL A 27 -8.70 -15.90 2.48
N ASP A 28 -8.82 -16.65 3.59
CA ASP A 28 -10.06 -17.32 3.98
C ASP A 28 -10.36 -18.51 3.07
N GLY A 29 -9.49 -18.72 2.09
CA GLY A 29 -9.67 -19.80 1.14
C GLY A 29 -9.73 -19.28 -0.28
N LYS A 30 -9.98 -17.99 -0.42
CA LYS A 30 -10.04 -17.35 -1.72
C LYS A 30 -8.64 -16.95 -2.15
N GLN A 31 -8.32 -17.17 -3.41
CA GLN A 31 -6.96 -16.95 -3.90
C GLN A 31 -6.86 -15.68 -4.73
N PHE A 32 -6.12 -14.72 -4.21
CA PHE A 32 -5.87 -13.48 -4.92
C PHE A 32 -4.56 -13.57 -5.70
N ALA A 33 -4.65 -13.40 -7.01
CA ALA A 33 -3.49 -13.50 -7.88
C ALA A 33 -2.46 -12.41 -7.58
N VAL A 34 -1.25 -12.83 -7.22
CA VAL A 34 -0.17 -11.89 -6.98
C VAL A 34 1.05 -12.28 -7.79
N ASP A 35 1.91 -11.32 -8.07
CA ASP A 35 3.13 -11.60 -8.81
C ASP A 35 4.28 -11.87 -7.87
N GLU A 36 5.47 -12.04 -8.43
CA GLU A 36 6.65 -12.44 -7.68
C GLU A 36 7.09 -11.38 -6.66
N GLU A 37 6.79 -10.13 -6.93
CA GLU A 37 7.14 -9.06 -5.99
C GLU A 37 6.03 -8.88 -4.95
N GLY A 38 4.98 -9.68 -5.05
CA GLY A 38 3.93 -9.65 -4.06
C GLY A 38 2.85 -8.62 -4.35
N TYR A 39 2.82 -8.09 -5.56
CA TYR A 39 1.80 -7.13 -5.93
C TYR A 39 0.52 -7.85 -6.36
N LEU A 40 -0.61 -7.39 -5.83
CA LEU A 40 -1.91 -7.91 -6.22
C LEU A 40 -2.25 -7.50 -7.64
N SER A 41 -2.33 -8.49 -8.54
CA SER A 41 -2.58 -8.22 -9.94
C SER A 41 -4.05 -7.85 -10.19
N ASN A 42 -4.92 -8.25 -9.28
CA ASN A 42 -6.36 -8.06 -9.45
C ASN A 42 -6.85 -6.83 -8.69
N LEU A 43 -6.80 -5.67 -9.36
CA LEU A 43 -7.24 -4.42 -8.75
C LEU A 43 -8.74 -4.23 -8.93
N ASN A 44 -9.51 -4.83 -8.02
CA ASN A 44 -10.97 -4.73 -8.04
C ASN A 44 -11.57 -5.49 -6.86
N ASP A 45 -11.11 -6.72 -6.69
CA ASP A 45 -11.65 -7.61 -5.67
C ASP A 45 -10.85 -7.50 -4.36
N TRP A 46 -10.00 -6.48 -4.29
CA TRP A 46 -9.18 -6.21 -3.12
C TRP A 46 -10.02 -6.17 -1.84
N VAL A 47 -9.53 -6.86 -0.81
CA VAL A 47 -10.17 -6.85 0.51
C VAL A 47 -9.10 -6.58 1.58
N PRO A 48 -9.50 -6.16 2.79
CA PRO A 48 -8.56 -5.89 3.88
C PRO A 48 -7.62 -7.06 4.16
N GLY A 49 -8.14 -8.27 4.04
CA GLY A 49 -7.35 -9.47 4.28
C GLY A 49 -6.14 -9.57 3.36
N VAL A 50 -6.25 -8.97 2.18
CA VAL A 50 -5.14 -8.95 1.23
C VAL A 50 -3.92 -8.28 1.84
N ALA A 51 -4.14 -7.10 2.43
CA ALA A 51 -3.06 -6.34 3.04
C ALA A 51 -2.56 -7.04 4.30
N ASP A 52 -3.48 -7.61 5.06
CA ASP A 52 -3.16 -8.28 6.32
C ASP A 52 -2.23 -9.46 6.08
N VAL A 53 -2.66 -10.39 5.25
CA VAL A 53 -1.87 -11.59 4.95
C VAL A 53 -0.55 -11.22 4.29
N MET A 54 -0.60 -10.23 3.41
CA MET A 54 0.59 -9.79 2.69
C MET A 54 1.63 -9.20 3.64
N ALA A 55 1.16 -8.42 4.62
CA ALA A 55 2.04 -7.86 5.63
C ALA A 55 2.61 -8.95 6.51
N LYS A 56 1.82 -9.99 6.74
CA LYS A 56 2.26 -11.14 7.51
C LYS A 56 3.36 -11.89 6.76
N GLN A 57 3.27 -11.90 5.44
CA GLN A 57 4.27 -12.54 4.60
C GLN A 57 5.56 -11.71 4.54
N ASP A 58 5.40 -10.40 4.54
CA ASP A 58 6.54 -9.48 4.41
C ASP A 58 7.15 -9.19 5.77
N ASN A 59 6.44 -9.59 6.82
CA ASN A 59 6.83 -9.31 8.20
C ASN A 59 6.75 -7.82 8.46
N LEU A 60 5.53 -7.33 8.63
CA LEU A 60 5.27 -5.93 8.90
C LEU A 60 3.98 -5.81 9.71
N GLU A 61 3.95 -4.89 10.65
CA GLU A 61 2.76 -4.69 11.47
C GLU A 61 1.89 -3.60 10.86
N LEU A 62 0.58 -3.78 10.95
CA LEU A 62 -0.36 -2.83 10.38
C LEU A 62 -1.16 -2.12 11.47
N THR A 63 -0.76 -0.89 11.78
CA THR A 63 -1.46 -0.08 12.74
C THR A 63 -2.51 0.77 12.04
N GLU A 64 -3.18 1.64 12.78
CA GLU A 64 -4.22 2.49 12.20
C GLU A 64 -3.65 3.37 11.09
N GLU A 65 -2.47 3.94 11.34
CA GLU A 65 -1.83 4.80 10.37
C GLU A 65 -1.43 4.00 9.14
N HIS A 66 -1.00 2.76 9.34
CA HIS A 66 -0.69 1.88 8.23
C HIS A 66 -1.93 1.60 7.41
N TRP A 67 -3.01 1.22 8.08
CA TRP A 67 -4.27 0.93 7.43
C TRP A 67 -4.82 2.17 6.73
N ASP A 68 -4.71 3.32 7.38
CA ASP A 68 -5.21 4.57 6.82
C ASP A 68 -4.46 4.95 5.55
N ILE A 69 -3.16 4.66 5.50
CA ILE A 69 -2.37 4.90 4.30
C ILE A 69 -2.82 4.00 3.16
N ILE A 70 -3.01 2.72 3.48
CA ILE A 70 -3.51 1.76 2.50
C ILE A 70 -4.91 2.15 2.04
N ASN A 71 -5.73 2.56 2.99
CA ASN A 71 -7.08 3.06 2.71
C ASN A 71 -7.00 4.30 1.83
N PHE A 72 -6.05 5.17 2.12
CA PHE A 72 -5.86 6.38 1.34
C PHE A 72 -5.54 6.06 -0.11
N LEU A 73 -4.69 5.07 -0.32
CA LEU A 73 -4.33 4.67 -1.68
C LEU A 73 -5.50 3.99 -2.36
N ARG A 74 -6.23 3.18 -1.61
CA ARG A 74 -7.46 2.55 -2.09
C ARG A 74 -8.44 3.62 -2.58
N GLU A 75 -8.61 4.64 -1.76
CA GLU A 75 -9.50 5.76 -2.06
C GLU A 75 -8.95 6.59 -3.23
N TYR A 76 -7.70 7.01 -3.10
CA TYR A 76 -7.07 7.89 -4.07
C TYR A 76 -7.05 7.26 -5.45
N TYR A 77 -6.75 5.96 -5.52
CA TYR A 77 -6.67 5.27 -6.80
C TYR A 77 -8.05 5.12 -7.41
N GLU A 78 -9.06 4.81 -6.59
CA GLU A 78 -10.40 4.61 -7.10
C GLU A 78 -11.02 5.94 -7.53
N GLU A 79 -10.73 6.99 -6.77
CA GLU A 79 -11.25 8.32 -7.07
C GLU A 79 -10.44 8.98 -8.20
N TYR A 80 -9.17 9.26 -7.93
CA TYR A 80 -8.34 10.04 -8.84
C TYR A 80 -7.83 9.20 -10.01
N GLN A 81 -7.91 7.87 -9.86
CA GLN A 81 -7.51 6.93 -10.91
C GLN A 81 -6.01 7.02 -11.21
N ILE A 82 -5.25 7.45 -10.21
CA ILE A 82 -3.81 7.55 -10.36
C ILE A 82 -3.12 7.18 -9.04
N ALA A 83 -1.97 6.52 -9.13
CA ALA A 83 -1.21 6.14 -7.95
C ALA A 83 -0.07 7.13 -7.72
N PRO A 84 0.04 7.66 -6.50
CA PRO A 84 1.04 8.66 -6.14
C PRO A 84 2.40 8.05 -5.81
N ALA A 85 3.47 8.70 -6.27
CA ALA A 85 4.82 8.30 -5.94
C ALA A 85 5.16 8.71 -4.51
N VAL A 86 6.38 8.40 -4.06
CA VAL A 86 6.78 8.67 -2.69
C VAL A 86 6.71 10.18 -2.37
N ARG A 87 7.14 11.01 -3.32
CA ARG A 87 7.11 12.46 -3.13
C ARG A 87 5.68 12.98 -3.15
N VAL A 88 4.85 12.36 -3.98
CA VAL A 88 3.46 12.79 -4.12
C VAL A 88 2.62 12.35 -2.93
N LEU A 89 2.86 11.12 -2.48
CA LEU A 89 2.13 10.56 -1.34
C LEU A 89 2.38 11.39 -0.08
N THR A 90 3.65 11.61 0.23
CA THR A 90 4.03 12.35 1.45
C THR A 90 3.37 13.73 1.47
N LYS A 91 3.25 14.35 0.30
CA LYS A 91 2.59 15.64 0.16
C LYS A 91 1.17 15.57 0.71
N ALA A 92 0.44 14.54 0.31
CA ALA A 92 -0.95 14.38 0.73
C ALA A 92 -1.04 13.89 2.17
N VAL A 93 -0.13 12.98 2.54
CA VAL A 93 -0.08 12.44 3.90
C VAL A 93 0.03 13.56 4.93
N GLY A 94 0.88 14.54 4.64
CA GLY A 94 1.08 15.66 5.55
C GLY A 94 -0.19 16.42 5.84
N LYS A 95 -0.98 16.66 4.81
CA LYS A 95 -2.22 17.42 4.96
C LYS A 95 -3.34 16.53 5.51
N LYS A 96 -3.33 15.27 5.10
CA LYS A 96 -4.38 14.34 5.52
C LYS A 96 -4.24 13.94 6.98
N LEU A 97 -3.02 13.62 7.41
CA LEU A 97 -2.80 13.13 8.78
C LEU A 97 -2.75 14.27 9.79
N GLY A 98 -2.24 15.42 9.38
CA GLY A 98 -2.17 16.55 10.30
C GLY A 98 -1.14 17.57 9.89
N LYS A 99 0.04 17.49 10.48
CA LYS A 99 1.13 18.43 10.18
C LYS A 99 2.47 17.73 10.09
N GLU A 100 3.01 17.35 11.24
CA GLU A 100 4.40 16.87 11.32
C GLU A 100 4.51 15.42 10.90
N LYS A 101 3.38 14.78 10.67
CA LYS A 101 3.35 13.38 10.27
C LYS A 101 3.65 13.22 8.79
N GLY A 102 3.77 14.34 8.08
CA GLY A 102 4.05 14.28 6.66
C GLY A 102 5.32 15.00 6.28
N ASN A 103 6.45 14.31 6.45
CA ASN A 103 7.73 14.85 6.05
C ASN A 103 8.61 13.75 5.50
N SER A 104 9.00 12.81 6.37
CA SER A 104 9.77 11.65 5.98
C SER A 104 9.95 10.70 7.15
N LYS A 105 10.38 11.26 8.28
CA LYS A 105 10.66 10.51 9.50
C LYS A 105 9.52 9.56 9.87
N TYR A 106 8.34 10.13 10.09
CA TYR A 106 7.18 9.36 10.52
C TYR A 106 6.86 8.21 9.56
N LEU A 107 6.98 8.48 8.26
CA LEU A 107 6.62 7.48 7.26
C LEU A 107 7.68 6.38 7.15
N TYR A 108 8.94 6.73 7.35
CA TYR A 108 10.01 5.74 7.33
C TYR A 108 10.08 4.98 8.65
N SER A 109 9.34 5.48 9.64
CA SER A 109 9.18 4.75 10.89
C SER A 109 8.02 3.78 10.74
N LEU A 110 7.07 4.13 9.86
CA LEU A 110 5.96 3.26 9.53
C LEU A 110 6.43 2.18 8.56
N PHE A 111 7.02 2.61 7.45
CA PHE A 111 7.54 1.70 6.44
C PHE A 111 9.05 1.92 6.29
N PRO A 112 9.85 0.99 6.82
CA PRO A 112 11.31 1.12 6.85
C PRO A 112 11.98 0.89 5.49
N TYR A 113 11.20 0.42 4.52
CA TYR A 113 11.72 0.19 3.18
C TYR A 113 11.31 1.32 2.26
N GLY A 114 10.01 1.50 2.13
CA GLY A 114 9.48 2.55 1.30
C GLY A 114 8.00 2.76 1.58
N PRO A 115 7.65 3.91 2.19
CA PRO A 115 6.27 4.20 2.59
C PRO A 115 5.26 3.95 1.48
N ALA A 116 5.48 4.57 0.32
CA ALA A 116 4.57 4.47 -0.80
C ALA A 116 4.63 3.08 -1.42
N LYS A 117 5.85 2.57 -1.59
CA LYS A 117 6.06 1.31 -2.30
C LYS A 117 5.46 0.12 -1.54
N GLN A 118 5.66 0.09 -0.23
CA GLN A 118 5.13 -1.00 0.58
C GLN A 118 3.61 -0.91 0.67
N ALA A 119 3.10 0.31 0.87
CA ALA A 119 1.67 0.52 1.02
C ALA A 119 0.92 0.21 -0.27
N CYS A 120 1.44 0.69 -1.39
CA CYS A 120 0.78 0.47 -2.67
C CYS A 120 0.75 -1.02 -2.98
N ARG A 121 1.82 -1.72 -2.62
CA ARG A 121 1.90 -3.17 -2.79
C ARG A 121 0.72 -3.85 -2.08
N PHE A 122 0.44 -3.43 -0.84
CA PHE A 122 -0.67 -3.99 -0.07
C PHE A 122 -2.00 -3.73 -0.75
N ALA A 123 -2.09 -2.60 -1.45
CA ALA A 123 -3.31 -2.23 -2.16
C ALA A 123 -3.38 -2.89 -3.54
N GLY A 124 -2.26 -3.44 -3.99
CA GLY A 124 -2.20 -4.07 -5.29
C GLY A 124 -1.69 -3.14 -6.37
N LEU A 125 -1.24 -1.97 -5.96
CA LEU A 125 -0.77 -0.96 -6.89
C LEU A 125 0.70 -1.19 -7.22
N PRO A 126 1.03 -1.37 -8.52
CA PRO A 126 2.41 -1.46 -8.98
C PRO A 126 3.17 -0.18 -8.66
N LYS A 127 4.50 -0.27 -8.62
CA LYS A 127 5.35 0.86 -8.23
C LYS A 127 4.99 2.13 -9.00
N PRO A 128 4.38 3.11 -8.29
CA PRO A 128 3.92 4.35 -8.91
C PRO A 128 4.97 5.44 -8.85
N THR A 129 6.19 5.05 -8.55
CA THR A 129 7.29 5.98 -8.40
C THR A 129 7.75 6.53 -9.75
N GLY A 130 7.62 5.71 -10.80
CA GLY A 130 8.06 6.11 -12.12
C GLY A 130 9.54 6.41 -12.13
N CYS A 131 10.34 5.46 -11.64
CA CYS A 131 11.77 5.66 -11.50
C CYS A 131 12.44 5.84 -12.85
N VAL A 132 13.07 6.99 -13.03
CA VAL A 132 13.81 7.27 -14.25
C VAL A 132 15.25 7.64 -13.90
N MET A 21 3.76 -13.95 -15.92
CA MET A 21 3.23 -14.98 -14.99
C MET A 21 2.69 -14.29 -13.74
N ALA A 22 1.94 -15.02 -12.94
CA ALA A 22 1.48 -14.54 -11.65
C ALA A 22 1.26 -15.70 -10.71
N ASP A 23 0.99 -15.39 -9.44
CA ASP A 23 0.78 -16.44 -8.45
C ASP A 23 -0.52 -16.17 -7.69
N THR A 24 -0.76 -16.89 -6.61
CA THR A 24 -2.01 -16.78 -5.88
C THR A 24 -1.79 -16.78 -4.37
N ILE A 25 -2.50 -15.91 -3.67
CA ILE A 25 -2.47 -15.89 -2.21
C ILE A 25 -3.75 -16.48 -1.65
N GLU A 26 -3.62 -17.30 -0.62
CA GLU A 26 -4.76 -17.98 -0.03
C GLU A 26 -5.38 -17.11 1.06
N VAL A 27 -6.57 -16.59 0.78
CA VAL A 27 -7.28 -15.72 1.71
C VAL A 27 -8.71 -16.21 1.89
N ASP A 28 -9.04 -16.64 3.10
CA ASP A 28 -10.39 -17.11 3.44
C ASP A 28 -10.82 -18.28 2.55
N GLY A 29 -9.86 -19.07 2.10
CA GLY A 29 -10.18 -20.22 1.26
C GLY A 29 -10.11 -19.90 -0.21
N LYS A 30 -9.99 -18.62 -0.54
CA LYS A 30 -9.90 -18.19 -1.92
C LYS A 30 -8.44 -18.02 -2.32
N GLN A 31 -8.21 -17.86 -3.61
CA GLN A 31 -6.86 -17.63 -4.12
C GLN A 31 -6.85 -16.42 -5.04
N PHE A 32 -6.29 -15.33 -4.52
CA PHE A 32 -6.23 -14.08 -5.26
C PHE A 32 -4.94 -14.00 -6.06
N ALA A 33 -5.04 -13.60 -7.32
CA ALA A 33 -3.90 -13.54 -8.21
C ALA A 33 -3.01 -12.35 -7.90
N VAL A 34 -1.72 -12.62 -7.68
CA VAL A 34 -0.75 -11.57 -7.44
C VAL A 34 0.35 -11.63 -8.49
N ASP A 35 0.83 -10.46 -8.88
CA ASP A 35 1.86 -10.32 -9.90
C ASP A 35 3.19 -10.89 -9.42
N GLU A 36 4.05 -11.24 -10.37
CA GLU A 36 5.36 -11.82 -10.07
C GLU A 36 6.18 -10.94 -9.11
N GLU A 37 5.97 -9.64 -9.17
CA GLU A 37 6.74 -8.72 -8.33
C GLU A 37 6.14 -8.62 -6.91
N GLY A 38 5.05 -9.34 -6.68
CA GLY A 38 4.50 -9.44 -5.34
C GLY A 38 3.42 -8.42 -5.05
N TYR A 39 2.80 -7.89 -6.09
CA TYR A 39 1.74 -6.90 -5.94
C TYR A 39 0.42 -7.48 -6.42
N LEU A 40 -0.69 -7.03 -5.86
CA LEU A 40 -2.00 -7.56 -6.24
C LEU A 40 -2.32 -7.24 -7.69
N SER A 41 -2.52 -8.27 -8.50
CA SER A 41 -2.79 -8.07 -9.92
C SER A 41 -4.28 -7.96 -10.19
N ASN A 42 -5.09 -8.42 -9.24
CA ASN A 42 -6.53 -8.38 -9.38
C ASN A 42 -7.12 -7.29 -8.50
N LEU A 43 -7.33 -6.12 -9.09
CA LEU A 43 -7.80 -4.96 -8.35
C LEU A 43 -9.32 -4.83 -8.42
N ASN A 44 -9.81 -3.60 -8.21
CA ASN A 44 -11.24 -3.28 -8.26
C ASN A 44 -11.94 -3.71 -6.97
N ASP A 45 -11.54 -4.84 -6.41
CA ASP A 45 -12.12 -5.34 -5.17
C ASP A 45 -11.22 -5.00 -3.98
N TRP A 46 -10.27 -5.90 -3.68
CA TRP A 46 -9.33 -5.75 -2.56
C TRP A 46 -10.06 -5.75 -1.20
N VAL A 47 -9.64 -6.64 -0.32
CA VAL A 47 -10.18 -6.69 1.03
C VAL A 47 -9.06 -6.53 2.05
N PRO A 48 -9.37 -6.02 3.25
CA PRO A 48 -8.38 -5.83 4.32
C PRO A 48 -7.62 -7.11 4.65
N GLY A 49 -8.25 -8.25 4.42
CA GLY A 49 -7.60 -9.53 4.65
C GLY A 49 -6.36 -9.71 3.80
N VAL A 50 -6.35 -9.07 2.63
CA VAL A 50 -5.21 -9.13 1.73
C VAL A 50 -4.00 -8.42 2.34
N ALA A 51 -4.24 -7.24 2.91
CA ALA A 51 -3.19 -6.47 3.52
C ALA A 51 -2.61 -7.20 4.73
N ASP A 52 -3.50 -7.85 5.48
CA ASP A 52 -3.11 -8.66 6.62
C ASP A 52 -2.15 -9.77 6.21
N VAL A 53 -2.55 -10.55 5.20
CA VAL A 53 -1.72 -11.63 4.70
C VAL A 53 -0.42 -11.08 4.12
N MET A 54 -0.52 -9.98 3.36
CA MET A 54 0.63 -9.37 2.72
C MET A 54 1.68 -8.97 3.75
N ALA A 55 1.25 -8.20 4.74
CA ALA A 55 2.16 -7.70 5.78
C ALA A 55 2.71 -8.84 6.63
N LYS A 56 1.82 -9.73 7.06
CA LYS A 56 2.21 -10.88 7.86
C LYS A 56 3.27 -11.71 7.15
N GLN A 57 3.09 -11.88 5.86
CA GLN A 57 4.02 -12.63 5.03
C GLN A 57 5.35 -11.88 4.88
N ASP A 58 5.30 -10.56 4.80
CA ASP A 58 6.51 -9.77 4.54
C ASP A 58 7.20 -9.37 5.83
N ASN A 59 6.67 -9.84 6.95
CA ASN A 59 7.23 -9.56 8.28
C ASN A 59 7.08 -8.08 8.62
N LEU A 60 5.86 -7.59 8.53
CA LEU A 60 5.54 -6.22 8.92
C LEU A 60 4.20 -6.21 9.64
N GLU A 61 4.05 -5.33 10.63
CA GLU A 61 2.80 -5.22 11.35
C GLU A 61 2.11 -3.92 10.98
N LEU A 62 0.78 -3.94 10.93
CA LEU A 62 0.01 -2.77 10.52
C LEU A 62 -0.77 -2.20 11.69
N THR A 63 -0.44 -0.97 12.08
CA THR A 63 -1.21 -0.25 13.07
C THR A 63 -2.21 0.66 12.37
N GLU A 64 -2.93 1.49 13.14
CA GLU A 64 -3.91 2.41 12.56
C GLU A 64 -3.23 3.36 11.59
N GLU A 65 -1.98 3.68 11.91
CA GLU A 65 -1.16 4.53 11.06
C GLU A 65 -0.99 3.90 9.68
N HIS A 66 -0.58 2.63 9.69
CA HIS A 66 -0.38 1.88 8.45
C HIS A 66 -1.70 1.70 7.71
N TRP A 67 -2.73 1.29 8.45
CA TRP A 67 -4.04 1.03 7.84
C TRP A 67 -4.60 2.28 7.16
N ASP A 68 -4.39 3.44 7.76
CA ASP A 68 -4.87 4.69 7.18
C ASP A 68 -4.14 4.98 5.87
N ILE A 69 -2.84 4.73 5.85
CA ILE A 69 -2.04 4.95 4.64
C ILE A 69 -2.48 3.99 3.53
N ILE A 70 -2.71 2.72 3.90
CA ILE A 70 -3.19 1.73 2.97
C ILE A 70 -4.55 2.15 2.40
N ASN A 71 -5.44 2.54 3.31
CA ASN A 71 -6.76 3.06 2.94
C ASN A 71 -6.62 4.28 2.04
N PHE A 72 -5.67 5.14 2.37
CA PHE A 72 -5.42 6.36 1.60
C PHE A 72 -5.04 6.03 0.17
N LEU A 73 -4.24 4.98 -0.02
CA LEU A 73 -3.85 4.58 -1.37
C LEU A 73 -5.00 3.92 -2.10
N ARG A 74 -5.85 3.21 -1.36
CA ARG A 74 -7.04 2.61 -1.94
C ARG A 74 -7.94 3.69 -2.50
N GLU A 75 -8.24 4.71 -1.69
CA GLU A 75 -9.10 5.81 -2.13
C GLU A 75 -8.40 6.65 -3.19
N TYR A 76 -7.08 6.78 -3.07
CA TYR A 76 -6.31 7.56 -4.03
C TYR A 76 -6.35 6.90 -5.39
N TYR A 77 -6.25 5.59 -5.44
CA TYR A 77 -6.35 4.86 -6.69
C TYR A 77 -7.80 4.80 -7.16
N GLU A 78 -8.71 4.65 -6.21
CA GLU A 78 -10.14 4.62 -6.49
C GLU A 78 -10.59 5.89 -7.19
N GLU A 79 -10.09 7.02 -6.72
CA GLU A 79 -10.47 8.31 -7.25
C GLU A 79 -9.51 8.81 -8.32
N TYR A 80 -8.25 8.96 -7.96
CA TYR A 80 -7.26 9.60 -8.84
C TYR A 80 -6.72 8.63 -9.88
N GLN A 81 -6.79 7.33 -9.57
CA GLN A 81 -6.26 6.28 -10.45
C GLN A 81 -4.74 6.39 -10.57
N ILE A 82 -4.12 7.04 -9.59
CA ILE A 82 -2.68 7.28 -9.63
C ILE A 82 -1.99 6.59 -8.45
N ALA A 83 -0.83 6.00 -8.70
CA ALA A 83 0.00 5.44 -7.64
C ALA A 83 1.08 6.43 -7.24
N PRO A 84 0.96 7.03 -6.05
CA PRO A 84 1.89 8.06 -5.59
C PRO A 84 3.28 7.51 -5.24
N ALA A 85 4.31 8.22 -5.70
CA ALA A 85 5.68 7.89 -5.36
C ALA A 85 6.00 8.38 -3.96
N VAL A 86 7.24 8.17 -3.51
CA VAL A 86 7.64 8.54 -2.15
C VAL A 86 7.46 10.03 -1.91
N ARG A 87 7.81 10.83 -2.92
CA ARG A 87 7.70 12.27 -2.83
C ARG A 87 6.23 12.70 -2.74
N VAL A 88 5.39 12.01 -3.50
CA VAL A 88 3.98 12.36 -3.60
C VAL A 88 3.19 11.89 -2.38
N LEU A 89 3.37 10.63 -2.01
CA LEU A 89 2.64 10.04 -0.91
C LEU A 89 2.85 10.81 0.38
N THR A 90 4.10 11.03 0.74
CA THR A 90 4.45 11.73 1.97
C THR A 90 3.76 13.09 2.05
N LYS A 91 3.84 13.86 0.97
CA LYS A 91 3.27 15.19 0.93
C LYS A 91 1.74 15.14 1.05
N ALA A 92 1.14 14.12 0.43
CA ALA A 92 -0.31 13.98 0.42
C ALA A 92 -0.85 13.58 1.79
N VAL A 93 -0.07 12.81 2.54
CA VAL A 93 -0.46 12.39 3.88
C VAL A 93 -0.65 13.59 4.79
N GLY A 94 0.28 14.54 4.70
CA GLY A 94 0.23 15.73 5.53
C GLY A 94 -0.83 16.73 5.08
N LYS A 95 -1.70 16.30 4.19
CA LYS A 95 -2.80 17.13 3.72
C LYS A 95 -4.11 16.67 4.35
N LYS A 96 -4.23 15.37 4.55
CA LYS A 96 -5.45 14.78 5.10
C LYS A 96 -5.31 14.56 6.60
N LEU A 97 -4.22 13.92 7.00
CA LEU A 97 -4.05 13.43 8.35
C LEU A 97 -3.86 14.58 9.33
N GLY A 98 -2.83 15.38 9.12
CA GLY A 98 -2.55 16.47 10.03
C GLY A 98 -1.60 17.48 9.43
N LYS A 99 -1.63 18.70 9.96
CA LYS A 99 -0.77 19.78 9.49
C LYS A 99 0.70 19.44 9.69
N GLU A 100 0.99 18.63 10.69
CA GLU A 100 2.36 18.17 10.92
C GLU A 100 2.39 16.64 11.00
N LYS A 101 1.38 16.02 10.41
CA LYS A 101 1.34 14.56 10.29
C LYS A 101 1.47 14.15 8.84
N GLY A 102 2.71 14.07 8.39
CA GLY A 102 2.98 13.76 7.00
C GLY A 102 4.29 14.34 6.55
N ASN A 103 5.27 14.35 7.44
CA ASN A 103 6.59 14.85 7.13
C ASN A 103 7.51 13.72 6.72
N SER A 104 8.78 14.05 6.49
CA SER A 104 9.76 13.09 5.96
C SER A 104 9.85 11.82 6.82
N LYS A 105 10.33 11.96 8.04
CA LYS A 105 10.59 10.80 8.89
C LYS A 105 9.29 10.06 9.24
N TYR A 106 8.18 10.78 9.20
CA TYR A 106 6.88 10.21 9.51
C TYR A 106 6.60 9.00 8.63
N LEU A 107 6.75 9.18 7.32
CA LEU A 107 6.49 8.11 6.36
C LEU A 107 7.61 7.08 6.38
N TYR A 108 8.85 7.53 6.59
CA TYR A 108 9.99 6.63 6.63
C TYR A 108 9.96 5.73 7.86
N SER A 109 9.34 6.21 8.94
CA SER A 109 9.18 5.39 10.14
C SER A 109 7.98 4.47 10.01
N LEU A 110 7.00 4.87 9.21
CA LEU A 110 5.84 4.03 8.95
C LEU A 110 6.26 2.80 8.15
N PHE A 111 6.89 3.03 7.00
CA PHE A 111 7.31 1.95 6.13
C PHE A 111 8.80 2.04 5.86
N PRO A 112 9.60 1.15 6.48
CA PRO A 112 11.06 1.17 6.36
C PRO A 112 11.55 0.92 4.94
N TYR A 113 10.94 -0.04 4.25
CA TYR A 113 11.36 -0.39 2.90
C TYR A 113 10.61 0.46 1.88
N GLY A 114 10.80 1.77 1.96
CA GLY A 114 10.19 2.67 1.01
C GLY A 114 8.73 2.95 1.33
N PRO A 115 8.41 4.18 1.77
CA PRO A 115 7.04 4.58 2.12
C PRO A 115 6.02 4.15 1.07
N ALA A 116 6.24 4.54 -0.18
CA ALA A 116 5.31 4.24 -1.25
C ALA A 116 5.33 2.76 -1.62
N LYS A 117 6.52 2.17 -1.63
CA LYS A 117 6.70 0.79 -2.07
C LYS A 117 5.91 -0.17 -1.18
N GLN A 118 6.15 -0.09 0.12
CA GLN A 118 5.47 -0.97 1.07
C GLN A 118 3.96 -0.69 1.08
N ALA A 119 3.60 0.58 1.20
CA ALA A 119 2.20 0.96 1.31
C ALA A 119 1.40 0.52 0.09
N CYS A 120 1.96 0.70 -1.11
CA CYS A 120 1.25 0.34 -2.32
C CYS A 120 1.05 -1.17 -2.41
N ARG A 121 2.05 -1.94 -1.95
CA ARG A 121 1.95 -3.39 -1.99
C ARG A 121 0.79 -3.90 -1.14
N PHE A 122 0.57 -3.24 0.00
CA PHE A 122 -0.52 -3.62 0.89
C PHE A 122 -1.86 -3.20 0.33
N ALA A 123 -1.88 -2.03 -0.33
CA ALA A 123 -3.09 -1.51 -0.94
C ALA A 123 -3.44 -2.28 -2.20
N GLY A 124 -2.50 -3.11 -2.66
CA GLY A 124 -2.74 -3.93 -3.83
C GLY A 124 -2.29 -3.26 -5.11
N LEU A 125 -1.67 -2.10 -4.98
CA LEU A 125 -1.26 -1.33 -6.13
C LEU A 125 0.02 -1.91 -6.73
N PRO A 126 0.11 -1.93 -8.08
CA PRO A 126 1.30 -2.42 -8.78
C PRO A 126 2.52 -1.54 -8.49
N LYS A 127 3.70 -2.10 -8.73
CA LYS A 127 4.96 -1.42 -8.44
C LYS A 127 5.07 -0.09 -9.18
N PRO A 128 5.01 1.04 -8.45
CA PRO A 128 5.06 2.36 -9.03
C PRO A 128 6.46 2.97 -9.05
N THR A 129 6.69 3.87 -9.98
CA THR A 129 7.95 4.60 -10.07
C THR A 129 7.77 5.81 -10.98
N GLY A 130 8.65 6.80 -10.83
CA GLY A 130 8.55 8.01 -11.62
C GLY A 130 9.57 8.05 -12.74
N CYS A 131 9.46 7.09 -13.65
CA CYS A 131 10.38 7.03 -14.79
C CYS A 131 10.03 8.10 -15.81
N VAL A 132 8.73 8.34 -15.97
CA VAL A 132 8.25 9.39 -16.85
C VAL A 132 8.07 10.70 -16.09
N MET A 21 8.27 -17.51 -10.60
CA MET A 21 6.87 -17.63 -11.02
C MET A 21 5.97 -16.85 -10.07
N ALA A 22 4.71 -16.69 -10.45
CA ALA A 22 3.73 -16.02 -9.60
C ALA A 22 2.99 -17.04 -8.75
N ASP A 23 2.43 -16.59 -7.64
CA ASP A 23 1.79 -17.50 -6.69
C ASP A 23 0.38 -17.02 -6.36
N THR A 24 -0.30 -17.74 -5.48
CA THR A 24 -1.68 -17.43 -5.15
C THR A 24 -1.92 -17.58 -3.65
N ILE A 25 -2.33 -16.48 -3.01
CA ILE A 25 -2.58 -16.50 -1.58
C ILE A 25 -4.05 -16.77 -1.29
N GLU A 26 -4.31 -17.62 -0.31
CA GLU A 26 -5.66 -17.94 0.09
C GLU A 26 -6.12 -17.02 1.21
N VAL A 27 -7.05 -16.14 0.88
CA VAL A 27 -7.63 -15.24 1.87
C VAL A 27 -9.09 -15.60 2.11
N ASP A 28 -9.27 -16.59 2.98
CA ASP A 28 -10.59 -17.11 3.35
C ASP A 28 -11.53 -17.25 2.15
N GLY A 29 -11.36 -18.33 1.39
CA GLY A 29 -12.24 -18.60 0.27
C GLY A 29 -11.77 -17.95 -1.03
N LYS A 30 -11.07 -16.82 -0.92
CA LYS A 30 -10.63 -16.10 -2.10
C LYS A 30 -9.17 -16.38 -2.41
N GLN A 31 -8.90 -16.69 -3.66
CA GLN A 31 -7.54 -16.95 -4.12
C GLN A 31 -7.00 -15.75 -4.87
N PHE A 32 -6.09 -15.02 -4.24
CA PHE A 32 -5.56 -13.81 -4.85
C PHE A 32 -4.21 -14.10 -5.50
N ALA A 33 -4.14 -13.87 -6.80
CA ALA A 33 -2.91 -14.05 -7.54
C ALA A 33 -1.94 -12.92 -7.26
N VAL A 34 -0.72 -13.26 -6.87
CA VAL A 34 0.31 -12.28 -6.63
C VAL A 34 1.50 -12.54 -7.55
N ASP A 35 2.10 -11.47 -8.04
CA ASP A 35 3.18 -11.61 -9.02
C ASP A 35 4.51 -11.90 -8.34
N GLU A 36 5.57 -11.95 -9.13
CA GLU A 36 6.88 -12.37 -8.63
C GLU A 36 7.52 -11.25 -7.80
N GLU A 37 7.06 -10.02 -7.98
CA GLU A 37 7.55 -8.89 -7.20
C GLU A 37 6.70 -8.71 -5.93
N GLY A 38 5.70 -9.56 -5.78
CA GLY A 38 4.92 -9.60 -4.56
C GLY A 38 3.79 -8.58 -4.51
N TYR A 39 3.25 -8.25 -5.66
CA TYR A 39 2.12 -7.31 -5.73
C TYR A 39 0.84 -8.05 -6.11
N LEU A 40 -0.29 -7.50 -5.71
CA LEU A 40 -1.59 -8.06 -6.02
C LEU A 40 -1.90 -7.87 -7.51
N SER A 41 -2.08 -8.98 -8.22
CA SER A 41 -2.32 -8.92 -9.67
C SER A 41 -3.81 -8.73 -9.97
N ASN A 42 -4.66 -9.07 -9.01
CA ASN A 42 -6.10 -8.95 -9.20
C ASN A 42 -6.64 -7.78 -8.39
N LEU A 43 -7.01 -6.71 -9.08
CA LEU A 43 -7.44 -5.48 -8.42
C LEU A 43 -8.95 -5.42 -8.29
N ASN A 44 -9.42 -4.29 -7.76
CA ASN A 44 -10.85 -3.95 -7.61
C ASN A 44 -11.67 -5.04 -6.91
N ASP A 45 -10.98 -5.92 -6.20
CA ASP A 45 -11.65 -6.88 -5.33
C ASP A 45 -11.19 -6.63 -3.90
N TRP A 46 -9.88 -6.80 -3.71
CA TRP A 46 -9.12 -6.38 -2.50
C TRP A 46 -9.92 -6.43 -1.20
N VAL A 47 -9.64 -7.42 -0.38
CA VAL A 47 -10.19 -7.49 0.95
C VAL A 47 -9.09 -7.16 1.96
N PRO A 48 -9.46 -6.64 3.15
CA PRO A 48 -8.49 -6.28 4.19
C PRO A 48 -7.54 -7.41 4.53
N GLY A 49 -8.01 -8.65 4.40
CA GLY A 49 -7.18 -9.80 4.67
C GLY A 49 -5.97 -9.89 3.77
N VAL A 50 -6.10 -9.38 2.54
CA VAL A 50 -4.99 -9.40 1.58
C VAL A 50 -3.80 -8.65 2.14
N ALA A 51 -4.05 -7.43 2.61
CA ALA A 51 -3.00 -6.57 3.13
C ALA A 51 -2.38 -7.19 4.38
N ASP A 52 -3.21 -7.80 5.21
CA ASP A 52 -2.74 -8.43 6.45
C ASP A 52 -1.80 -9.60 6.13
N VAL A 53 -2.29 -10.54 5.34
CA VAL A 53 -1.52 -11.74 5.01
C VAL A 53 -0.23 -11.37 4.26
N MET A 54 -0.31 -10.35 3.41
CA MET A 54 0.84 -9.90 2.64
C MET A 54 1.89 -9.26 3.56
N ALA A 55 1.42 -8.44 4.51
CA ALA A 55 2.30 -7.76 5.44
C ALA A 55 3.11 -8.75 6.28
N LYS A 56 2.45 -9.83 6.70
CA LYS A 56 3.11 -10.86 7.49
C LYS A 56 4.24 -11.53 6.69
N GLN A 57 4.06 -11.60 5.39
CA GLN A 57 5.04 -12.23 4.51
C GLN A 57 6.26 -11.33 4.32
N ASP A 58 6.07 -10.04 4.49
CA ASP A 58 7.17 -9.08 4.28
C ASP A 58 7.76 -8.65 5.62
N ASN A 59 7.21 -9.19 6.69
CA ASN A 59 7.67 -8.91 8.05
C ASN A 59 7.33 -7.48 8.45
N LEU A 60 6.09 -7.09 8.21
CA LEU A 60 5.63 -5.76 8.58
C LEU A 60 4.27 -5.83 9.25
N GLU A 61 4.07 -5.02 10.27
CA GLU A 61 2.79 -4.96 10.97
C GLU A 61 1.98 -3.77 10.47
N LEU A 62 0.66 -3.88 10.57
CA LEU A 62 -0.23 -2.83 10.11
C LEU A 62 -1.06 -2.27 11.26
N THR A 63 -0.77 -1.04 11.65
CA THR A 63 -1.51 -0.37 12.69
C THR A 63 -2.63 0.47 12.08
N GLU A 64 -3.37 1.17 12.92
CA GLU A 64 -4.43 2.07 12.46
C GLU A 64 -3.86 3.14 11.54
N GLU A 65 -2.60 3.50 11.80
CA GLU A 65 -1.90 4.50 10.99
C GLU A 65 -1.58 3.91 9.62
N HIS A 66 -1.09 2.67 9.62
CA HIS A 66 -0.77 1.97 8.37
C HIS A 66 -2.03 1.79 7.53
N TRP A 67 -3.10 1.33 8.16
CA TRP A 67 -4.37 1.11 7.47
C TRP A 67 -4.89 2.41 6.86
N ASP A 68 -4.67 3.53 7.55
CA ASP A 68 -5.15 4.82 7.07
C ASP A 68 -4.38 5.23 5.81
N ILE A 69 -3.08 4.94 5.79
CA ILE A 69 -2.24 5.23 4.63
C ILE A 69 -2.66 4.36 3.45
N ILE A 70 -2.87 3.08 3.71
CA ILE A 70 -3.35 2.16 2.69
C ILE A 70 -4.70 2.62 2.15
N ASN A 71 -5.58 3.00 3.08
CA ASN A 71 -6.89 3.54 2.72
C ASN A 71 -6.74 4.79 1.86
N PHE A 72 -5.84 5.67 2.27
CA PHE A 72 -5.61 6.92 1.56
C PHE A 72 -5.20 6.66 0.11
N LEU A 73 -4.31 5.70 -0.09
CA LEU A 73 -3.89 5.32 -1.43
C LEU A 73 -5.04 4.70 -2.21
N ARG A 74 -5.86 3.91 -1.54
CA ARG A 74 -7.01 3.29 -2.17
C ARG A 74 -7.95 4.37 -2.69
N GLU A 75 -8.29 5.32 -1.82
CA GLU A 75 -9.17 6.42 -2.18
C GLU A 75 -8.55 7.26 -3.30
N TYR A 76 -7.27 7.57 -3.14
CA TYR A 76 -6.57 8.43 -4.09
C TYR A 76 -6.59 7.81 -5.48
N TYR A 77 -6.22 6.53 -5.58
CA TYR A 77 -6.16 5.86 -6.88
C TYR A 77 -7.56 5.59 -7.41
N GLU A 78 -8.48 5.22 -6.54
CA GLU A 78 -9.84 4.89 -6.98
C GLU A 78 -10.59 6.13 -7.46
N GLU A 79 -10.32 7.27 -6.83
CA GLU A 79 -11.03 8.49 -7.17
C GLU A 79 -10.33 9.28 -8.28
N TYR A 80 -9.00 9.35 -8.24
CA TYR A 80 -8.27 10.18 -9.20
C TYR A 80 -7.60 9.35 -10.29
N GLN A 81 -7.56 8.04 -10.08
CA GLN A 81 -6.99 7.08 -11.04
C GLN A 81 -5.49 7.30 -11.21
N ILE A 82 -4.85 7.89 -10.21
CA ILE A 82 -3.41 8.12 -10.26
C ILE A 82 -2.73 7.58 -9.00
N ALA A 83 -1.68 6.80 -9.20
CA ALA A 83 -0.90 6.28 -8.10
C ALA A 83 0.31 7.18 -7.84
N PRO A 84 0.28 7.91 -6.72
CA PRO A 84 1.36 8.85 -6.39
C PRO A 84 2.60 8.15 -5.85
N ALA A 85 3.77 8.68 -6.20
CA ALA A 85 5.03 8.16 -5.70
C ALA A 85 5.32 8.73 -4.32
N VAL A 86 6.50 8.39 -3.77
CA VAL A 86 6.88 8.79 -2.41
C VAL A 86 6.63 10.28 -2.14
N ARG A 87 7.23 11.14 -2.96
CA ARG A 87 7.15 12.59 -2.73
C ARG A 87 5.70 13.08 -2.74
N VAL A 88 4.93 12.62 -3.72
CA VAL A 88 3.56 13.10 -3.89
C VAL A 88 2.65 12.56 -2.78
N LEU A 89 2.76 11.27 -2.50
CA LEU A 89 1.95 10.63 -1.47
C LEU A 89 2.21 11.25 -0.11
N THR A 90 3.49 11.34 0.25
CA THR A 90 3.89 11.85 1.55
C THR A 90 3.46 13.31 1.74
N LYS A 91 3.38 14.04 0.64
CA LYS A 91 2.96 15.44 0.67
C LYS A 91 1.46 15.54 0.95
N ALA A 92 0.70 14.58 0.44
CA ALA A 92 -0.74 14.57 0.61
C ALA A 92 -1.14 14.05 1.99
N VAL A 93 -0.30 13.20 2.57
CA VAL A 93 -0.54 12.67 3.91
C VAL A 93 -0.61 13.79 4.94
N GLY A 94 0.21 14.81 4.74
CA GLY A 94 0.28 15.92 5.68
C GLY A 94 -0.97 16.78 5.70
N LYS A 95 -1.85 16.57 4.73
CA LYS A 95 -3.09 17.34 4.65
C LYS A 95 -4.22 16.59 5.34
N LYS A 96 -4.08 15.28 5.46
CA LYS A 96 -5.10 14.45 6.10
C LYS A 96 -4.66 14.10 7.53
N LEU A 97 -3.54 13.39 7.62
CA LEU A 97 -3.06 12.88 8.89
C LEU A 97 -2.44 14.01 9.71
N GLY A 98 -1.82 14.95 9.02
CA GLY A 98 -1.28 16.12 9.68
C GLY A 98 0.19 16.30 9.41
N LYS A 99 0.73 17.44 9.85
CA LYS A 99 2.14 17.72 9.70
C LYS A 99 2.94 16.97 10.76
N GLU A 100 4.19 16.63 10.43
CA GLU A 100 5.05 15.77 11.26
C GLU A 100 4.61 14.32 11.16
N LYS A 101 3.29 14.09 11.11
CA LYS A 101 2.75 12.79 10.76
C LYS A 101 2.76 12.64 9.25
N GLY A 102 3.22 13.69 8.58
CA GLY A 102 3.44 13.67 7.17
C GLY A 102 4.77 14.28 6.83
N ASN A 103 5.18 14.19 5.57
CA ASN A 103 6.47 14.71 5.12
C ASN A 103 7.66 13.98 5.75
N SER A 104 8.14 12.97 5.02
CA SER A 104 9.38 12.26 5.34
C SER A 104 9.25 11.40 6.60
N LYS A 105 9.36 12.04 7.78
CA LYS A 105 9.54 11.35 9.06
C LYS A 105 8.56 10.18 9.26
N TYR A 106 7.29 10.50 9.40
CA TYR A 106 6.30 9.52 9.81
C TYR A 106 6.17 8.39 8.78
N LEU A 107 6.32 8.72 7.50
CA LEU A 107 6.18 7.73 6.44
C LEU A 107 7.31 6.71 6.49
N TYR A 108 8.52 7.19 6.75
CA TYR A 108 9.68 6.32 6.88
C TYR A 108 9.67 5.59 8.22
N SER A 109 8.93 6.13 9.17
CA SER A 109 8.79 5.51 10.48
C SER A 109 7.71 4.44 10.44
N LEU A 110 6.71 4.63 9.58
CA LEU A 110 5.65 3.64 9.41
C LEU A 110 6.14 2.49 8.55
N PHE A 111 6.72 2.82 7.40
CA PHE A 111 7.20 1.80 6.48
C PHE A 111 8.71 1.90 6.32
N PRO A 112 9.48 1.14 7.13
CA PRO A 112 10.94 1.15 7.07
C PRO A 112 11.47 0.47 5.81
N TYR A 113 10.58 -0.25 5.13
CA TYR A 113 10.95 -0.95 3.91
C TYR A 113 10.62 -0.10 2.68
N GLY A 114 10.17 1.12 2.92
CA GLY A 114 9.82 2.02 1.83
C GLY A 114 8.38 2.48 1.92
N PRO A 115 8.17 3.77 2.24
CA PRO A 115 6.82 4.35 2.43
C PRO A 115 5.84 3.98 1.31
N ALA A 116 6.11 4.48 0.11
CA ALA A 116 5.22 4.24 -1.02
C ALA A 116 5.26 2.78 -1.45
N LYS A 117 6.45 2.18 -1.40
CA LYS A 117 6.65 0.79 -1.82
C LYS A 117 5.69 -0.15 -1.08
N GLN A 118 5.71 -0.07 0.24
CA GLN A 118 4.90 -0.95 1.06
C GLN A 118 3.43 -0.59 0.97
N ALA A 119 3.13 0.70 1.09
CA ALA A 119 1.76 1.17 1.10
C ALA A 119 1.01 0.77 -0.18
N CYS A 120 1.63 0.99 -1.34
CA CYS A 120 0.98 0.65 -2.60
C CYS A 120 0.91 -0.86 -2.77
N ARG A 121 1.92 -1.55 -2.27
CA ARG A 121 1.97 -3.01 -2.36
C ARG A 121 0.77 -3.64 -1.65
N PHE A 122 0.52 -3.21 -0.42
CA PHE A 122 -0.58 -3.73 0.37
C PHE A 122 -1.93 -3.32 -0.22
N ALA A 123 -1.94 -2.17 -0.89
CA ALA A 123 -3.15 -1.67 -1.53
C ALA A 123 -3.40 -2.38 -2.86
N GLY A 124 -2.39 -3.08 -3.35
CA GLY A 124 -2.54 -3.83 -4.59
C GLY A 124 -2.04 -3.06 -5.79
N LEU A 125 -1.60 -1.84 -5.58
CA LEU A 125 -1.13 -0.98 -6.66
C LEU A 125 0.11 -1.57 -7.31
N PRO A 126 0.06 -1.82 -8.63
CA PRO A 126 1.14 -2.47 -9.37
C PRO A 126 2.33 -1.55 -9.65
N LYS A 127 2.78 -0.86 -8.60
CA LYS A 127 3.92 0.06 -8.66
C LYS A 127 3.57 1.37 -9.37
N PRO A 128 3.78 2.50 -8.67
CA PRO A 128 3.58 3.83 -9.25
C PRO A 128 4.64 4.14 -10.30
N THR A 129 4.29 4.99 -11.26
CA THR A 129 5.20 5.33 -12.35
C THR A 129 6.38 6.14 -11.85
N GLY A 130 6.14 6.97 -10.84
CA GLY A 130 7.21 7.73 -10.23
C GLY A 130 6.89 9.21 -10.12
N CYS A 131 7.76 9.93 -9.43
CA CYS A 131 7.61 11.37 -9.26
C CYS A 131 8.80 12.11 -9.86
N VAL A 132 9.42 11.47 -10.85
CA VAL A 132 10.59 12.03 -11.49
C VAL A 132 10.42 12.02 -13.01
N MET A 21 6.47 -16.59 -8.55
CA MET A 21 6.27 -16.63 -10.02
C MET A 21 4.84 -16.27 -10.39
N ALA A 22 4.49 -14.99 -10.23
CA ALA A 22 3.11 -14.53 -10.39
C ALA A 22 2.17 -15.41 -9.60
N ASP A 23 2.35 -15.38 -8.29
CA ASP A 23 1.74 -16.35 -7.40
C ASP A 23 0.34 -15.92 -6.97
N THR A 24 -0.19 -16.63 -5.99
CA THR A 24 -1.49 -16.34 -5.43
C THR A 24 -1.46 -16.39 -3.92
N ILE A 25 -2.12 -15.45 -3.27
CA ILE A 25 -2.19 -15.44 -1.82
C ILE A 25 -3.51 -16.04 -1.35
N GLU A 26 -3.46 -16.81 -0.26
CA GLU A 26 -4.64 -17.45 0.26
C GLU A 26 -5.23 -16.63 1.40
N VAL A 27 -6.36 -16.00 1.13
CA VAL A 27 -7.06 -15.20 2.12
C VAL A 27 -8.38 -15.88 2.50
N ASP A 28 -8.37 -16.55 3.64
CA ASP A 28 -9.56 -17.23 4.16
C ASP A 28 -10.08 -18.26 3.17
N GLY A 29 -9.18 -19.18 2.79
CA GLY A 29 -9.56 -20.27 1.90
C GLY A 29 -9.57 -19.88 0.43
N LYS A 30 -9.67 -18.60 0.16
CA LYS A 30 -9.78 -18.11 -1.21
C LYS A 30 -8.46 -17.51 -1.67
N GLN A 31 -8.13 -17.73 -2.94
CA GLN A 31 -6.86 -17.27 -3.47
C GLN A 31 -7.04 -16.05 -4.34
N PHE A 32 -6.17 -15.07 -4.13
CA PHE A 32 -6.17 -13.86 -4.93
C PHE A 32 -4.87 -13.76 -5.73
N ALA A 33 -5.01 -13.42 -7.01
CA ALA A 33 -3.87 -13.33 -7.91
C ALA A 33 -2.99 -12.13 -7.59
N VAL A 34 -1.71 -12.39 -7.39
CA VAL A 34 -0.73 -11.34 -7.11
C VAL A 34 0.44 -11.46 -8.07
N ASP A 35 1.31 -10.46 -8.09
CA ASP A 35 2.49 -10.51 -8.94
C ASP A 35 3.64 -11.15 -8.18
N GLU A 36 4.82 -11.19 -8.79
CA GLU A 36 5.96 -11.88 -8.22
C GLU A 36 6.48 -11.16 -6.97
N GLU A 37 6.14 -9.89 -6.82
CA GLU A 37 6.47 -9.14 -5.61
C GLU A 37 5.40 -9.36 -4.55
N GLY A 38 4.18 -9.60 -4.99
CA GLY A 38 3.08 -9.81 -4.08
C GLY A 38 1.96 -8.81 -4.28
N TYR A 39 2.13 -7.91 -5.24
CA TYR A 39 1.13 -6.88 -5.52
C TYR A 39 -0.15 -7.52 -6.02
N LEU A 40 -1.27 -7.20 -5.37
CA LEU A 40 -2.59 -7.68 -5.78
C LEU A 40 -2.83 -7.32 -7.24
N SER A 41 -2.71 -8.31 -8.12
CA SER A 41 -2.85 -8.08 -9.54
C SER A 41 -4.28 -8.35 -10.00
N ASN A 42 -5.12 -8.79 -9.08
CA ASN A 42 -6.54 -8.93 -9.34
C ASN A 42 -7.28 -7.82 -8.60
N LEU A 43 -7.32 -6.64 -9.20
CA LEU A 43 -7.87 -5.48 -8.54
C LEU A 43 -9.36 -5.34 -8.82
N ASN A 44 -10.15 -5.96 -7.96
CA ASN A 44 -11.61 -5.85 -8.06
C ASN A 44 -12.13 -4.78 -7.12
N ASP A 45 -11.50 -4.69 -5.95
CA ASP A 45 -11.88 -3.71 -4.93
C ASP A 45 -10.81 -3.65 -3.86
N TRP A 46 -10.24 -4.80 -3.53
CA TRP A 46 -9.23 -4.95 -2.48
C TRP A 46 -9.87 -4.97 -1.10
N VAL A 47 -9.61 -6.04 -0.36
CA VAL A 47 -10.12 -6.17 0.99
C VAL A 47 -8.94 -6.20 1.98
N PRO A 48 -9.16 -5.74 3.22
CA PRO A 48 -8.11 -5.70 4.26
C PRO A 48 -7.36 -7.01 4.41
N GLY A 49 -8.07 -8.13 4.23
CA GLY A 49 -7.45 -9.45 4.32
C GLY A 49 -6.29 -9.62 3.35
N VAL A 50 -6.40 -9.01 2.18
CA VAL A 50 -5.34 -9.08 1.18
C VAL A 50 -4.05 -8.48 1.73
N ALA A 51 -4.17 -7.30 2.32
CA ALA A 51 -3.02 -6.62 2.89
C ALA A 51 -2.52 -7.35 4.13
N ASP A 52 -3.46 -7.87 4.93
CA ASP A 52 -3.13 -8.58 6.15
C ASP A 52 -2.25 -9.80 5.88
N VAL A 53 -2.72 -10.67 5.00
CA VAL A 53 -1.99 -11.89 4.66
C VAL A 53 -0.64 -11.54 4.02
N MET A 54 -0.65 -10.49 3.22
CA MET A 54 0.56 -10.06 2.51
C MET A 54 1.59 -9.51 3.49
N ALA A 55 1.14 -8.67 4.42
CA ALA A 55 2.03 -8.06 5.40
C ALA A 55 2.70 -9.11 6.27
N LYS A 56 1.99 -10.19 6.54
CA LYS A 56 2.54 -11.28 7.34
C LYS A 56 3.64 -12.02 6.58
N GLN A 57 3.64 -11.88 5.26
CA GLN A 57 4.68 -12.46 4.43
C GLN A 57 5.82 -11.46 4.20
N ASP A 58 5.46 -10.18 4.18
CA ASP A 58 6.44 -9.11 4.00
C ASP A 58 7.16 -8.84 5.31
N ASN A 59 6.60 -9.40 6.39
CA ASN A 59 7.16 -9.27 7.74
C ASN A 59 7.00 -7.85 8.25
N LEU A 60 5.81 -7.30 8.09
CA LEU A 60 5.50 -5.97 8.57
C LEU A 60 4.16 -5.97 9.31
N GLU A 61 4.08 -5.21 10.38
CA GLU A 61 2.84 -5.10 11.14
C GLU A 61 1.91 -4.08 10.51
N LEU A 62 0.63 -4.38 10.48
CA LEU A 62 -0.36 -3.44 9.98
C LEU A 62 -1.07 -2.77 11.15
N THR A 63 -0.58 -1.61 11.53
CA THR A 63 -1.19 -0.83 12.58
C THR A 63 -2.12 0.20 11.95
N GLU A 64 -2.97 0.84 12.75
CA GLU A 64 -3.92 1.84 12.25
C GLU A 64 -3.21 2.90 11.41
N GLU A 65 -1.97 3.20 11.77
CA GLU A 65 -1.12 4.08 10.97
C GLU A 65 -1.00 3.54 9.55
N HIS A 66 -0.49 2.32 9.44
CA HIS A 66 -0.25 1.67 8.16
C HIS A 66 -1.56 1.50 7.38
N TRP A 67 -2.61 1.12 8.09
CA TRP A 67 -3.92 0.89 7.46
C TRP A 67 -4.39 2.13 6.72
N ASP A 68 -4.23 3.31 7.32
CA ASP A 68 -4.71 4.53 6.70
C ASP A 68 -3.80 4.97 5.57
N ILE A 69 -2.52 4.62 5.67
CA ILE A 69 -1.57 4.88 4.58
C ILE A 69 -1.98 4.11 3.35
N ILE A 70 -2.29 2.83 3.54
CA ILE A 70 -2.78 1.97 2.47
C ILE A 70 -4.15 2.47 2.00
N ASN A 71 -4.98 2.86 2.96
CA ASN A 71 -6.31 3.40 2.69
C ASN A 71 -6.21 4.62 1.78
N PHE A 72 -5.35 5.56 2.16
CA PHE A 72 -5.17 6.79 1.40
C PHE A 72 -4.68 6.48 -0.02
N LEU A 73 -3.85 5.45 -0.16
CA LEU A 73 -3.39 5.04 -1.47
C LEU A 73 -4.56 4.54 -2.31
N ARG A 74 -5.50 3.86 -1.67
CA ARG A 74 -6.72 3.47 -2.37
C ARG A 74 -7.52 4.70 -2.72
N GLU A 75 -7.72 5.59 -1.74
CA GLU A 75 -8.47 6.82 -1.94
C GLU A 75 -7.93 7.60 -3.14
N TYR A 76 -6.61 7.70 -3.21
CA TYR A 76 -5.96 8.49 -4.26
C TYR A 76 -6.08 7.81 -5.62
N TYR A 77 -5.90 6.49 -5.66
CA TYR A 77 -5.93 5.76 -6.92
C TYR A 77 -7.36 5.55 -7.41
N GLU A 78 -8.26 5.27 -6.49
CA GLU A 78 -9.65 4.99 -6.82
C GLU A 78 -10.36 6.27 -7.31
N GLU A 79 -9.92 7.42 -6.81
CA GLU A 79 -10.50 8.68 -7.24
C GLU A 79 -9.68 9.28 -8.38
N TYR A 80 -8.43 9.64 -8.09
CA TYR A 80 -7.60 10.39 -9.03
C TYR A 80 -7.08 9.49 -10.15
N GLN A 81 -7.28 8.17 -10.00
CA GLN A 81 -6.90 7.18 -11.02
C GLN A 81 -5.38 7.11 -11.21
N ILE A 82 -4.64 7.58 -10.21
CA ILE A 82 -3.19 7.59 -10.29
C ILE A 82 -2.57 7.14 -8.98
N ALA A 83 -1.45 6.42 -9.06
CA ALA A 83 -0.73 5.98 -7.88
C ALA A 83 0.51 6.83 -7.68
N PRO A 84 0.62 7.49 -6.52
CA PRO A 84 1.71 8.43 -6.24
C PRO A 84 3.00 7.77 -5.74
N ALA A 85 4.08 8.53 -5.78
CA ALA A 85 5.38 8.06 -5.29
C ALA A 85 5.61 8.50 -3.85
N VAL A 86 6.75 8.13 -3.28
CA VAL A 86 7.06 8.44 -1.88
C VAL A 86 6.93 9.93 -1.59
N ARG A 87 7.52 10.75 -2.45
CA ARG A 87 7.48 12.21 -2.28
C ARG A 87 6.04 12.71 -2.17
N VAL A 88 5.22 12.31 -3.13
CA VAL A 88 3.85 12.77 -3.20
C VAL A 88 3.03 12.27 -2.03
N LEU A 89 3.15 10.98 -1.73
CA LEU A 89 2.40 10.36 -0.65
C LEU A 89 2.65 11.06 0.69
N THR A 90 3.92 11.13 1.08
CA THR A 90 4.31 11.69 2.38
C THR A 90 3.78 13.12 2.57
N LYS A 91 3.77 13.90 1.50
CA LYS A 91 3.31 15.28 1.56
C LYS A 91 1.79 15.38 1.48
N ALA A 92 1.18 14.41 0.80
CA ALA A 92 -0.27 14.39 0.65
C ALA A 92 -0.96 13.94 1.93
N VAL A 93 -0.23 13.21 2.75
CA VAL A 93 -0.72 12.77 4.05
C VAL A 93 -1.12 13.98 4.91
N GLY A 94 -0.45 15.10 4.66
CA GLY A 94 -0.71 16.32 5.42
C GLY A 94 -2.06 16.94 5.11
N LYS A 95 -2.72 16.45 4.07
CA LYS A 95 -4.03 16.96 3.68
C LYS A 95 -5.14 16.02 4.16
N LYS A 96 -4.79 14.78 4.45
CA LYS A 96 -5.79 13.75 4.68
C LYS A 96 -5.72 13.20 6.12
N LEU A 97 -4.51 13.08 6.65
CA LEU A 97 -4.34 12.54 7.99
C LEU A 97 -4.16 13.67 9.01
N GLY A 98 -3.31 14.63 8.67
CA GLY A 98 -3.06 15.75 9.54
C GLY A 98 -1.90 16.59 9.05
N LYS A 99 -1.94 17.89 9.31
CA LYS A 99 -0.94 18.81 8.75
C LYS A 99 0.42 18.65 9.42
N GLU A 100 0.44 17.99 10.57
CA GLU A 100 1.68 17.72 11.27
C GLU A 100 2.38 16.56 10.59
N LYS A 101 1.61 15.74 9.91
CA LYS A 101 2.12 14.57 9.25
C LYS A 101 2.59 14.94 7.84
N GLY A 102 3.89 14.92 7.64
CA GLY A 102 4.44 15.33 6.36
C GLY A 102 5.93 15.14 6.30
N ASN A 103 6.59 15.15 7.45
CA ASN A 103 8.01 14.85 7.52
C ASN A 103 8.28 13.42 7.08
N SER A 104 9.36 13.22 6.34
CA SER A 104 9.73 11.89 5.88
C SER A 104 9.97 10.96 7.07
N LYS A 105 10.36 11.56 8.19
CA LYS A 105 10.55 10.82 9.46
C LYS A 105 9.36 9.89 9.72
N TYR A 106 8.16 10.41 9.53
CA TYR A 106 6.93 9.69 9.84
C TYR A 106 6.84 8.40 9.03
N LEU A 107 6.87 8.54 7.72
CA LEU A 107 6.67 7.42 6.81
C LEU A 107 7.85 6.44 6.86
N TYR A 108 9.05 6.96 7.05
CA TYR A 108 10.24 6.13 7.07
C TYR A 108 10.41 5.41 8.42
N SER A 109 9.57 5.76 9.38
CA SER A 109 9.51 5.03 10.64
C SER A 109 8.45 3.96 10.58
N LEU A 110 7.39 4.21 9.80
CA LEU A 110 6.33 3.24 9.62
C LEU A 110 6.76 2.13 8.65
N PHE A 111 7.38 2.52 7.55
CA PHE A 111 7.82 1.58 6.54
C PHE A 111 9.33 1.70 6.31
N PRO A 112 10.11 0.75 6.85
CA PRO A 112 11.57 0.76 6.75
C PRO A 112 12.08 0.27 5.40
N TYR A 113 11.17 -0.20 4.55
CA TYR A 113 11.56 -0.74 3.25
C TYR A 113 10.91 0.06 2.11
N GLY A 114 10.41 1.24 2.44
CA GLY A 114 9.79 2.08 1.43
C GLY A 114 8.33 2.35 1.70
N PRO A 115 8.01 3.54 2.23
CA PRO A 115 6.63 3.91 2.59
C PRO A 115 5.63 3.64 1.50
N ALA A 116 5.83 4.27 0.35
CA ALA A 116 4.90 4.13 -0.75
C ALA A 116 4.94 2.74 -1.36
N LYS A 117 6.13 2.14 -1.39
CA LYS A 117 6.31 0.86 -2.08
C LYS A 117 5.67 -0.29 -1.32
N GLN A 118 5.86 -0.35 -0.01
CA GLN A 118 5.26 -1.41 0.79
C GLN A 118 3.74 -1.23 0.84
N ALA A 119 3.31 0.00 1.04
CA ALA A 119 1.88 0.31 1.16
C ALA A 119 1.12 -0.02 -0.13
N CYS A 120 1.67 0.38 -1.28
CA CYS A 120 1.01 0.13 -2.55
C CYS A 120 1.04 -1.35 -2.88
N ARG A 121 2.06 -2.05 -2.36
CA ARG A 121 2.14 -3.50 -2.51
C ARG A 121 0.93 -4.15 -1.85
N PHE A 122 0.67 -3.75 -0.60
CA PHE A 122 -0.43 -4.31 0.17
C PHE A 122 -1.77 -3.94 -0.46
N ALA A 123 -1.84 -2.75 -1.05
CA ALA A 123 -3.06 -2.26 -1.69
C ALA A 123 -3.29 -2.90 -3.05
N GLY A 124 -2.22 -3.38 -3.67
CA GLY A 124 -2.34 -4.00 -4.96
C GLY A 124 -2.24 -3.00 -6.10
N LEU A 125 -1.51 -1.93 -5.88
CA LEU A 125 -1.32 -0.92 -6.91
C LEU A 125 -0.14 -1.31 -7.79
N PRO A 126 -0.40 -1.56 -9.08
CA PRO A 126 0.62 -2.07 -10.02
C PRO A 126 1.81 -1.12 -10.20
N LYS A 127 2.79 -1.26 -9.31
CA LYS A 127 4.04 -0.48 -9.30
C LYS A 127 3.83 0.98 -9.75
N PRO A 128 3.51 1.85 -8.79
CA PRO A 128 3.23 3.27 -9.05
C PRO A 128 4.32 3.96 -9.87
N THR A 129 3.92 4.52 -11.01
CA THR A 129 4.82 5.29 -11.85
C THR A 129 4.85 6.74 -11.39
N GLY A 130 5.77 7.04 -10.48
CA GLY A 130 5.85 8.37 -9.91
C GLY A 130 6.57 9.34 -10.81
N CYS A 131 5.81 10.02 -11.65
CA CYS A 131 6.36 11.01 -12.57
C CYS A 131 5.22 11.85 -13.14
N VAL A 132 5.52 12.61 -14.18
CA VAL A 132 4.49 13.40 -14.86
C VAL A 132 4.15 12.78 -16.21
N MET A 21 7.80 -17.28 -10.78
CA MET A 21 6.85 -16.30 -11.38
C MET A 21 5.76 -15.95 -10.39
N ALA A 22 4.80 -15.13 -10.83
CA ALA A 22 3.72 -14.66 -9.97
C ALA A 22 2.91 -15.82 -9.40
N ASP A 23 2.34 -15.62 -8.22
CA ASP A 23 1.62 -16.68 -7.53
C ASP A 23 0.31 -16.14 -6.98
N THR A 24 -0.30 -16.88 -6.06
CA THR A 24 -1.60 -16.51 -5.52
C THR A 24 -1.63 -16.69 -4.01
N ILE A 25 -2.10 -15.68 -3.30
CA ILE A 25 -2.29 -15.78 -1.87
C ILE A 25 -3.73 -16.17 -1.56
N GLU A 26 -3.91 -17.21 -0.77
CA GLU A 26 -5.23 -17.72 -0.48
C GLU A 26 -5.78 -17.11 0.80
N VAL A 27 -6.68 -16.14 0.63
CA VAL A 27 -7.35 -15.49 1.74
C VAL A 27 -8.79 -15.97 1.80
N ASP A 28 -9.23 -16.42 2.97
CA ASP A 28 -10.56 -16.99 3.17
C ASP A 28 -10.68 -18.30 2.40
N GLY A 29 -10.97 -18.20 1.11
CA GLY A 29 -11.00 -19.37 0.25
C GLY A 29 -10.64 -19.02 -1.18
N LYS A 30 -10.20 -17.78 -1.39
CA LYS A 30 -9.94 -17.30 -2.73
C LYS A 30 -8.45 -17.06 -2.94
N GLN A 31 -7.95 -17.46 -4.09
CA GLN A 31 -6.57 -17.22 -4.45
C GLN A 31 -6.41 -15.88 -5.16
N PHE A 32 -5.82 -14.92 -4.47
CA PHE A 32 -5.60 -13.59 -5.03
C PHE A 32 -4.25 -13.53 -5.73
N ALA A 33 -4.26 -13.15 -7.00
CA ALA A 33 -3.05 -13.13 -7.81
C ALA A 33 -2.11 -12.02 -7.37
N VAL A 34 -0.89 -12.40 -7.03
CA VAL A 34 0.13 -11.45 -6.63
C VAL A 34 1.44 -11.75 -7.35
N ASP A 35 2.28 -10.73 -7.55
CA ASP A 35 3.53 -10.92 -8.26
C ASP A 35 4.63 -11.30 -7.27
N GLU A 36 5.84 -11.49 -7.77
CA GLU A 36 6.94 -11.98 -6.95
C GLU A 36 7.46 -10.90 -5.99
N GLU A 37 7.26 -9.63 -6.33
CA GLU A 37 7.62 -8.55 -5.42
C GLU A 37 6.54 -8.43 -4.33
N GLY A 38 5.37 -9.00 -4.61
CA GLY A 38 4.33 -9.06 -3.61
C GLY A 38 3.20 -8.09 -3.86
N TYR A 39 3.10 -7.57 -5.07
CA TYR A 39 2.04 -6.64 -5.43
C TYR A 39 0.79 -7.39 -5.87
N LEU A 40 -0.37 -6.91 -5.46
CA LEU A 40 -1.64 -7.47 -5.92
C LEU A 40 -1.77 -7.25 -7.42
N SER A 41 -1.81 -8.33 -8.18
CA SER A 41 -1.87 -8.26 -9.63
C SER A 41 -3.30 -8.06 -10.11
N ASN A 42 -4.27 -8.42 -9.28
CA ASN A 42 -5.67 -8.24 -9.62
C ASN A 42 -6.27 -7.09 -8.83
N LEU A 43 -6.17 -5.89 -9.38
CA LEU A 43 -6.74 -4.72 -8.74
C LEU A 43 -8.20 -4.60 -9.16
N ASN A 44 -9.09 -4.95 -8.26
CA ASN A 44 -10.52 -4.93 -8.54
C ASN A 44 -11.30 -4.59 -7.29
N ASP A 45 -11.35 -5.51 -6.34
CA ASP A 45 -12.08 -5.32 -5.11
C ASP A 45 -11.14 -4.96 -3.97
N TRP A 46 -10.22 -5.88 -3.63
CA TRP A 46 -9.28 -5.72 -2.54
C TRP A 46 -9.99 -5.71 -1.19
N VAL A 47 -9.55 -6.59 -0.29
CA VAL A 47 -10.07 -6.62 1.06
C VAL A 47 -8.91 -6.56 2.05
N PRO A 48 -9.17 -6.09 3.28
CA PRO A 48 -8.14 -5.98 4.33
C PRO A 48 -7.36 -7.28 4.52
N GLY A 49 -8.05 -8.42 4.36
CA GLY A 49 -7.43 -9.72 4.53
C GLY A 49 -6.26 -9.95 3.57
N VAL A 50 -6.29 -9.29 2.42
CA VAL A 50 -5.22 -9.41 1.43
C VAL A 50 -3.93 -8.83 2.00
N ALA A 51 -4.00 -7.61 2.51
CA ALA A 51 -2.85 -6.94 3.10
C ALA A 51 -2.46 -7.63 4.41
N ASP A 52 -3.47 -8.11 5.12
CA ASP A 52 -3.28 -8.84 6.38
C ASP A 52 -2.30 -10.00 6.19
N VAL A 53 -2.67 -10.94 5.33
CA VAL A 53 -1.85 -12.11 5.07
C VAL A 53 -0.50 -11.72 4.46
N MET A 54 -0.54 -10.72 3.58
CA MET A 54 0.66 -10.27 2.88
C MET A 54 1.71 -9.74 3.87
N ALA A 55 1.27 -8.92 4.81
CA ALA A 55 2.18 -8.31 5.79
C ALA A 55 2.66 -9.34 6.80
N LYS A 56 1.86 -10.38 7.02
CA LYS A 56 2.23 -11.43 7.98
C LYS A 56 3.40 -12.25 7.49
N GLN A 57 3.59 -12.29 6.18
CA GLN A 57 4.73 -12.99 5.60
C GLN A 57 6.01 -12.19 5.80
N ASP A 58 5.96 -10.92 5.42
CA ASP A 58 7.09 -10.00 5.59
C ASP A 58 7.36 -9.72 7.06
N ASN A 59 6.38 -10.04 7.89
CA ASN A 59 6.44 -9.78 9.33
C ASN A 59 6.44 -8.28 9.59
N LEU A 60 5.37 -7.63 9.17
CA LEU A 60 5.19 -6.20 9.39
C LEU A 60 3.81 -5.97 9.99
N GLU A 61 3.78 -5.51 11.23
CA GLU A 61 2.54 -5.25 11.94
C GLU A 61 1.85 -4.01 11.39
N LEU A 62 0.84 -4.22 10.56
CA LEU A 62 0.04 -3.12 10.05
C LEU A 62 -0.83 -2.56 11.16
N THR A 63 -0.44 -1.42 11.68
CA THR A 63 -1.19 -0.79 12.76
C THR A 63 -2.21 0.19 12.20
N GLU A 64 -2.90 0.88 13.10
CA GLU A 64 -3.91 1.86 12.71
C GLU A 64 -3.33 2.90 11.74
N GLU A 65 -2.08 3.26 11.97
CA GLU A 65 -1.41 4.26 11.15
C GLU A 65 -1.07 3.69 9.79
N HIS A 66 -0.69 2.41 9.76
CA HIS A 66 -0.37 1.73 8.51
C HIS A 66 -1.62 1.57 7.65
N TRP A 67 -2.70 1.10 8.26
CA TRP A 67 -3.95 0.85 7.54
C TRP A 67 -4.50 2.15 6.93
N ASP A 68 -4.32 3.25 7.63
CA ASP A 68 -4.82 4.54 7.16
C ASP A 68 -4.03 5.02 5.95
N ILE A 69 -2.72 4.79 5.96
CA ILE A 69 -1.88 5.12 4.80
C ILE A 69 -2.33 4.32 3.58
N ILE A 70 -2.51 3.02 3.79
CA ILE A 70 -3.00 2.13 2.74
C ILE A 70 -4.38 2.61 2.25
N ASN A 71 -5.22 2.96 3.20
CA ASN A 71 -6.56 3.48 2.93
C ASN A 71 -6.48 4.71 2.03
N PHE A 72 -5.62 5.66 2.38
CA PHE A 72 -5.50 6.90 1.65
C PHE A 72 -5.07 6.67 0.21
N LEU A 73 -4.17 5.71 -0.01
CA LEU A 73 -3.72 5.40 -1.36
C LEU A 73 -4.86 4.88 -2.21
N ARG A 74 -5.76 4.11 -1.61
CA ARG A 74 -6.92 3.62 -2.34
C ARG A 74 -7.87 4.79 -2.63
N GLU A 75 -8.04 5.67 -1.64
CA GLU A 75 -8.89 6.85 -1.81
C GLU A 75 -8.42 7.69 -2.99
N TYR A 76 -7.13 8.01 -2.99
CA TYR A 76 -6.54 8.84 -4.05
C TYR A 76 -6.71 8.16 -5.41
N TYR A 77 -6.54 6.85 -5.45
CA TYR A 77 -6.69 6.09 -6.68
C TYR A 77 -8.14 6.07 -7.14
N GLU A 78 -9.06 5.81 -6.22
CA GLU A 78 -10.47 5.73 -6.58
C GLU A 78 -11.05 7.09 -6.93
N GLU A 79 -10.36 8.17 -6.55
CA GLU A 79 -10.82 9.50 -6.87
C GLU A 79 -10.22 10.00 -8.19
N TYR A 80 -8.92 9.88 -8.35
CA TYR A 80 -8.24 10.48 -9.50
C TYR A 80 -7.76 9.44 -10.49
N GLN A 81 -7.88 8.16 -10.15
CA GLN A 81 -7.38 7.07 -10.98
C GLN A 81 -5.88 7.19 -11.19
N ILE A 82 -5.21 7.79 -10.21
CA ILE A 82 -3.78 7.97 -10.25
C ILE A 82 -3.14 7.32 -9.04
N ALA A 83 -2.18 6.44 -9.27
CA ALA A 83 -1.44 5.82 -8.19
C ALA A 83 -0.16 6.62 -7.94
N PRO A 84 -0.07 7.31 -6.80
CA PRO A 84 1.02 8.23 -6.52
C PRO A 84 2.30 7.53 -6.04
N ALA A 85 3.40 8.26 -6.12
CA ALA A 85 4.69 7.75 -5.68
C ALA A 85 5.09 8.36 -4.34
N VAL A 86 6.37 8.27 -3.99
CA VAL A 86 6.86 8.67 -2.67
C VAL A 86 6.51 10.12 -2.33
N ARG A 87 7.08 11.06 -3.08
CA ARG A 87 6.93 12.47 -2.77
C ARG A 87 5.52 12.95 -3.05
N VAL A 88 4.85 12.29 -3.99
CA VAL A 88 3.48 12.62 -4.32
C VAL A 88 2.56 12.28 -3.15
N LEU A 89 2.82 11.15 -2.51
CA LEU A 89 2.07 10.72 -1.35
C LEU A 89 2.28 11.70 -0.20
N THR A 90 3.54 12.00 0.09
CA THR A 90 3.92 12.91 1.17
C THR A 90 3.12 14.21 1.13
N LYS A 91 2.95 14.75 -0.07
CA LYS A 91 2.22 16.00 -0.27
C LYS A 91 0.81 15.93 0.28
N ALA A 92 0.13 14.82 0.03
CA ALA A 92 -1.27 14.67 0.38
C ALA A 92 -1.44 14.09 1.79
N VAL A 93 -0.34 13.65 2.40
CA VAL A 93 -0.38 13.14 3.77
C VAL A 93 -0.81 14.24 4.75
N GLY A 94 -0.45 15.47 4.41
CA GLY A 94 -0.82 16.61 5.24
C GLY A 94 -2.33 16.83 5.28
N LYS A 95 -3.02 16.37 4.25
CA LYS A 95 -4.47 16.49 4.19
C LYS A 95 -5.13 15.31 4.90
N LYS A 96 -4.42 14.19 4.94
CA LYS A 96 -4.96 12.96 5.49
C LYS A 96 -4.71 12.86 7.00
N LEU A 97 -3.44 12.87 7.39
CA LEU A 97 -3.08 12.65 8.78
C LEU A 97 -3.09 13.95 9.57
N GLY A 98 -2.20 14.87 9.24
CA GLY A 98 -2.11 16.11 9.99
C GLY A 98 -1.00 17.01 9.51
N LYS A 99 -0.75 18.07 10.27
CA LYS A 99 0.18 19.10 9.88
C LYS A 99 1.62 18.66 10.11
N GLU A 100 2.35 18.44 9.01
CA GLU A 100 3.74 17.97 9.04
C GLU A 100 3.87 16.60 9.70
N LYS A 101 2.74 15.94 9.89
CA LYS A 101 2.72 14.63 10.54
C LYS A 101 3.41 13.59 9.67
N GLY A 102 3.27 13.73 8.36
CA GLY A 102 3.88 12.80 7.43
C GLY A 102 5.37 13.03 7.28
N ASN A 103 5.76 14.31 7.21
CA ASN A 103 7.15 14.73 6.97
C ASN A 103 7.86 13.84 5.94
N SER A 104 8.63 12.87 6.41
CA SER A 104 9.32 11.94 5.52
C SER A 104 9.88 10.78 6.35
N LYS A 105 10.55 11.13 7.44
CA LYS A 105 11.09 10.13 8.36
C LYS A 105 9.97 9.24 8.90
N TYR A 106 8.84 9.84 9.20
CA TYR A 106 7.67 9.11 9.70
C TYR A 106 7.24 8.04 8.70
N LEU A 107 7.17 8.40 7.43
CA LEU A 107 6.77 7.48 6.36
C LEU A 107 7.73 6.30 6.27
N TYR A 108 9.02 6.58 6.40
CA TYR A 108 10.04 5.54 6.34
C TYR A 108 10.08 4.71 7.63
N SER A 109 9.51 5.25 8.69
CA SER A 109 9.44 4.52 9.96
C SER A 109 8.27 3.55 9.93
N LEU A 110 7.22 3.91 9.21
CA LEU A 110 6.09 3.03 9.01
C LEU A 110 6.47 1.88 8.09
N PHE A 111 7.12 2.22 6.99
CA PHE A 111 7.52 1.23 6.01
C PHE A 111 9.03 1.33 5.76
N PRO A 112 9.82 0.50 6.46
CA PRO A 112 11.30 0.54 6.39
C PRO A 112 11.84 0.15 5.01
N TYR A 113 11.03 -0.57 4.25
CA TYR A 113 11.41 -0.99 2.91
C TYR A 113 11.11 0.10 1.89
N GLY A 114 10.43 1.14 2.35
CA GLY A 114 10.00 2.19 1.46
C GLY A 114 8.52 2.49 1.63
N PRO A 115 8.18 3.73 2.03
CA PRO A 115 6.81 4.15 2.31
C PRO A 115 5.86 3.83 1.17
N ALA A 116 6.17 4.33 -0.02
CA ALA A 116 5.31 4.14 -1.17
C ALA A 116 5.26 2.67 -1.58
N LYS A 117 6.45 2.06 -1.65
CA LYS A 117 6.58 0.67 -2.08
C LYS A 117 5.63 -0.26 -1.31
N GLN A 118 5.79 -0.31 0.00
CA GLN A 118 5.01 -1.21 0.83
C GLN A 118 3.54 -0.80 0.87
N ALA A 119 3.28 0.50 1.01
CA ALA A 119 1.93 1.00 1.14
C ALA A 119 1.09 0.68 -0.10
N CYS A 120 1.65 0.92 -1.28
CA CYS A 120 0.93 0.67 -2.52
C CYS A 120 0.81 -0.83 -2.74
N ARG A 121 1.82 -1.57 -2.33
CA ARG A 121 1.82 -3.02 -2.42
C ARG A 121 0.65 -3.60 -1.65
N PHE A 122 0.51 -3.19 -0.39
CA PHE A 122 -0.57 -3.68 0.47
C PHE A 122 -1.91 -3.15 -0.02
N ALA A 123 -1.91 -2.01 -0.68
CA ALA A 123 -3.12 -1.40 -1.20
C ALA A 123 -3.60 -2.09 -2.47
N GLY A 124 -2.69 -2.79 -3.13
CA GLY A 124 -3.05 -3.52 -4.34
C GLY A 124 -2.68 -2.77 -5.60
N LEU A 125 -1.80 -1.79 -5.48
CA LEU A 125 -1.37 -1.00 -6.63
C LEU A 125 -0.19 -1.67 -7.32
N PRO A 126 -0.39 -2.12 -8.57
CA PRO A 126 0.61 -2.88 -9.32
C PRO A 126 1.78 -2.02 -9.81
N LYS A 127 2.76 -1.84 -8.92
CA LYS A 127 4.01 -1.11 -9.23
C LYS A 127 3.70 0.28 -9.81
N PRO A 128 3.11 1.17 -8.98
CA PRO A 128 2.63 2.48 -9.43
C PRO A 128 3.75 3.41 -9.85
N THR A 129 4.96 3.10 -9.41
CA THR A 129 6.14 3.91 -9.72
C THR A 129 6.43 3.88 -11.23
N GLY A 130 5.93 2.87 -11.91
CA GLY A 130 6.20 2.73 -13.32
C GLY A 130 7.40 1.84 -13.58
N CYS A 131 7.20 0.54 -13.42
CA CYS A 131 8.26 -0.43 -13.62
C CYS A 131 7.67 -1.68 -14.26
N VAL A 132 6.61 -1.47 -15.03
CA VAL A 132 5.88 -2.53 -15.70
C VAL A 132 5.06 -1.97 -16.85
N MET A 21 2.32 -20.10 -13.67
CA MET A 21 2.35 -18.67 -14.07
C MET A 21 1.95 -17.78 -12.89
N ALA A 22 2.93 -17.06 -12.35
CA ALA A 22 2.71 -16.19 -11.19
C ALA A 22 2.32 -17.02 -9.97
N ASP A 23 1.90 -16.34 -8.90
CA ASP A 23 1.54 -17.03 -7.67
C ASP A 23 0.20 -16.53 -7.16
N THR A 24 -0.47 -17.34 -6.36
CA THR A 24 -1.75 -16.98 -5.79
C THR A 24 -1.72 -17.12 -4.27
N ILE A 25 -2.12 -16.06 -3.58
CA ILE A 25 -2.25 -16.10 -2.15
C ILE A 25 -3.65 -16.56 -1.77
N GLU A 26 -3.72 -17.57 -0.92
CA GLU A 26 -4.97 -18.14 -0.50
C GLU A 26 -5.44 -17.44 0.77
N VAL A 27 -6.49 -16.65 0.66
CA VAL A 27 -6.98 -15.86 1.79
C VAL A 27 -8.43 -16.21 2.12
N ASP A 28 -8.60 -17.17 3.04
CA ASP A 28 -9.92 -17.53 3.58
C ASP A 28 -10.87 -18.03 2.50
N GLY A 29 -10.37 -18.90 1.62
CA GLY A 29 -11.20 -19.45 0.57
C GLY A 29 -11.35 -18.50 -0.59
N LYS A 30 -10.28 -17.78 -0.88
CA LYS A 30 -10.25 -16.81 -1.96
C LYS A 30 -8.82 -16.72 -2.51
N GLN A 31 -8.68 -16.96 -3.79
CA GLN A 31 -7.36 -16.98 -4.42
C GLN A 31 -7.06 -15.65 -5.09
N PHE A 32 -6.03 -14.97 -4.61
CA PHE A 32 -5.61 -13.72 -5.22
C PHE A 32 -4.34 -13.93 -6.02
N ALA A 33 -4.43 -13.72 -7.33
CA ALA A 33 -3.28 -13.84 -8.21
C ALA A 33 -2.37 -12.62 -8.07
N VAL A 34 -1.12 -12.86 -7.71
CA VAL A 34 -0.17 -11.78 -7.52
C VAL A 34 1.03 -11.94 -8.44
N ASP A 35 1.64 -10.81 -8.78
CA ASP A 35 2.83 -10.79 -9.61
C ASP A 35 4.04 -11.23 -8.79
N GLU A 36 5.12 -11.60 -9.46
CA GLU A 36 6.32 -12.10 -8.79
C GLU A 36 6.95 -11.06 -7.86
N GLU A 37 6.59 -9.79 -8.05
CA GLU A 37 7.08 -8.72 -7.18
C GLU A 37 6.14 -8.50 -6.00
N GLY A 38 5.04 -9.25 -5.97
CA GLY A 38 4.12 -9.19 -4.84
C GLY A 38 2.99 -8.19 -5.04
N TYR A 39 2.73 -7.82 -6.28
CA TYR A 39 1.65 -6.88 -6.58
C TYR A 39 0.40 -7.63 -7.03
N LEU A 40 -0.76 -7.20 -6.56
CA LEU A 40 -2.02 -7.85 -6.89
C LEU A 40 -2.37 -7.64 -8.36
N SER A 41 -2.63 -8.73 -9.07
CA SER A 41 -2.98 -8.64 -10.48
C SER A 41 -4.47 -8.42 -10.66
N ASN A 42 -5.26 -9.03 -9.78
CA ASN A 42 -6.71 -8.94 -9.88
C ASN A 42 -7.23 -7.76 -9.06
N LEU A 43 -7.21 -6.58 -9.66
CA LEU A 43 -7.74 -5.40 -9.01
C LEU A 43 -9.22 -5.26 -9.32
N ASN A 44 -10.03 -5.88 -8.47
CA ASN A 44 -11.48 -5.84 -8.63
C ASN A 44 -12.16 -6.27 -7.34
N ASP A 45 -11.64 -7.33 -6.74
CA ASP A 45 -12.20 -7.83 -5.48
C ASP A 45 -11.44 -7.23 -4.29
N TRP A 46 -10.36 -7.88 -3.88
CA TRP A 46 -9.49 -7.40 -2.79
C TRP A 46 -10.21 -7.43 -1.44
N VAL A 47 -9.54 -7.97 -0.44
CA VAL A 47 -10.05 -7.99 0.92
C VAL A 47 -8.94 -7.56 1.88
N PRO A 48 -9.29 -7.13 3.11
CA PRO A 48 -8.29 -6.74 4.13
C PRO A 48 -7.23 -7.82 4.34
N GLY A 49 -7.65 -9.08 4.22
CA GLY A 49 -6.75 -10.20 4.38
C GLY A 49 -5.57 -10.17 3.42
N VAL A 50 -5.77 -9.57 2.24
CA VAL A 50 -4.70 -9.44 1.26
C VAL A 50 -3.55 -8.66 1.87
N ALA A 51 -3.85 -7.49 2.41
CA ALA A 51 -2.85 -6.64 3.04
C ALA A 51 -2.31 -7.30 4.31
N ASP A 52 -3.21 -7.92 5.07
CA ASP A 52 -2.85 -8.56 6.32
C ASP A 52 -1.81 -9.66 6.12
N VAL A 53 -2.14 -10.64 5.29
CA VAL A 53 -1.26 -11.77 5.04
C VAL A 53 0.03 -11.30 4.35
N MET A 54 -0.09 -10.36 3.44
CA MET A 54 1.04 -9.86 2.68
C MET A 54 2.01 -9.10 3.59
N ALA A 55 1.47 -8.34 4.52
CA ALA A 55 2.28 -7.57 5.44
C ALA A 55 3.04 -8.46 6.41
N LYS A 56 2.45 -9.61 6.74
CA LYS A 56 3.09 -10.56 7.65
C LYS A 56 4.26 -11.27 7.00
N GLN A 57 4.25 -11.31 5.67
CA GLN A 57 5.40 -11.85 4.93
C GLN A 57 6.64 -11.02 5.23
N ASP A 58 6.49 -9.69 5.17
CA ASP A 58 7.56 -8.75 5.50
C ASP A 58 7.65 -8.61 7.02
N ASN A 59 6.61 -9.07 7.70
CA ASN A 59 6.43 -8.91 9.14
C ASN A 59 6.27 -7.44 9.50
N LEU A 60 5.05 -6.94 9.34
CA LEU A 60 4.74 -5.57 9.68
C LEU A 60 3.43 -5.51 10.46
N GLU A 61 3.48 -4.95 11.67
CA GLU A 61 2.29 -4.79 12.49
C GLU A 61 1.39 -3.71 11.91
N LEU A 62 0.31 -4.12 11.28
CA LEU A 62 -0.61 -3.18 10.65
C LEU A 62 -1.55 -2.58 11.67
N THR A 63 -1.17 -1.45 12.23
CA THR A 63 -2.06 -0.72 13.11
C THR A 63 -2.93 0.24 12.29
N GLU A 64 -3.79 0.99 12.95
CA GLU A 64 -4.72 1.85 12.25
C GLU A 64 -4.00 2.97 11.50
N GLU A 65 -2.79 3.28 11.95
CA GLU A 65 -1.94 4.23 11.23
C GLU A 65 -1.59 3.69 9.84
N HIS A 66 -1.18 2.44 9.81
CA HIS A 66 -0.83 1.78 8.55
C HIS A 66 -2.07 1.60 7.69
N TRP A 67 -3.14 1.12 8.31
CA TRP A 67 -4.40 0.93 7.60
C TRP A 67 -4.94 2.25 7.06
N ASP A 68 -4.65 3.34 7.76
CA ASP A 68 -5.06 4.67 7.30
C ASP A 68 -4.38 5.02 6.00
N ILE A 69 -3.08 4.73 5.93
CA ILE A 69 -2.29 4.99 4.73
C ILE A 69 -2.73 4.06 3.59
N ILE A 70 -2.92 2.79 3.91
CA ILE A 70 -3.38 1.81 2.93
C ILE A 70 -4.74 2.22 2.38
N ASN A 71 -5.65 2.58 3.28
CA ASN A 71 -6.99 3.04 2.89
C ASN A 71 -6.87 4.29 2.03
N PHE A 72 -6.07 5.23 2.48
CA PHE A 72 -5.87 6.49 1.77
C PHE A 72 -5.37 6.25 0.35
N LEU A 73 -4.46 5.31 0.18
CA LEU A 73 -3.93 4.99 -1.13
C LEU A 73 -4.96 4.29 -2.00
N ARG A 74 -5.84 3.51 -1.36
CA ARG A 74 -6.93 2.88 -2.09
C ARG A 74 -7.88 3.97 -2.58
N GLU A 75 -8.18 4.92 -1.70
CA GLU A 75 -9.05 6.05 -2.04
C GLU A 75 -8.38 6.94 -3.07
N TYR A 76 -7.05 7.03 -3.00
CA TYR A 76 -6.29 7.81 -3.95
C TYR A 76 -6.48 7.26 -5.36
N TYR A 77 -6.32 5.95 -5.51
CA TYR A 77 -6.56 5.30 -6.80
C TYR A 77 -8.04 5.34 -7.14
N GLU A 78 -8.87 5.25 -6.11
CA GLU A 78 -10.32 5.20 -6.26
C GLU A 78 -10.85 6.50 -6.88
N GLU A 79 -10.31 7.63 -6.46
CA GLU A 79 -10.76 8.93 -6.95
C GLU A 79 -9.83 9.49 -8.01
N TYR A 80 -8.54 9.55 -7.71
CA TYR A 80 -7.55 10.18 -8.59
C TYR A 80 -7.22 9.27 -9.77
N GLN A 81 -7.45 7.97 -9.59
CA GLN A 81 -7.19 6.97 -10.64
C GLN A 81 -5.70 6.88 -10.97
N ILE A 82 -4.86 7.27 -10.02
CA ILE A 82 -3.42 7.22 -10.21
C ILE A 82 -2.73 6.93 -8.88
N ALA A 83 -1.61 6.24 -8.94
CA ALA A 83 -0.83 5.93 -7.75
C ALA A 83 0.30 6.94 -7.57
N PRO A 84 0.46 7.49 -6.36
CA PRO A 84 1.47 8.51 -6.08
C PRO A 84 2.83 7.92 -5.70
N ALA A 85 3.88 8.68 -6.00
CA ALA A 85 5.23 8.30 -5.60
C ALA A 85 5.53 8.76 -4.18
N VAL A 86 6.71 8.44 -3.67
CA VAL A 86 7.04 8.74 -2.28
C VAL A 86 7.05 10.25 -2.00
N ARG A 87 7.54 11.04 -2.95
CA ARG A 87 7.59 12.48 -2.80
C ARG A 87 6.21 13.11 -2.92
N VAL A 88 5.25 12.33 -3.40
CA VAL A 88 3.87 12.79 -3.52
C VAL A 88 3.09 12.39 -2.27
N LEU A 89 3.24 11.13 -1.88
CA LEU A 89 2.56 10.59 -0.70
C LEU A 89 2.91 11.40 0.55
N THR A 90 4.19 11.77 0.66
CA THR A 90 4.66 12.55 1.80
C THR A 90 3.86 13.85 1.95
N LYS A 91 3.58 14.51 0.83
CA LYS A 91 2.81 15.75 0.83
C LYS A 91 1.34 15.46 1.09
N ALA A 92 0.87 14.33 0.59
CA ALA A 92 -0.51 13.91 0.78
C ALA A 92 -0.79 13.65 2.26
N VAL A 93 0.15 13.02 2.93
CA VAL A 93 0.05 12.81 4.38
C VAL A 93 0.00 14.15 5.10
N GLY A 94 0.73 15.13 4.56
CA GLY A 94 0.73 16.46 5.13
C GLY A 94 -0.63 17.13 5.03
N LYS A 95 -1.44 16.70 4.08
CA LYS A 95 -2.78 17.25 3.91
C LYS A 95 -3.75 16.57 4.87
N LYS A 96 -3.63 15.25 4.98
CA LYS A 96 -4.57 14.45 5.75
C LYS A 96 -4.25 14.47 7.24
N LEU A 97 -3.01 14.22 7.58
CA LEU A 97 -2.60 14.10 8.98
C LEU A 97 -2.21 15.47 9.55
N GLY A 98 -1.40 16.21 8.80
CA GLY A 98 -0.98 17.52 9.26
C GLY A 98 0.40 17.88 8.76
N LYS A 99 0.79 19.14 8.95
CA LYS A 99 2.06 19.66 8.47
C LYS A 99 3.25 18.95 9.13
N GLU A 100 3.05 18.49 10.36
CA GLU A 100 4.14 17.85 11.10
C GLU A 100 4.07 16.34 10.96
N LYS A 101 3.21 15.85 10.07
CA LYS A 101 3.21 14.45 9.70
C LYS A 101 3.64 14.30 8.25
N GLY A 102 3.66 15.42 7.53
CA GLY A 102 4.03 15.39 6.12
C GLY A 102 5.52 15.41 5.93
N ASN A 103 6.22 14.53 6.64
CA ASN A 103 7.66 14.45 6.58
C ASN A 103 8.08 13.00 6.47
N SER A 104 9.26 12.77 5.89
CA SER A 104 9.79 11.42 5.71
C SER A 104 9.89 10.68 7.05
N LYS A 105 10.12 11.44 8.12
CA LYS A 105 10.19 10.89 9.46
C LYS A 105 8.98 10.02 9.81
N TYR A 106 7.80 10.52 9.50
CA TYR A 106 6.55 9.84 9.83
C TYR A 106 6.36 8.62 8.94
N LEU A 107 6.76 8.74 7.69
CA LEU A 107 6.58 7.68 6.72
C LEU A 107 7.57 6.55 6.93
N TYR A 108 8.80 6.89 7.32
CA TYR A 108 9.82 5.86 7.55
C TYR A 108 9.69 5.23 8.92
N SER A 109 8.91 5.84 9.80
CA SER A 109 8.62 5.24 11.08
C SER A 109 7.43 4.28 10.95
N LEU A 110 6.56 4.54 9.98
CA LEU A 110 5.51 3.61 9.64
C LEU A 110 6.03 2.48 8.75
N PHE A 111 6.76 2.86 7.71
CA PHE A 111 7.30 1.90 6.76
C PHE A 111 8.79 2.10 6.54
N PRO A 112 9.62 1.15 7.00
CA PRO A 112 11.08 1.25 6.89
C PRO A 112 11.60 1.00 5.47
N TYR A 113 10.83 0.28 4.67
CA TYR A 113 11.27 -0.09 3.33
C TYR A 113 10.41 0.54 2.25
N GLY A 114 10.55 1.85 2.07
CA GLY A 114 9.79 2.53 1.04
C GLY A 114 8.30 2.59 1.32
N PRO A 115 7.86 3.58 2.12
CA PRO A 115 6.46 3.69 2.56
C PRO A 115 5.46 3.66 1.41
N ALA A 116 5.79 4.35 0.33
CA ALA A 116 4.90 4.42 -0.83
C ALA A 116 4.67 3.05 -1.42
N LYS A 117 5.74 2.27 -1.55
CA LYS A 117 5.67 0.97 -2.20
C LYS A 117 4.99 -0.07 -1.32
N GLN A 118 5.35 -0.11 -0.04
CA GLN A 118 4.79 -1.08 0.87
C GLN A 118 3.28 -0.87 1.03
N ALA A 119 2.88 0.38 1.25
CA ALA A 119 1.48 0.70 1.47
C ALA A 119 0.63 0.41 0.23
N CYS A 120 1.13 0.78 -0.94
CA CYS A 120 0.39 0.58 -2.18
C CYS A 120 0.34 -0.91 -2.50
N ARG A 121 1.41 -1.62 -2.17
CA ARG A 121 1.49 -3.06 -2.40
C ARG A 121 0.35 -3.78 -1.68
N PHE A 122 0.13 -3.39 -0.43
CA PHE A 122 -0.93 -3.98 0.38
C PHE A 122 -2.30 -3.62 -0.17
N ALA A 123 -2.41 -2.42 -0.74
CA ALA A 123 -3.66 -1.96 -1.32
C ALA A 123 -3.89 -2.59 -2.69
N GLY A 124 -2.88 -3.29 -3.19
CA GLY A 124 -3.00 -3.96 -4.47
C GLY A 124 -2.47 -3.12 -5.63
N LEU A 125 -2.01 -1.93 -5.31
CA LEU A 125 -1.54 -1.00 -6.33
C LEU A 125 -0.20 -1.46 -6.91
N PRO A 126 -0.11 -1.56 -8.24
CA PRO A 126 1.12 -1.96 -8.92
C PRO A 126 2.23 -0.92 -8.79
N LYS A 127 3.43 -1.28 -9.21
CA LYS A 127 4.59 -0.40 -9.10
C LYS A 127 4.39 0.88 -9.92
N PRO A 128 4.25 2.03 -9.24
CA PRO A 128 4.03 3.31 -9.90
C PRO A 128 5.34 4.00 -10.28
N THR A 129 6.45 3.46 -9.81
CA THR A 129 7.76 4.06 -10.06
C THR A 129 8.31 3.63 -11.42
N GLY A 130 8.31 2.33 -11.68
CA GLY A 130 8.85 1.82 -12.92
C GLY A 130 10.37 1.88 -12.94
N CYS A 131 10.98 1.46 -11.83
CA CYS A 131 12.43 1.48 -11.68
C CYS A 131 12.83 0.64 -10.48
N VAL A 132 12.31 1.02 -9.31
CA VAL A 132 12.55 0.26 -8.09
C VAL A 132 11.40 -0.69 -7.82
N MET A 21 8.10 -17.93 -9.16
CA MET A 21 7.63 -17.18 -10.35
C MET A 21 6.25 -16.58 -10.09
N ALA A 22 6.07 -15.98 -8.91
CA ALA A 22 4.78 -15.43 -8.46
C ALA A 22 3.81 -16.55 -8.14
N ASP A 23 2.67 -16.20 -7.55
CA ASP A 23 1.70 -17.19 -7.13
C ASP A 23 0.40 -16.50 -6.72
N THR A 24 -0.52 -17.25 -6.13
CA THR A 24 -1.76 -16.70 -5.63
C THR A 24 -1.90 -16.96 -4.15
N ILE A 25 -2.19 -15.92 -3.39
CA ILE A 25 -2.41 -16.06 -1.96
C ILE A 25 -3.89 -16.27 -1.70
N GLU A 26 -4.22 -17.32 -0.97
CA GLU A 26 -5.61 -17.67 -0.72
C GLU A 26 -6.06 -17.10 0.61
N VAL A 27 -6.88 -16.06 0.55
CA VAL A 27 -7.42 -15.46 1.75
C VAL A 27 -8.85 -15.96 1.95
N ASP A 28 -9.05 -16.70 3.04
CA ASP A 28 -10.35 -17.32 3.35
C ASP A 28 -10.64 -18.45 2.38
N GLY A 29 -11.13 -18.09 1.19
CA GLY A 29 -11.46 -19.09 0.21
C GLY A 29 -11.27 -18.60 -1.21
N LYS A 30 -10.57 -17.48 -1.37
CA LYS A 30 -10.33 -16.90 -2.68
C LYS A 30 -8.84 -16.73 -2.93
N GLN A 31 -8.38 -17.15 -4.10
CA GLN A 31 -6.99 -17.01 -4.47
C GLN A 31 -6.75 -15.66 -5.13
N PHE A 32 -5.88 -14.86 -4.55
CA PHE A 32 -5.55 -13.56 -5.09
C PHE A 32 -4.22 -13.61 -5.83
N ALA A 33 -4.21 -13.14 -7.07
CA ALA A 33 -3.02 -13.20 -7.90
C ALA A 33 -2.11 -12.01 -7.62
N VAL A 34 -0.93 -12.31 -7.10
CA VAL A 34 0.06 -11.27 -6.82
C VAL A 34 1.37 -11.59 -7.52
N ASP A 35 2.10 -10.55 -7.89
CA ASP A 35 3.42 -10.73 -8.47
C ASP A 35 4.40 -11.09 -7.37
N GLU A 36 5.49 -11.77 -7.72
CA GLU A 36 6.47 -12.22 -6.74
C GLU A 36 7.19 -11.02 -6.13
N GLU A 37 7.09 -9.89 -6.81
CA GLU A 37 7.60 -8.62 -6.30
C GLU A 37 6.77 -8.18 -5.09
N GLY A 38 5.59 -8.78 -4.95
CA GLY A 38 4.72 -8.52 -3.83
C GLY A 38 3.72 -7.42 -4.12
N TYR A 39 3.01 -7.56 -5.22
CA TYR A 39 1.98 -6.60 -5.61
C TYR A 39 0.77 -7.31 -6.20
N LEU A 40 -0.41 -6.90 -5.77
CA LEU A 40 -1.64 -7.46 -6.30
C LEU A 40 -1.78 -7.11 -7.77
N SER A 41 -1.74 -8.12 -8.62
CA SER A 41 -1.77 -7.91 -10.06
C SER A 41 -3.22 -7.84 -10.54
N ASN A 42 -4.13 -8.36 -9.74
CA ASN A 42 -5.54 -8.41 -10.12
C ASN A 42 -6.35 -7.39 -9.34
N LEU A 43 -6.50 -6.20 -9.91
CA LEU A 43 -7.38 -5.18 -9.34
C LEU A 43 -8.82 -5.46 -9.76
N ASN A 44 -9.60 -5.97 -8.83
CA ASN A 44 -10.99 -6.35 -9.12
C ASN A 44 -11.75 -6.60 -7.83
N ASP A 45 -11.04 -7.11 -6.82
CA ASP A 45 -11.66 -7.44 -5.55
C ASP A 45 -10.94 -6.72 -4.40
N TRP A 46 -9.88 -7.34 -3.88
CA TRP A 46 -9.07 -6.79 -2.80
C TRP A 46 -9.84 -6.78 -1.47
N VAL A 47 -9.41 -7.64 -0.56
CA VAL A 47 -9.96 -7.65 0.79
C VAL A 47 -8.86 -7.32 1.79
N PRO A 48 -9.22 -6.84 2.99
CA PRO A 48 -8.25 -6.50 4.05
C PRO A 48 -7.36 -7.67 4.42
N GLY A 49 -7.89 -8.89 4.29
CA GLY A 49 -7.12 -10.08 4.56
C GLY A 49 -5.87 -10.17 3.69
N VAL A 50 -5.98 -9.69 2.45
CA VAL A 50 -4.85 -9.70 1.52
C VAL A 50 -3.67 -8.93 2.12
N ALA A 51 -3.95 -7.74 2.62
CA ALA A 51 -2.92 -6.89 3.21
C ALA A 51 -2.37 -7.51 4.48
N ASP A 52 -3.25 -8.10 5.29
CA ASP A 52 -2.84 -8.69 6.56
C ASP A 52 -1.90 -9.86 6.35
N VAL A 53 -2.27 -10.77 5.47
CA VAL A 53 -1.46 -11.94 5.17
C VAL A 53 -0.14 -11.52 4.51
N MET A 54 -0.21 -10.50 3.66
CA MET A 54 0.97 -9.99 2.98
C MET A 54 1.96 -9.40 3.99
N ALA A 55 1.45 -8.51 4.85
CA ALA A 55 2.27 -7.89 5.88
C ALA A 55 2.78 -8.93 6.87
N LYS A 56 2.02 -10.00 7.02
CA LYS A 56 2.41 -11.11 7.88
C LYS A 56 3.68 -11.76 7.36
N GLN A 57 3.80 -11.81 6.04
CA GLN A 57 4.97 -12.38 5.38
C GLN A 57 6.12 -11.38 5.41
N ASP A 58 5.79 -10.10 5.28
CA ASP A 58 6.81 -9.04 5.30
C ASP A 58 7.26 -8.75 6.72
N ASN A 59 6.58 -9.35 7.70
CA ASN A 59 6.91 -9.19 9.12
C ASN A 59 6.69 -7.74 9.54
N LEU A 60 5.70 -7.11 8.93
CA LEU A 60 5.41 -5.71 9.20
C LEU A 60 4.13 -5.59 10.01
N GLU A 61 4.03 -4.53 10.81
CA GLU A 61 2.86 -4.27 11.62
C GLU A 61 1.82 -3.53 10.79
N LEU A 62 0.55 -3.83 11.00
CA LEU A 62 -0.52 -3.06 10.40
C LEU A 62 -1.37 -2.42 11.49
N THR A 63 -1.00 -1.20 11.87
CA THR A 63 -1.73 -0.47 12.87
C THR A 63 -2.80 0.40 12.22
N GLU A 64 -3.53 1.16 13.03
CA GLU A 64 -4.55 2.07 12.51
C GLU A 64 -3.89 3.13 11.62
N GLU A 65 -2.61 3.38 11.87
CA GLU A 65 -1.85 4.31 11.05
C GLU A 65 -1.59 3.69 9.69
N HIS A 66 -1.10 2.46 9.70
CA HIS A 66 -0.80 1.73 8.47
C HIS A 66 -2.06 1.54 7.64
N TRP A 67 -3.11 1.02 8.26
CA TRP A 67 -4.39 0.80 7.58
C TRP A 67 -4.95 2.10 7.02
N ASP A 68 -4.70 3.20 7.71
CA ASP A 68 -5.16 4.50 7.25
C ASP A 68 -4.49 4.86 5.94
N ILE A 69 -3.17 4.71 5.90
CA ILE A 69 -2.40 5.00 4.68
C ILE A 69 -2.82 4.05 3.55
N ILE A 70 -2.98 2.78 3.88
CA ILE A 70 -3.40 1.77 2.91
C ILE A 70 -4.74 2.17 2.27
N ASN A 71 -5.72 2.47 3.10
CA ASN A 71 -7.04 2.84 2.61
C ASN A 71 -6.99 4.19 1.91
N PHE A 72 -6.16 5.08 2.42
CA PHE A 72 -6.01 6.41 1.84
C PHE A 72 -5.50 6.32 0.41
N LEU A 73 -4.56 5.40 0.16
CA LEU A 73 -4.06 5.19 -1.19
C LEU A 73 -5.15 4.67 -2.10
N ARG A 74 -5.96 3.73 -1.61
CA ARG A 74 -7.08 3.23 -2.39
C ARG A 74 -8.07 4.35 -2.66
N GLU A 75 -8.36 5.12 -1.62
CA GLU A 75 -9.25 6.27 -1.72
C GLU A 75 -8.75 7.22 -2.80
N TYR A 76 -7.46 7.54 -2.72
CA TYR A 76 -6.81 8.44 -3.67
C TYR A 76 -6.87 7.87 -5.08
N TYR A 77 -6.71 6.55 -5.19
CA TYR A 77 -6.69 5.90 -6.49
C TYR A 77 -8.09 5.82 -7.09
N GLU A 78 -9.09 5.51 -6.27
CA GLU A 78 -10.45 5.41 -6.75
C GLU A 78 -11.04 6.78 -7.07
N GLU A 79 -10.48 7.83 -6.46
CA GLU A 79 -10.94 9.18 -6.71
C GLU A 79 -10.11 9.87 -7.79
N TYR A 80 -8.81 9.96 -7.58
CA TYR A 80 -7.93 10.70 -8.47
C TYR A 80 -7.47 9.84 -9.63
N GLN A 81 -7.55 8.53 -9.45
CA GLN A 81 -7.09 7.54 -10.44
C GLN A 81 -5.59 7.63 -10.64
N ILE A 82 -4.90 8.20 -9.65
CA ILE A 82 -3.45 8.35 -9.69
C ILE A 82 -2.82 7.57 -8.54
N ALA A 83 -1.71 6.90 -8.82
CA ALA A 83 -0.97 6.19 -7.78
C ALA A 83 0.22 7.04 -7.33
N PRO A 84 0.15 7.57 -6.09
CA PRO A 84 1.17 8.47 -5.55
C PRO A 84 2.54 7.81 -5.39
N ALA A 85 3.56 8.47 -5.93
CA ALA A 85 4.93 8.02 -5.78
C ALA A 85 5.50 8.47 -4.43
N VAL A 86 6.78 8.24 -4.20
CA VAL A 86 7.38 8.51 -2.89
C VAL A 86 7.34 10.00 -2.55
N ARG A 87 7.50 10.86 -3.56
CA ARG A 87 7.47 12.32 -3.33
C ARG A 87 6.04 12.85 -3.31
N VAL A 88 5.09 12.02 -3.73
CA VAL A 88 3.70 12.45 -3.80
C VAL A 88 2.96 12.04 -2.52
N LEU A 89 3.23 10.83 -2.05
CA LEU A 89 2.57 10.28 -0.87
C LEU A 89 2.82 11.17 0.35
N THR A 90 4.05 11.67 0.47
CA THR A 90 4.43 12.52 1.58
C THR A 90 3.56 13.77 1.66
N LYS A 91 3.34 14.39 0.51
CA LYS A 91 2.51 15.59 0.42
C LYS A 91 1.07 15.28 0.82
N ALA A 92 0.58 14.14 0.34
CA ALA A 92 -0.79 13.73 0.59
C ALA A 92 -1.02 13.42 2.08
N VAL A 93 -0.11 12.64 2.66
CA VAL A 93 -0.21 12.28 4.07
C VAL A 93 -0.10 13.54 4.94
N GLY A 94 0.77 14.45 4.55
CA GLY A 94 0.96 15.69 5.30
C GLY A 94 -0.29 16.53 5.37
N LYS A 95 -1.12 16.48 4.34
CA LYS A 95 -2.33 17.29 4.29
C LYS A 95 -3.52 16.61 4.95
N LYS A 96 -3.47 15.28 5.06
CA LYS A 96 -4.59 14.55 5.67
C LYS A 96 -4.54 14.66 7.18
N LEU A 97 -3.33 14.54 7.75
CA LEU A 97 -3.17 14.57 9.19
C LEU A 97 -3.19 16.00 9.72
N GLY A 98 -3.37 16.96 8.82
CA GLY A 98 -3.36 18.36 9.21
C GLY A 98 -1.95 18.90 9.26
N LYS A 99 -1.13 18.27 10.10
CA LYS A 99 0.29 18.57 10.15
C LYS A 99 1.03 17.59 9.25
N GLU A 100 2.14 18.03 8.68
CA GLU A 100 2.96 17.16 7.85
C GLU A 100 3.67 16.12 8.72
N LYS A 101 2.89 15.21 9.28
CA LYS A 101 3.42 14.16 10.13
C LYS A 101 4.18 13.15 9.29
N GLY A 102 3.64 12.83 8.13
CA GLY A 102 4.32 11.92 7.21
C GLY A 102 5.21 12.67 6.24
N ASN A 103 5.99 13.60 6.77
CA ASN A 103 6.87 14.43 5.95
C ASN A 103 7.95 13.60 5.29
N SER A 104 8.61 12.75 6.06
CA SER A 104 9.68 11.90 5.54
C SER A 104 9.95 10.73 6.48
N LYS A 105 10.54 11.02 7.63
CA LYS A 105 10.93 10.00 8.60
C LYS A 105 9.77 9.11 9.01
N TYR A 106 8.61 9.69 9.24
CA TYR A 106 7.48 8.94 9.77
C TYR A 106 7.02 7.86 8.80
N LEU A 107 6.88 8.21 7.52
CA LEU A 107 6.45 7.24 6.53
C LEU A 107 7.53 6.20 6.28
N TYR A 108 8.77 6.62 6.44
CA TYR A 108 9.90 5.72 6.24
C TYR A 108 10.02 4.76 7.42
N SER A 109 9.49 5.17 8.57
CA SER A 109 9.45 4.32 9.75
C SER A 109 8.25 3.38 9.66
N LEU A 110 7.18 3.87 9.05
CA LEU A 110 6.00 3.05 8.79
C LEU A 110 6.31 1.95 7.78
N PHE A 111 6.97 2.34 6.70
CA PHE A 111 7.34 1.41 5.64
C PHE A 111 8.82 1.55 5.31
N PRO A 112 9.67 0.73 5.96
CA PRO A 112 11.13 0.82 5.84
C PRO A 112 11.65 0.36 4.48
N TYR A 113 10.82 -0.35 3.73
CA TYR A 113 11.22 -0.86 2.42
C TYR A 113 10.74 0.09 1.32
N GLY A 114 10.33 1.28 1.75
CA GLY A 114 9.81 2.25 0.82
C GLY A 114 8.42 2.70 1.19
N PRO A 115 8.24 3.97 1.57
CA PRO A 115 6.95 4.51 1.99
C PRO A 115 5.83 4.20 1.00
N ALA A 116 6.00 4.68 -0.22
CA ALA A 116 5.01 4.43 -1.26
C ALA A 116 5.01 2.96 -1.66
N LYS A 117 6.19 2.36 -1.69
CA LYS A 117 6.36 0.97 -2.12
C LYS A 117 5.50 0.01 -1.30
N GLN A 118 5.66 0.06 0.02
CA GLN A 118 4.97 -0.88 0.90
C GLN A 118 3.51 -0.49 1.10
N ALA A 119 3.23 0.81 1.06
CA ALA A 119 1.87 1.29 1.25
C ALA A 119 0.96 0.79 0.13
N CYS A 120 1.39 0.96 -1.11
CA CYS A 120 0.62 0.52 -2.27
C CYS A 120 0.62 -1.00 -2.34
N ARG A 121 1.71 -1.59 -1.86
CA ARG A 121 1.84 -3.04 -1.77
C ARG A 121 0.62 -3.66 -1.10
N PHE A 122 0.26 -3.16 0.07
CA PHE A 122 -0.88 -3.68 0.81
C PHE A 122 -2.19 -3.11 0.27
N ALA A 123 -2.11 -1.92 -0.33
CA ALA A 123 -3.29 -1.26 -0.89
C ALA A 123 -3.76 -1.91 -2.18
N GLY A 124 -2.87 -2.71 -2.78
CA GLY A 124 -3.21 -3.41 -4.00
C GLY A 124 -2.80 -2.66 -5.24
N LEU A 125 -2.16 -1.52 -5.06
CA LEU A 125 -1.74 -0.69 -6.18
C LEU A 125 -0.45 -1.23 -6.78
N PRO A 126 -0.50 -1.64 -8.05
CA PRO A 126 0.60 -2.34 -8.72
C PRO A 126 1.76 -1.43 -9.12
N LYS A 127 2.61 -1.11 -8.15
CA LYS A 127 3.92 -0.50 -8.41
C LYS A 127 3.79 0.90 -9.02
N PRO A 128 3.78 1.94 -8.17
CA PRO A 128 3.64 3.33 -8.58
C PRO A 128 4.99 4.06 -8.63
N THR A 129 6.01 3.38 -9.14
CA THR A 129 7.35 3.94 -9.18
C THR A 129 7.46 5.07 -10.21
N GLY A 130 7.22 6.28 -9.75
CA GLY A 130 7.35 7.43 -10.62
C GLY A 130 8.50 8.31 -10.19
N CYS A 131 9.45 8.53 -11.10
CA CYS A 131 10.60 9.36 -10.81
C CYS A 131 10.26 10.83 -11.00
N VAL A 132 9.35 11.09 -11.93
CA VAL A 132 8.88 12.44 -12.19
C VAL A 132 7.39 12.42 -12.54
N MET A 21 -1.60 -15.68 -12.73
CA MET A 21 -0.61 -14.71 -13.24
C MET A 21 0.79 -15.07 -12.74
N ALA A 22 0.91 -15.34 -11.45
CA ALA A 22 2.18 -15.74 -10.87
C ALA A 22 1.97 -16.69 -9.70
N ASP A 23 1.55 -16.15 -8.57
CA ASP A 23 1.26 -16.98 -7.40
C ASP A 23 -0.10 -16.60 -6.83
N THR A 24 -0.52 -17.25 -5.75
CA THR A 24 -1.84 -17.01 -5.18
C THR A 24 -1.81 -17.06 -3.66
N ILE A 25 -2.35 -16.03 -3.02
CA ILE A 25 -2.51 -16.05 -1.57
C ILE A 25 -3.95 -16.43 -1.22
N GLU A 26 -4.09 -17.41 -0.35
CA GLU A 26 -5.40 -17.92 0.01
C GLU A 26 -5.87 -17.25 1.31
N VAL A 27 -6.86 -16.38 1.17
CA VAL A 27 -7.38 -15.65 2.32
C VAL A 27 -8.84 -16.03 2.58
N ASP A 28 -9.01 -16.95 3.54
CA ASP A 28 -10.33 -17.38 4.01
C ASP A 28 -11.09 -18.20 2.98
N GLY A 29 -11.45 -17.58 1.86
CA GLY A 29 -12.22 -18.27 0.86
C GLY A 29 -11.89 -17.86 -0.56
N LYS A 30 -10.93 -16.96 -0.72
CA LYS A 30 -10.57 -16.49 -2.05
C LYS A 30 -9.06 -16.54 -2.27
N GLN A 31 -8.67 -17.03 -3.44
CA GLN A 31 -7.26 -17.04 -3.83
C GLN A 31 -6.95 -15.79 -4.65
N PHE A 32 -6.13 -14.92 -4.09
CA PHE A 32 -5.77 -13.69 -4.76
C PHE A 32 -4.52 -13.88 -5.59
N ALA A 33 -4.65 -13.68 -6.90
CA ALA A 33 -3.52 -13.78 -7.81
C ALA A 33 -2.54 -12.64 -7.58
N VAL A 34 -1.35 -12.97 -7.11
CA VAL A 34 -0.36 -11.96 -6.80
C VAL A 34 0.91 -12.15 -7.63
N ASP A 35 1.65 -11.07 -7.76
CA ASP A 35 2.93 -11.07 -8.45
C ASP A 35 4.03 -11.54 -7.49
N GLU A 36 5.19 -11.87 -8.03
CA GLU A 36 6.30 -12.34 -7.22
C GLU A 36 6.87 -11.23 -6.34
N GLU A 37 6.59 -9.99 -6.72
CA GLU A 37 6.96 -8.84 -5.89
C GLU A 37 5.87 -8.52 -4.88
N GLY A 38 4.79 -9.30 -4.91
CA GLY A 38 3.73 -9.16 -3.92
C GLY A 38 2.68 -8.14 -4.31
N TYR A 39 2.46 -7.96 -5.60
CA TYR A 39 1.43 -7.04 -6.07
C TYR A 39 0.16 -7.81 -6.46
N LEU A 40 -0.98 -7.29 -6.06
CA LEU A 40 -2.26 -7.90 -6.43
C LEU A 40 -2.52 -7.70 -7.92
N SER A 41 -2.61 -8.80 -8.65
CA SER A 41 -2.77 -8.75 -10.09
C SER A 41 -4.25 -8.76 -10.48
N ASN A 42 -5.08 -8.18 -9.62
CA ASN A 42 -6.51 -8.11 -9.87
C ASN A 42 -7.14 -7.00 -9.04
N LEU A 43 -7.15 -5.80 -9.58
CA LEU A 43 -7.74 -4.66 -8.89
C LEU A 43 -9.24 -4.63 -9.06
N ASN A 44 -9.93 -5.17 -8.07
CA ASN A 44 -11.39 -5.19 -8.06
C ASN A 44 -11.89 -5.49 -6.67
N ASP A 45 -11.48 -6.63 -6.13
CA ASP A 45 -11.92 -7.05 -4.81
C ASP A 45 -11.04 -6.44 -3.72
N TRP A 46 -9.95 -7.13 -3.39
CA TRP A 46 -9.03 -6.71 -2.33
C TRP A 46 -9.73 -6.55 -0.99
N VAL A 47 -9.55 -7.54 -0.12
CA VAL A 47 -10.05 -7.46 1.24
C VAL A 47 -8.93 -6.98 2.16
N PRO A 48 -9.28 -6.46 3.35
CA PRO A 48 -8.29 -6.03 4.34
C PRO A 48 -7.27 -7.14 4.65
N GLY A 49 -7.75 -8.38 4.61
CA GLY A 49 -6.88 -9.52 4.83
C GLY A 49 -5.71 -9.58 3.87
N VAL A 50 -5.91 -9.08 2.65
CA VAL A 50 -4.86 -9.09 1.63
C VAL A 50 -3.66 -8.27 2.12
N ALA A 51 -3.92 -7.05 2.58
CA ALA A 51 -2.88 -6.17 3.08
C ALA A 51 -2.27 -6.73 4.35
N ASP A 52 -3.12 -7.23 5.24
CA ASP A 52 -2.66 -7.79 6.51
C ASP A 52 -1.74 -8.99 6.29
N VAL A 53 -2.17 -9.92 5.45
CA VAL A 53 -1.36 -11.10 5.15
C VAL A 53 -0.10 -10.71 4.39
N MET A 54 -0.24 -9.75 3.46
CA MET A 54 0.90 -9.28 2.67
C MET A 54 1.99 -8.73 3.57
N ALA A 55 1.60 -7.83 4.48
CA ALA A 55 2.54 -7.24 5.41
C ALA A 55 3.05 -8.27 6.40
N LYS A 56 2.19 -9.24 6.73
CA LYS A 56 2.54 -10.29 7.67
C LYS A 56 3.71 -11.13 7.12
N GLN A 57 3.75 -11.26 5.81
CA GLN A 57 4.84 -11.96 5.12
C GLN A 57 6.17 -11.27 5.39
N ASP A 58 6.12 -9.95 5.49
CA ASP A 58 7.30 -9.14 5.78
C ASP A 58 7.48 -8.97 7.28
N ASN A 59 6.55 -9.57 8.04
CA ASN A 59 6.55 -9.49 9.51
C ASN A 59 6.26 -8.07 9.97
N LEU A 60 5.67 -7.29 9.07
CA LEU A 60 5.28 -5.93 9.38
C LEU A 60 3.85 -5.92 9.92
N GLU A 61 3.64 -5.24 11.03
CA GLU A 61 2.31 -5.17 11.62
C GLU A 61 1.65 -3.85 11.24
N LEU A 62 0.45 -3.94 10.69
CA LEU A 62 -0.25 -2.75 10.23
C LEU A 62 -1.04 -2.13 11.38
N THR A 63 -0.69 -0.91 11.72
CA THR A 63 -1.40 -0.17 12.76
C THR A 63 -2.40 0.79 12.14
N GLU A 64 -3.00 1.65 12.97
CA GLU A 64 -4.02 2.60 12.51
C GLU A 64 -3.51 3.40 11.32
N GLU A 65 -2.32 3.97 11.49
CA GLU A 65 -1.72 4.81 10.48
C GLU A 65 -1.36 4.00 9.23
N HIS A 66 -0.92 2.77 9.44
CA HIS A 66 -0.58 1.89 8.32
C HIS A 66 -1.81 1.61 7.46
N TRP A 67 -2.88 1.16 8.10
CA TRP A 67 -4.13 0.87 7.40
C TRP A 67 -4.65 2.12 6.68
N ASP A 68 -4.50 3.26 7.33
CA ASP A 68 -4.98 4.52 6.78
C ASP A 68 -4.26 4.87 5.48
N ILE A 69 -2.93 4.79 5.51
CA ILE A 69 -2.12 5.10 4.32
C ILE A 69 -2.45 4.15 3.18
N ILE A 70 -2.50 2.85 3.49
CA ILE A 70 -2.80 1.83 2.48
C ILE A 70 -4.17 2.07 1.86
N ASN A 71 -5.16 2.31 2.71
CA ASN A 71 -6.52 2.55 2.25
C ASN A 71 -6.58 3.82 1.41
N PHE A 72 -5.91 4.87 1.90
CA PHE A 72 -5.89 6.15 1.21
C PHE A 72 -5.32 6.00 -0.21
N LEU A 73 -4.29 5.16 -0.34
CA LEU A 73 -3.69 4.92 -1.63
C LEU A 73 -4.68 4.28 -2.60
N ARG A 74 -5.46 3.31 -2.12
CA ARG A 74 -6.47 2.72 -2.98
C ARG A 74 -7.51 3.76 -3.36
N GLU A 75 -7.98 4.52 -2.38
CA GLU A 75 -8.96 5.59 -2.60
C GLU A 75 -8.50 6.51 -3.72
N TYR A 76 -7.26 6.98 -3.59
CA TYR A 76 -6.67 7.91 -4.54
C TYR A 76 -6.58 7.29 -5.93
N TYR A 77 -6.07 6.07 -6.01
CA TYR A 77 -5.84 5.41 -7.29
C TYR A 77 -7.16 4.97 -7.92
N GLU A 78 -8.13 4.62 -7.10
CA GLU A 78 -9.42 4.12 -7.59
C GLU A 78 -10.22 5.28 -8.19
N GLU A 79 -9.98 6.49 -7.70
CA GLU A 79 -10.66 7.67 -8.20
C GLU A 79 -9.87 8.34 -9.34
N TYR A 80 -8.59 8.55 -9.12
CA TYR A 80 -7.77 9.30 -10.07
C TYR A 80 -7.13 8.39 -11.11
N GLN A 81 -6.92 7.12 -10.75
CA GLN A 81 -6.13 6.18 -11.56
C GLN A 81 -4.69 6.68 -11.65
N ILE A 82 -4.30 7.49 -10.68
CA ILE A 82 -2.94 7.99 -10.56
C ILE A 82 -2.32 7.45 -9.28
N ALA A 83 -1.14 6.85 -9.39
CA ALA A 83 -0.48 6.29 -8.22
C ALA A 83 0.51 7.30 -7.63
N PRO A 84 0.26 7.74 -6.39
CA PRO A 84 1.12 8.71 -5.71
C PRO A 84 2.53 8.17 -5.46
N ALA A 85 3.51 8.93 -5.91
CA ALA A 85 4.91 8.61 -5.64
C ALA A 85 5.28 9.01 -4.21
N VAL A 86 6.55 8.85 -3.86
CA VAL A 86 7.01 9.11 -2.50
C VAL A 86 6.67 10.54 -2.04
N ARG A 87 6.99 11.51 -2.89
CA ARG A 87 6.71 12.91 -2.58
C ARG A 87 5.21 13.17 -2.50
N VAL A 88 4.48 12.64 -3.47
CA VAL A 88 3.05 12.87 -3.57
C VAL A 88 2.30 12.30 -2.37
N LEU A 89 2.68 11.09 -1.96
CA LEU A 89 2.05 10.44 -0.82
C LEU A 89 2.34 11.23 0.46
N THR A 90 3.61 11.52 0.69
CA THR A 90 4.04 12.23 1.88
C THR A 90 3.37 13.61 1.98
N LYS A 91 3.22 14.26 0.82
CA LYS A 91 2.58 15.57 0.75
C LYS A 91 1.12 15.49 1.21
N ALA A 92 0.45 14.41 0.83
CA ALA A 92 -0.94 14.21 1.23
C ALA A 92 -1.03 13.83 2.71
N VAL A 93 -0.11 12.97 3.15
CA VAL A 93 -0.06 12.56 4.55
C VAL A 93 0.15 13.76 5.47
N GLY A 94 0.95 14.72 5.00
CA GLY A 94 1.23 15.92 5.77
C GLY A 94 0.01 16.79 5.99
N LYS A 95 -1.04 16.55 5.23
CA LYS A 95 -2.29 17.30 5.40
C LYS A 95 -3.38 16.42 5.99
N LYS A 96 -3.36 15.13 5.66
CA LYS A 96 -4.34 14.18 6.19
C LYS A 96 -4.21 14.06 7.70
N LEU A 97 -2.97 14.09 8.18
CA LEU A 97 -2.70 13.99 9.61
C LEU A 97 -2.75 15.38 10.26
N GLY A 98 -3.31 16.34 9.54
CA GLY A 98 -3.48 17.67 10.08
C GLY A 98 -2.21 18.48 10.04
N LYS A 99 -1.56 18.62 11.19
CA LYS A 99 -0.35 19.44 11.30
C LYS A 99 0.74 18.69 12.05
N GLU A 100 0.55 17.40 12.25
CA GLU A 100 1.53 16.58 12.96
C GLU A 100 1.74 15.26 12.22
N LYS A 101 2.82 14.56 12.57
CA LYS A 101 3.11 13.21 12.07
C LYS A 101 3.59 13.22 10.62
N GLY A 102 2.79 13.77 9.73
CA GLY A 102 3.09 13.74 8.30
C GLY A 102 4.46 14.30 7.96
N ASN A 103 5.40 13.41 7.68
CA ASN A 103 6.76 13.78 7.33
C ASN A 103 7.43 12.67 6.53
N SER A 104 8.50 12.99 5.81
CA SER A 104 9.22 12.02 5.01
C SER A 104 9.80 10.92 5.89
N LYS A 105 10.39 11.31 7.02
CA LYS A 105 10.97 10.38 7.97
C LYS A 105 9.90 9.41 8.49
N TYR A 106 8.71 9.97 8.69
CA TYR A 106 7.58 9.24 9.22
C TYR A 106 7.17 8.11 8.29
N LEU A 107 7.15 8.40 6.98
CA LEU A 107 6.78 7.42 5.98
C LEU A 107 7.79 6.28 5.93
N TYR A 108 9.07 6.61 6.09
CA TYR A 108 10.12 5.60 6.10
C TYR A 108 10.08 4.78 7.39
N SER A 109 9.53 5.37 8.44
CA SER A 109 9.39 4.67 9.71
C SER A 109 8.16 3.77 9.71
N LEU A 110 7.22 4.07 8.80
CA LEU A 110 6.05 3.23 8.61
C LEU A 110 6.40 2.07 7.70
N PHE A 111 7.02 2.37 6.57
CA PHE A 111 7.41 1.36 5.60
C PHE A 111 8.88 1.51 5.25
N PRO A 112 9.76 0.73 5.90
CA PRO A 112 11.22 0.84 5.74
C PRO A 112 11.70 0.48 4.34
N TYR A 113 10.94 -0.36 3.64
CA TYR A 113 11.33 -0.81 2.31
C TYR A 113 10.76 0.10 1.24
N GLY A 114 10.55 1.36 1.60
CA GLY A 114 9.97 2.31 0.69
C GLY A 114 8.55 2.64 1.06
N PRO A 115 8.28 3.90 1.46
CA PRO A 115 6.96 4.33 1.93
C PRO A 115 5.83 3.94 0.97
N ALA A 116 5.86 4.51 -0.23
CA ALA A 116 4.85 4.21 -1.23
C ALA A 116 5.04 2.82 -1.79
N LYS A 117 6.28 2.33 -1.75
CA LYS A 117 6.63 1.04 -2.33
C LYS A 117 5.90 -0.09 -1.61
N GLN A 118 6.05 -0.14 -0.29
CA GLN A 118 5.36 -1.14 0.51
C GLN A 118 3.86 -0.91 0.51
N ALA A 119 3.46 0.34 0.68
CA ALA A 119 2.05 0.70 0.79
C ALA A 119 1.28 0.33 -0.48
N CYS A 120 1.85 0.63 -1.65
CA CYS A 120 1.18 0.28 -2.90
C CYS A 120 1.09 -1.23 -3.06
N ARG A 121 2.14 -1.92 -2.62
CA ARG A 121 2.18 -3.37 -2.65
C ARG A 121 1.03 -3.97 -1.84
N PHE A 122 0.83 -3.46 -0.63
CA PHE A 122 -0.22 -3.97 0.25
C PHE A 122 -1.61 -3.68 -0.31
N ALA A 123 -1.74 -2.59 -1.05
CA ALA A 123 -3.01 -2.19 -1.63
C ALA A 123 -3.23 -2.83 -3.00
N GLY A 124 -2.17 -3.44 -3.53
CA GLY A 124 -2.26 -4.10 -4.82
C GLY A 124 -2.14 -3.12 -5.97
N LEU A 125 -1.53 -1.97 -5.70
CA LEU A 125 -1.38 -0.93 -6.71
C LEU A 125 -0.15 -1.18 -7.56
N PRO A 126 -0.24 -0.87 -8.87
CA PRO A 126 0.91 -0.94 -9.78
C PRO A 126 2.02 0.04 -9.37
N LYS A 127 3.21 -0.19 -9.91
CA LYS A 127 4.37 0.61 -9.53
C LYS A 127 4.21 2.08 -9.92
N PRO A 128 4.12 2.96 -8.91
CA PRO A 128 3.86 4.39 -9.11
C PRO A 128 5.06 5.11 -9.71
N THR A 129 6.24 4.65 -9.35
CA THR A 129 7.47 5.26 -9.80
C THR A 129 8.20 4.35 -10.79
N GLY A 130 8.17 4.73 -12.06
CA GLY A 130 8.86 3.95 -13.07
C GLY A 130 7.90 3.21 -13.97
N CYS A 131 6.85 3.88 -14.41
CA CYS A 131 5.89 3.27 -15.32
C CYS A 131 6.45 3.27 -16.75
N VAL A 132 7.35 2.34 -17.01
CA VAL A 132 7.97 2.23 -18.33
C VAL A 132 7.33 1.08 -19.10
N MET A 21 4.18 -16.43 -14.87
CA MET A 21 4.76 -16.99 -13.63
C MET A 21 4.58 -16.02 -12.47
N ALA A 22 3.70 -16.39 -11.56
CA ALA A 22 3.46 -15.62 -10.35
C ALA A 22 2.82 -16.51 -9.30
N ASP A 23 2.60 -15.97 -8.11
CA ASP A 23 2.10 -16.78 -7.01
C ASP A 23 0.66 -16.39 -6.69
N THR A 24 -0.07 -17.27 -6.03
CA THR A 24 -1.44 -16.98 -5.65
C THR A 24 -1.63 -17.12 -4.14
N ILE A 25 -1.98 -16.01 -3.50
CA ILE A 25 -2.22 -16.02 -2.07
C ILE A 25 -3.68 -16.34 -1.79
N GLU A 26 -3.92 -17.27 -0.89
CA GLU A 26 -5.26 -17.69 -0.58
C GLU A 26 -5.72 -17.09 0.74
N VAL A 27 -6.48 -16.02 0.65
CA VAL A 27 -7.00 -15.34 1.82
C VAL A 27 -8.40 -15.87 2.13
N ASP A 28 -8.53 -16.57 3.27
CA ASP A 28 -9.79 -17.17 3.70
C ASP A 28 -10.17 -18.32 2.77
N GLY A 29 -10.62 -17.99 1.58
CA GLY A 29 -10.96 -18.99 0.59
C GLY A 29 -10.90 -18.41 -0.81
N LYS A 30 -10.19 -17.31 -0.95
CA LYS A 30 -10.06 -16.64 -2.24
C LYS A 30 -8.58 -16.58 -2.64
N GLN A 31 -8.25 -17.14 -3.79
CA GLN A 31 -6.88 -17.10 -4.29
C GLN A 31 -6.66 -15.87 -5.16
N PHE A 32 -5.80 -14.98 -4.70
CA PHE A 32 -5.46 -13.77 -5.44
C PHE A 32 -4.10 -13.92 -6.09
N ALA A 33 -4.04 -13.66 -7.39
CA ALA A 33 -2.79 -13.75 -8.12
C ALA A 33 -1.93 -12.52 -7.86
N VAL A 34 -0.71 -12.75 -7.38
CA VAL A 34 0.20 -11.67 -7.05
C VAL A 34 1.57 -11.89 -7.71
N ASP A 35 2.19 -10.81 -8.14
CA ASP A 35 3.54 -10.86 -8.71
C ASP A 35 4.54 -11.19 -7.60
N GLU A 36 5.73 -11.61 -7.98
CA GLU A 36 6.74 -11.98 -7.00
C GLU A 36 7.22 -10.78 -6.17
N GLU A 37 6.94 -9.56 -6.64
CA GLU A 37 7.20 -8.37 -5.83
C GLU A 37 6.09 -8.18 -4.80
N GLY A 38 5.03 -8.97 -4.91
CA GLY A 38 3.95 -8.92 -3.95
C GLY A 38 2.79 -8.05 -4.40
N TYR A 39 2.73 -7.75 -5.69
CA TYR A 39 1.69 -6.87 -6.21
C TYR A 39 0.49 -7.66 -6.73
N LEU A 40 -0.69 -7.33 -6.21
CA LEU A 40 -1.93 -7.92 -6.68
C LEU A 40 -2.11 -7.67 -8.18
N SER A 41 -2.15 -8.73 -8.96
CA SER A 41 -2.21 -8.63 -10.40
C SER A 41 -3.65 -8.73 -10.89
N ASN A 42 -4.59 -8.64 -9.96
CA ASN A 42 -6.00 -8.75 -10.30
C ASN A 42 -6.82 -7.73 -9.50
N LEU A 43 -7.02 -6.56 -10.10
CA LEU A 43 -7.78 -5.50 -9.46
C LEU A 43 -9.27 -5.71 -9.69
N ASN A 44 -9.93 -6.37 -8.76
CA ASN A 44 -11.34 -6.67 -8.89
C ASN A 44 -12.02 -6.66 -7.52
N ASP A 45 -11.59 -7.57 -6.65
CA ASP A 45 -12.22 -7.72 -5.34
C ASP A 45 -11.42 -6.98 -4.26
N TRP A 46 -10.35 -7.61 -3.79
CA TRP A 46 -9.47 -7.05 -2.76
C TRP A 46 -10.18 -6.91 -1.40
N VAL A 47 -9.79 -7.75 -0.46
CA VAL A 47 -10.26 -7.64 0.91
C VAL A 47 -9.13 -7.21 1.83
N PRO A 48 -9.44 -6.62 2.99
CA PRO A 48 -8.41 -6.19 3.97
C PRO A 48 -7.48 -7.33 4.38
N GLY A 49 -8.00 -8.55 4.29
CA GLY A 49 -7.19 -9.72 4.58
C GLY A 49 -5.98 -9.83 3.68
N VAL A 50 -6.14 -9.44 2.42
CA VAL A 50 -5.06 -9.50 1.44
C VAL A 50 -3.88 -8.66 1.91
N ALA A 51 -4.19 -7.48 2.43
CA ALA A 51 -3.17 -6.58 2.95
C ALA A 51 -2.40 -7.22 4.11
N ASP A 52 -3.15 -7.73 5.08
CA ASP A 52 -2.54 -8.34 6.26
C ASP A 52 -1.71 -9.57 5.91
N VAL A 53 -2.24 -10.41 5.03
CA VAL A 53 -1.53 -11.62 4.60
C VAL A 53 -0.19 -11.29 3.95
N MET A 54 -0.18 -10.25 3.11
CA MET A 54 1.06 -9.85 2.45
C MET A 54 1.97 -9.11 3.42
N ALA A 55 1.38 -8.36 4.34
CA ALA A 55 2.14 -7.69 5.39
C ALA A 55 2.81 -8.71 6.28
N LYS A 56 2.11 -9.80 6.56
CA LYS A 56 2.64 -10.91 7.34
C LYS A 56 3.86 -11.51 6.67
N GLN A 57 3.82 -11.58 5.34
CA GLN A 57 4.93 -12.15 4.57
C GLN A 57 6.15 -11.23 4.62
N ASP A 58 5.90 -9.94 4.80
CA ASP A 58 6.97 -8.95 4.91
C ASP A 58 7.32 -8.73 6.38
N ASN A 59 6.51 -9.36 7.24
CA ASN A 59 6.64 -9.26 8.70
C ASN A 59 6.45 -7.81 9.15
N LEU A 60 5.48 -7.15 8.57
CA LEU A 60 5.13 -5.79 8.95
C LEU A 60 3.73 -5.78 9.58
N GLU A 61 3.64 -5.30 10.80
CA GLU A 61 2.37 -5.28 11.50
C GLU A 61 1.58 -4.03 11.11
N LEU A 62 0.39 -4.24 10.55
CA LEU A 62 -0.45 -3.12 10.14
C LEU A 62 -1.26 -2.58 11.31
N THR A 63 -0.85 -1.42 11.80
CA THR A 63 -1.57 -0.73 12.86
C THR A 63 -2.59 0.23 12.25
N GLU A 64 -3.41 0.89 13.07
CA GLU A 64 -4.45 1.78 12.54
C GLU A 64 -3.83 2.88 11.68
N GLU A 65 -2.68 3.37 12.10
CA GLU A 65 -1.97 4.40 11.35
C GLU A 65 -1.53 3.85 9.99
N HIS A 66 -1.11 2.60 9.97
CA HIS A 66 -0.77 1.92 8.73
C HIS A 66 -2.00 1.77 7.86
N TRP A 67 -3.08 1.29 8.46
CA TRP A 67 -4.35 1.15 7.75
C TRP A 67 -4.86 2.48 7.23
N ASP A 68 -4.51 3.56 7.93
CA ASP A 68 -4.88 4.90 7.48
C ASP A 68 -4.23 5.19 6.13
N ILE A 69 -2.93 4.94 6.04
CA ILE A 69 -2.19 5.14 4.79
C ILE A 69 -2.74 4.22 3.69
N ILE A 70 -2.97 2.96 4.05
CA ILE A 70 -3.51 1.98 3.10
C ILE A 70 -4.87 2.44 2.57
N ASN A 71 -5.74 2.83 3.49
CA ASN A 71 -7.09 3.30 3.15
C ASN A 71 -7.01 4.58 2.33
N PHE A 72 -6.06 5.44 2.67
CA PHE A 72 -5.85 6.69 1.95
C PHE A 72 -5.52 6.42 0.48
N LEU A 73 -4.65 5.45 0.25
CA LEU A 73 -4.25 5.10 -1.10
C LEU A 73 -5.39 4.44 -1.86
N ARG A 74 -6.28 3.75 -1.14
CA ARG A 74 -7.44 3.14 -1.75
C ARG A 74 -8.31 4.21 -2.40
N GLU A 75 -8.68 5.23 -1.62
CA GLU A 75 -9.48 6.34 -2.15
C GLU A 75 -8.68 7.14 -3.18
N TYR A 76 -7.38 7.24 -2.96
CA TYR A 76 -6.50 7.96 -3.87
C TYR A 76 -6.56 7.34 -5.27
N TYR A 77 -6.43 6.02 -5.33
CA TYR A 77 -6.50 5.33 -6.61
C TYR A 77 -7.94 5.23 -7.09
N GLU A 78 -8.87 5.14 -6.15
CA GLU A 78 -10.29 5.06 -6.46
C GLU A 78 -10.72 6.24 -7.34
N GLU A 79 -10.31 7.44 -6.93
CA GLU A 79 -10.69 8.66 -7.65
C GLU A 79 -9.62 9.07 -8.66
N TYR A 80 -8.40 9.31 -8.18
CA TYR A 80 -7.35 9.87 -9.02
C TYR A 80 -6.81 8.86 -10.02
N GLN A 81 -6.99 7.57 -9.71
CA GLN A 81 -6.56 6.48 -10.59
C GLN A 81 -5.07 6.53 -10.88
N ILE A 82 -4.29 6.94 -9.89
CA ILE A 82 -2.85 7.03 -10.05
C ILE A 82 -2.14 6.58 -8.77
N ALA A 83 -1.03 5.86 -8.93
CA ALA A 83 -0.22 5.45 -7.79
C ALA A 83 0.82 6.51 -7.49
N PRO A 84 0.71 7.18 -6.33
CA PRO A 84 1.58 8.29 -5.98
C PRO A 84 2.98 7.85 -5.56
N ALA A 85 3.97 8.68 -5.84
CA ALA A 85 5.35 8.41 -5.46
C ALA A 85 5.61 8.86 -4.03
N VAL A 86 6.86 8.71 -3.59
CA VAL A 86 7.23 9.00 -2.20
C VAL A 86 6.88 10.43 -1.81
N ARG A 87 7.37 11.40 -2.58
CA ARG A 87 7.15 12.81 -2.25
C ARG A 87 5.69 13.19 -2.43
N VAL A 88 5.06 12.67 -3.48
CA VAL A 88 3.65 12.94 -3.74
C VAL A 88 2.79 12.44 -2.58
N LEU A 89 3.03 11.20 -2.17
CA LEU A 89 2.27 10.59 -1.09
C LEU A 89 2.47 11.35 0.22
N THR A 90 3.72 11.62 0.57
CA THR A 90 4.04 12.32 1.81
C THR A 90 3.39 13.70 1.85
N LYS A 91 3.35 14.37 0.71
CA LYS A 91 2.72 15.69 0.62
C LYS A 91 1.23 15.59 0.89
N ALA A 92 0.62 14.52 0.39
CA ALA A 92 -0.80 14.28 0.59
C ALA A 92 -1.07 13.87 2.03
N VAL A 93 -0.15 13.10 2.61
CA VAL A 93 -0.24 12.69 4.00
C VAL A 93 -0.18 13.92 4.91
N GLY A 94 0.75 14.82 4.61
CA GLY A 94 0.88 16.04 5.39
C GLY A 94 -0.33 16.95 5.27
N LYS A 95 -1.11 16.75 4.21
CA LYS A 95 -2.30 17.53 3.99
C LYS A 95 -3.44 17.05 4.90
N LYS A 96 -3.44 15.76 5.20
CA LYS A 96 -4.50 15.18 6.02
C LYS A 96 -4.08 15.08 7.49
N LEU A 97 -2.91 14.51 7.74
CA LEU A 97 -2.42 14.31 9.10
C LEU A 97 -1.86 15.60 9.69
N GLY A 98 -1.63 16.57 8.83
CA GLY A 98 -1.06 17.83 9.27
C GLY A 98 0.43 17.88 9.02
N LYS A 99 0.95 19.09 8.86
CA LYS A 99 2.38 19.28 8.55
C LYS A 99 3.23 18.96 9.77
N GLU A 100 2.58 18.88 10.92
CA GLU A 100 3.25 18.62 12.18
C GLU A 100 3.43 17.11 12.39
N LYS A 101 2.79 16.33 11.52
CA LYS A 101 2.82 14.88 11.65
C LYS A 101 3.33 14.23 10.36
N GLY A 102 2.93 14.79 9.22
CA GLY A 102 3.33 14.23 7.94
C GLY A 102 4.74 14.60 7.54
N ASN A 103 5.71 13.88 8.10
CA ASN A 103 7.12 14.07 7.77
C ASN A 103 7.58 13.00 6.78
N SER A 104 8.72 13.20 6.14
CA SER A 104 9.28 12.20 5.25
C SER A 104 9.65 10.93 6.04
N LYS A 105 10.26 11.14 7.20
CA LYS A 105 10.65 10.04 8.08
C LYS A 105 9.41 9.30 8.57
N TYR A 106 8.30 10.02 8.62
CA TYR A 106 7.02 9.46 9.05
C TYR A 106 6.60 8.30 8.14
N LEU A 107 6.78 8.48 6.84
CA LEU A 107 6.45 7.44 5.87
C LEU A 107 7.45 6.29 5.93
N TYR A 108 8.73 6.63 6.08
CA TYR A 108 9.76 5.61 6.20
C TYR A 108 9.64 4.84 7.51
N SER A 109 9.09 5.49 8.53
CA SER A 109 8.87 4.85 9.81
C SER A 109 7.74 3.83 9.72
N LEU A 110 6.68 4.19 9.01
CA LEU A 110 5.54 3.29 8.84
C LEU A 110 5.90 2.16 7.89
N PHE A 111 6.50 2.51 6.76
CA PHE A 111 6.85 1.53 5.75
C PHE A 111 8.32 1.66 5.37
N PRO A 112 9.19 0.80 5.94
CA PRO A 112 10.64 0.87 5.74
C PRO A 112 11.07 0.53 4.32
N TYR A 113 10.52 -0.55 3.77
CA TYR A 113 10.91 -1.02 2.44
C TYR A 113 10.16 -0.24 1.36
N GLY A 114 10.35 1.06 1.36
CA GLY A 114 9.70 1.91 0.39
C GLY A 114 8.34 2.37 0.87
N PRO A 115 8.22 3.64 1.30
CA PRO A 115 6.96 4.21 1.82
C PRO A 115 5.76 3.92 0.93
N ALA A 116 5.85 4.34 -0.32
CA ALA A 116 4.75 4.16 -1.26
C ALA A 116 4.69 2.70 -1.73
N LYS A 117 5.85 2.10 -1.92
CA LYS A 117 5.94 0.73 -2.41
C LYS A 117 5.23 -0.25 -1.48
N GLN A 118 5.49 -0.11 -0.19
CA GLN A 118 4.85 -0.95 0.83
C GLN A 118 3.35 -0.66 0.90
N ALA A 119 3.02 0.61 1.05
CA ALA A 119 1.65 1.04 1.24
C ALA A 119 0.76 0.62 0.09
N CYS A 120 1.20 0.85 -1.14
CA CYS A 120 0.40 0.52 -2.30
C CYS A 120 0.28 -1.00 -2.45
N ARG A 121 1.36 -1.71 -2.13
CA ARG A 121 1.38 -3.15 -2.25
C ARG A 121 0.27 -3.79 -1.42
N PHE A 122 0.15 -3.34 -0.18
CA PHE A 122 -0.87 -3.87 0.73
C PHE A 122 -2.26 -3.43 0.26
N ALA A 123 -2.33 -2.27 -0.36
CA ALA A 123 -3.59 -1.75 -0.88
C ALA A 123 -3.96 -2.42 -2.20
N GLY A 124 -3.09 -3.33 -2.66
CA GLY A 124 -3.35 -4.06 -3.88
C GLY A 124 -3.05 -3.25 -5.12
N LEU A 125 -2.41 -2.10 -4.92
CA LEU A 125 -2.11 -1.19 -6.01
C LEU A 125 -0.88 -1.65 -6.77
N PRO A 126 -0.74 -1.22 -8.04
CA PRO A 126 0.41 -1.55 -8.87
C PRO A 126 1.72 -0.95 -8.35
N LYS A 127 2.78 -1.12 -9.13
CA LYS A 127 4.10 -0.63 -8.75
C LYS A 127 4.19 0.87 -8.99
N PRO A 128 4.38 1.65 -7.92
CA PRO A 128 4.41 3.10 -8.00
C PRO A 128 5.80 3.65 -8.26
N THR A 129 6.05 4.03 -9.50
CA THR A 129 7.30 4.67 -9.86
C THR A 129 7.11 6.18 -9.84
N GLY A 130 5.89 6.62 -10.13
CA GLY A 130 5.58 8.03 -10.10
C GLY A 130 6.10 8.76 -11.33
N CYS A 131 6.39 7.99 -12.37
CA CYS A 131 6.89 8.56 -13.60
C CYS A 131 6.03 8.11 -14.77
N VAL A 132 5.21 9.02 -15.26
CA VAL A 132 4.35 8.74 -16.40
C VAL A 132 5.02 9.20 -17.68
N MET A 21 5.69 -18.40 -11.32
CA MET A 21 5.03 -17.53 -12.32
C MET A 21 3.85 -16.82 -11.68
N ALA A 22 4.14 -15.78 -10.90
CA ALA A 22 3.14 -15.11 -10.08
C ALA A 22 2.59 -16.09 -9.03
N ASP A 23 1.51 -15.72 -8.36
CA ASP A 23 0.92 -16.59 -7.36
C ASP A 23 -0.48 -16.11 -6.98
N THR A 24 -1.17 -16.89 -6.17
CA THR A 24 -2.50 -16.53 -5.69
C THR A 24 -2.58 -16.76 -4.19
N ILE A 25 -3.03 -15.77 -3.44
CA ILE A 25 -3.17 -15.91 -2.01
C ILE A 25 -4.62 -16.24 -1.65
N GLU A 26 -4.81 -17.21 -0.77
CA GLU A 26 -6.14 -17.58 -0.33
C GLU A 26 -6.50 -16.82 0.94
N VAL A 27 -7.33 -15.83 0.81
CA VAL A 27 -7.83 -15.09 1.96
C VAL A 27 -9.19 -15.64 2.35
N ASP A 28 -9.19 -16.60 3.27
CA ASP A 28 -10.42 -17.24 3.75
C ASP A 28 -11.13 -17.96 2.59
N GLY A 29 -10.34 -18.64 1.77
CA GLY A 29 -10.89 -19.38 0.65
C GLY A 29 -10.96 -18.56 -0.63
N LYS A 30 -10.90 -17.24 -0.49
CA LYS A 30 -11.00 -16.35 -1.64
C LYS A 30 -9.62 -16.06 -2.21
N GLN A 31 -9.42 -16.38 -3.47
CA GLN A 31 -8.10 -16.25 -4.08
C GLN A 31 -7.89 -14.89 -4.72
N PHE A 32 -6.76 -14.30 -4.39
CA PHE A 32 -6.35 -13.04 -5.00
C PHE A 32 -5.02 -13.23 -5.72
N ALA A 33 -5.04 -13.04 -7.04
CA ALA A 33 -3.85 -13.17 -7.85
C ALA A 33 -2.86 -12.05 -7.56
N VAL A 34 -1.64 -12.41 -7.22
CA VAL A 34 -0.60 -11.43 -6.96
C VAL A 34 0.56 -11.62 -7.91
N ASP A 35 1.33 -10.57 -8.10
CA ASP A 35 2.52 -10.63 -8.95
C ASP A 35 3.62 -11.35 -8.20
N GLU A 36 4.58 -11.90 -8.91
CA GLU A 36 5.63 -12.70 -8.32
C GLU A 36 6.54 -11.82 -7.44
N GLU A 37 6.48 -10.52 -7.66
CA GLU A 37 7.24 -9.56 -6.86
C GLU A 37 6.48 -9.16 -5.60
N GLY A 38 5.30 -9.75 -5.40
CA GLY A 38 4.57 -9.56 -4.16
C GLY A 38 3.45 -8.54 -4.25
N TYR A 39 3.46 -7.74 -5.30
CA TYR A 39 2.43 -6.72 -5.47
C TYR A 39 1.13 -7.36 -5.95
N LEU A 40 0.01 -6.97 -5.35
CA LEU A 40 -1.29 -7.51 -5.75
C LEU A 40 -1.57 -7.21 -7.21
N SER A 41 -1.99 -8.24 -7.95
CA SER A 41 -2.17 -8.13 -9.39
C SER A 41 -3.65 -8.00 -9.74
N ASN A 42 -4.50 -7.98 -8.72
CA ASN A 42 -5.94 -7.93 -8.94
C ASN A 42 -6.57 -6.79 -8.15
N LEU A 43 -6.97 -5.74 -8.86
CA LEU A 43 -7.67 -4.61 -8.24
C LEU A 43 -9.17 -4.75 -8.48
N ASN A 44 -9.61 -5.97 -8.70
CA ASN A 44 -11.02 -6.23 -9.02
C ASN A 44 -11.86 -6.31 -7.75
N ASP A 45 -11.25 -6.76 -6.66
CA ASP A 45 -11.98 -6.95 -5.41
C ASP A 45 -11.26 -6.29 -4.24
N TRP A 46 -10.23 -6.97 -3.74
CA TRP A 46 -9.41 -6.50 -2.61
C TRP A 46 -10.18 -6.50 -1.29
N VAL A 47 -9.63 -7.18 -0.30
CA VAL A 47 -10.17 -7.19 1.04
C VAL A 47 -9.06 -6.89 2.05
N PRO A 48 -9.41 -6.44 3.27
CA PRO A 48 -8.41 -6.15 4.31
C PRO A 48 -7.47 -7.33 4.57
N GLY A 49 -7.99 -8.53 4.40
CA GLY A 49 -7.20 -9.73 4.61
C GLY A 49 -6.02 -9.84 3.67
N VAL A 50 -6.12 -9.20 2.49
CA VAL A 50 -5.04 -9.23 1.51
C VAL A 50 -3.78 -8.60 2.09
N ALA A 51 -3.93 -7.41 2.66
CA ALA A 51 -2.81 -6.68 3.24
C ALA A 51 -2.29 -7.39 4.48
N ASP A 52 -3.23 -7.95 5.25
CA ASP A 52 -2.90 -8.64 6.50
C ASP A 52 -1.99 -9.84 6.23
N VAL A 53 -2.41 -10.71 5.31
CA VAL A 53 -1.63 -11.89 4.97
C VAL A 53 -0.33 -11.50 4.28
N MET A 54 -0.40 -10.49 3.42
CA MET A 54 0.76 -10.06 2.64
C MET A 54 1.85 -9.50 3.54
N ALA A 55 1.50 -8.53 4.37
CA ALA A 55 2.46 -7.89 5.25
C ALA A 55 3.01 -8.87 6.28
N LYS A 56 2.20 -9.87 6.60
CA LYS A 56 2.61 -10.92 7.53
C LYS A 56 3.79 -11.69 6.95
N GLN A 57 3.78 -11.88 5.64
CA GLN A 57 4.88 -12.52 4.94
C GLN A 57 6.11 -11.63 4.96
N ASP A 58 5.88 -10.32 4.84
CA ASP A 58 6.96 -9.35 4.84
C ASP A 58 7.42 -9.05 6.27
N ASN A 59 6.75 -9.67 7.24
CA ASN A 59 7.09 -9.53 8.66
C ASN A 59 6.88 -8.10 9.12
N LEU A 60 5.91 -7.43 8.51
CA LEU A 60 5.61 -6.04 8.84
C LEU A 60 4.34 -5.96 9.68
N GLU A 61 4.46 -5.39 10.87
CA GLU A 61 3.33 -5.25 11.77
C GLU A 61 2.49 -4.03 11.39
N LEU A 62 1.31 -4.28 10.86
CA LEU A 62 0.41 -3.20 10.44
C LEU A 62 -0.38 -2.66 11.62
N THR A 63 -0.12 -1.42 11.98
CA THR A 63 -0.88 -0.76 13.02
C THR A 63 -1.99 0.09 12.40
N GLU A 64 -2.69 0.86 13.23
CA GLU A 64 -3.76 1.72 12.75
C GLU A 64 -3.26 2.69 11.69
N GLU A 65 -2.05 3.19 11.89
CA GLU A 65 -1.43 4.13 10.97
C GLU A 65 -1.18 3.47 9.62
N HIS A 66 -0.71 2.23 9.64
CA HIS A 66 -0.42 1.50 8.41
C HIS A 66 -1.69 1.24 7.62
N TRP A 67 -2.71 0.71 8.29
CA TRP A 67 -4.00 0.43 7.65
C TRP A 67 -4.57 1.69 7.00
N ASP A 68 -4.43 2.81 7.70
CA ASP A 68 -4.97 4.08 7.21
C ASP A 68 -4.32 4.48 5.89
N ILE A 69 -2.99 4.36 5.82
CA ILE A 69 -2.25 4.71 4.61
C ILE A 69 -2.62 3.78 3.46
N ILE A 70 -2.71 2.48 3.75
CA ILE A 70 -3.07 1.48 2.75
C ILE A 70 -4.46 1.79 2.17
N ASN A 71 -5.43 1.98 3.06
CA ASN A 71 -6.79 2.29 2.66
C ASN A 71 -6.83 3.61 1.90
N PHE A 72 -6.04 4.57 2.36
CA PHE A 72 -5.97 5.89 1.73
C PHE A 72 -5.51 5.79 0.29
N LEU A 73 -4.50 4.95 0.04
CA LEU A 73 -4.02 4.75 -1.31
C LEU A 73 -5.09 4.17 -2.21
N ARG A 74 -5.92 3.28 -1.66
CA ARG A 74 -7.03 2.72 -2.41
C ARG A 74 -7.96 3.82 -2.90
N GLU A 75 -8.45 4.65 -1.97
CA GLU A 75 -9.33 5.76 -2.33
C GLU A 75 -8.62 6.75 -3.23
N TYR A 76 -7.39 7.10 -2.87
CA TYR A 76 -6.61 8.09 -3.62
C TYR A 76 -6.44 7.68 -5.07
N TYR A 77 -6.10 6.42 -5.29
CA TYR A 77 -5.87 5.91 -6.63
C TYR A 77 -7.18 5.77 -7.40
N GLU A 78 -8.21 5.25 -6.76
CA GLU A 78 -9.48 5.02 -7.44
C GLU A 78 -10.19 6.33 -7.74
N GLU A 79 -9.86 7.37 -7.00
CA GLU A 79 -10.48 8.67 -7.20
C GLU A 79 -9.69 9.52 -8.18
N TYR A 80 -8.43 9.78 -7.87
CA TYR A 80 -7.62 10.70 -8.64
C TYR A 80 -6.90 10.00 -9.79
N GLN A 81 -6.98 8.67 -9.81
CA GLN A 81 -6.37 7.86 -10.88
C GLN A 81 -4.86 8.05 -10.96
N ILE A 82 -4.23 8.20 -9.80
CA ILE A 82 -2.79 8.39 -9.75
C ILE A 82 -2.20 7.71 -8.51
N ALA A 83 -1.11 7.00 -8.72
CA ALA A 83 -0.37 6.39 -7.62
C ALA A 83 0.73 7.34 -7.18
N PRO A 84 0.66 7.83 -5.93
CA PRO A 84 1.59 8.84 -5.44
C PRO A 84 2.95 8.27 -5.07
N ALA A 85 4.00 8.87 -5.61
CA ALA A 85 5.36 8.55 -5.22
C ALA A 85 5.65 9.06 -3.81
N VAL A 86 6.83 8.77 -3.29
CA VAL A 86 7.17 9.17 -1.92
C VAL A 86 7.01 10.68 -1.74
N ARG A 87 7.51 11.45 -2.71
CA ARG A 87 7.48 12.90 -2.66
C ARG A 87 6.04 13.43 -2.80
N VAL A 88 5.15 12.61 -3.32
CA VAL A 88 3.75 12.98 -3.48
C VAL A 88 2.93 12.50 -2.28
N LEU A 89 3.28 11.31 -1.79
CA LEU A 89 2.58 10.68 -0.68
C LEU A 89 2.67 11.53 0.58
N THR A 90 3.84 12.15 0.77
CA THR A 90 4.06 13.02 1.93
C THR A 90 3.06 14.17 1.96
N LYS A 91 2.72 14.67 0.79
CA LYS A 91 1.76 15.76 0.66
C LYS A 91 0.34 15.25 0.91
N ALA A 92 0.07 14.07 0.41
CA ALA A 92 -1.25 13.45 0.55
C ALA A 92 -1.55 13.12 2.01
N VAL A 93 -0.56 12.55 2.69
CA VAL A 93 -0.69 12.20 4.10
C VAL A 93 -0.92 13.45 4.94
N GLY A 94 -0.24 14.53 4.58
CA GLY A 94 -0.37 15.78 5.31
C GLY A 94 -1.73 16.43 5.10
N LYS A 95 -2.42 16.01 4.04
CA LYS A 95 -3.72 16.58 3.72
C LYS A 95 -4.84 15.81 4.42
N LYS A 96 -4.61 14.54 4.68
CA LYS A 96 -5.61 13.71 5.34
C LYS A 96 -5.35 13.62 6.85
N LEU A 97 -4.15 13.20 7.21
CA LEU A 97 -3.81 12.96 8.61
C LEU A 97 -3.56 14.29 9.31
N GLY A 98 -2.55 15.01 8.87
CA GLY A 98 -2.21 16.28 9.46
C GLY A 98 -0.98 16.90 8.84
N LYS A 99 -1.00 18.22 8.69
CA LYS A 99 0.09 18.93 8.03
C LYS A 99 1.38 18.84 8.83
N GLU A 100 1.23 18.67 10.13
CA GLU A 100 2.38 18.58 11.04
C GLU A 100 3.02 17.20 10.95
N LYS A 101 2.23 16.21 10.59
CA LYS A 101 2.70 14.83 10.57
C LYS A 101 3.00 14.38 9.15
N GLY A 102 2.71 15.25 8.19
CA GLY A 102 2.98 14.95 6.79
C GLY A 102 4.43 15.15 6.43
N ASN A 103 5.30 14.30 6.96
CA ASN A 103 6.73 14.42 6.76
C ASN A 103 7.31 13.11 6.24
N SER A 104 8.38 13.20 5.46
CA SER A 104 9.01 12.02 4.87
C SER A 104 9.53 11.06 5.95
N LYS A 105 10.04 11.62 7.04
CA LYS A 105 10.61 10.82 8.11
C LYS A 105 9.54 9.94 8.75
N TYR A 106 8.33 10.47 8.85
CA TYR A 106 7.22 9.73 9.43
C TYR A 106 6.89 8.50 8.58
N LEU A 107 6.99 8.66 7.27
CA LEU A 107 6.71 7.55 6.35
C LEU A 107 7.82 6.50 6.41
N TYR A 108 9.05 6.95 6.63
CA TYR A 108 10.16 6.02 6.82
C TYR A 108 10.05 5.32 8.18
N SER A 109 9.36 5.97 9.10
CA SER A 109 9.09 5.36 10.40
C SER A 109 7.98 4.33 10.26
N LEU A 110 7.08 4.56 9.31
CA LEU A 110 6.01 3.63 9.01
C LEU A 110 6.53 2.45 8.19
N PHE A 111 7.17 2.75 7.06
CA PHE A 111 7.67 1.73 6.17
C PHE A 111 9.17 1.89 5.96
N PRO A 112 9.98 1.00 6.57
CA PRO A 112 11.45 1.09 6.51
C PRO A 112 12.02 0.74 5.14
N TYR A 113 11.25 -0.01 4.36
CA TYR A 113 11.71 -0.47 3.06
C TYR A 113 11.22 0.44 1.94
N GLY A 114 10.80 1.64 2.31
CA GLY A 114 10.29 2.58 1.33
C GLY A 114 8.78 2.67 1.37
N PRO A 115 8.25 3.80 1.87
CA PRO A 115 6.79 4.01 2.04
C PRO A 115 5.99 3.66 0.79
N ALA A 116 6.45 4.11 -0.36
CA ALA A 116 5.74 3.89 -1.61
C ALA A 116 5.57 2.41 -1.92
N LYS A 117 6.69 1.71 -2.10
CA LYS A 117 6.67 0.29 -2.46
C LYS A 117 5.87 -0.54 -1.44
N GLN A 118 6.07 -0.27 -0.17
CA GLN A 118 5.40 -1.02 0.89
C GLN A 118 3.90 -0.78 0.86
N ALA A 119 3.51 0.49 0.95
CA ALA A 119 2.09 0.84 1.06
C ALA A 119 1.31 0.40 -0.17
N CYS A 120 1.85 0.67 -1.36
CA CYS A 120 1.16 0.31 -2.60
C CYS A 120 1.03 -1.20 -2.72
N ARG A 121 2.07 -1.91 -2.28
CA ARG A 121 2.10 -3.36 -2.30
C ARG A 121 0.86 -3.94 -1.61
N PHE A 122 0.61 -3.49 -0.39
CA PHE A 122 -0.50 -3.99 0.41
C PHE A 122 -1.83 -3.43 -0.08
N ALA A 123 -1.77 -2.25 -0.70
CA ALA A 123 -2.97 -1.58 -1.18
C ALA A 123 -3.45 -2.19 -2.50
N GLY A 124 -2.61 -3.01 -3.11
CA GLY A 124 -2.99 -3.67 -4.35
C GLY A 124 -2.44 -2.96 -5.57
N LEU A 125 -1.56 -2.01 -5.34
CA LEU A 125 -0.99 -1.22 -6.42
C LEU A 125 0.36 -1.80 -6.85
N PRO A 126 0.57 -1.99 -8.16
CA PRO A 126 1.84 -2.46 -8.70
C PRO A 126 2.95 -1.43 -8.55
N LYS A 127 4.09 -1.70 -9.16
CA LYS A 127 5.23 -0.78 -9.11
C LYS A 127 4.91 0.54 -9.81
N PRO A 128 4.75 1.63 -9.05
CA PRO A 128 4.37 2.93 -9.58
C PRO A 128 5.57 3.83 -9.83
N THR A 129 6.77 3.25 -9.81
CA THR A 129 8.03 3.99 -9.94
C THR A 129 8.05 5.19 -8.98
N GLY A 130 7.77 4.92 -7.71
CA GLY A 130 7.63 5.97 -6.72
C GLY A 130 8.96 6.42 -6.14
N CYS A 131 9.69 7.23 -6.91
CA CYS A 131 10.96 7.81 -6.49
C CYS A 131 12.09 6.76 -6.47
N VAL A 132 11.90 5.72 -5.69
CA VAL A 132 12.88 4.65 -5.58
C VAL A 132 12.22 3.30 -5.83
N MET A 21 0.94 -12.12 -12.08
CA MET A 21 0.66 -13.35 -12.87
C MET A 21 1.40 -14.56 -12.31
N ALA A 22 1.91 -14.47 -11.09
CA ALA A 22 2.75 -15.53 -10.56
C ALA A 22 1.95 -16.56 -9.78
N ASP A 23 1.65 -16.25 -8.52
CA ASP A 23 1.02 -17.22 -7.62
C ASP A 23 -0.35 -16.72 -7.19
N THR A 24 -0.98 -17.46 -6.28
CA THR A 24 -2.28 -17.10 -5.76
C THR A 24 -2.30 -17.21 -4.24
N ILE A 25 -2.62 -16.11 -3.57
CA ILE A 25 -2.68 -16.12 -2.12
C ILE A 25 -4.09 -16.49 -1.64
N GLU A 26 -4.15 -17.48 -0.77
CA GLU A 26 -5.41 -17.98 -0.27
C GLU A 26 -5.80 -17.24 1.01
N VAL A 27 -6.78 -16.35 0.89
CA VAL A 27 -7.28 -15.62 2.04
C VAL A 27 -8.66 -16.15 2.41
N ASP A 28 -8.71 -16.95 3.47
CA ASP A 28 -9.94 -17.62 3.93
C ASP A 28 -10.46 -18.59 2.88
N GLY A 29 -11.17 -18.08 1.91
CA GLY A 29 -11.73 -18.92 0.86
C GLY A 29 -11.62 -18.28 -0.50
N LYS A 30 -10.67 -17.36 -0.64
CA LYS A 30 -10.44 -16.67 -1.91
C LYS A 30 -9.01 -16.90 -2.39
N GLN A 31 -8.85 -17.06 -3.69
CA GLN A 31 -7.53 -17.17 -4.29
C GLN A 31 -7.23 -15.92 -5.10
N PHE A 32 -6.34 -15.10 -4.58
CA PHE A 32 -5.99 -13.85 -5.24
C PHE A 32 -4.77 -14.02 -6.11
N ALA A 33 -4.96 -13.84 -7.41
CA ALA A 33 -3.87 -13.94 -8.37
C ALA A 33 -2.90 -12.78 -8.18
N VAL A 34 -1.74 -13.08 -7.66
CA VAL A 34 -0.75 -12.05 -7.37
C VAL A 34 0.49 -12.26 -8.23
N ASP A 35 1.37 -11.27 -8.23
CA ASP A 35 2.65 -11.42 -8.90
C ASP A 35 3.71 -11.80 -7.88
N GLU A 36 4.94 -11.98 -8.33
CA GLU A 36 6.00 -12.57 -7.52
C GLU A 36 6.29 -11.78 -6.26
N GLU A 37 6.36 -10.46 -6.37
CA GLU A 37 6.80 -9.63 -5.25
C GLU A 37 5.63 -9.21 -4.35
N GLY A 38 4.46 -9.76 -4.61
CA GLY A 38 3.32 -9.47 -3.75
C GLY A 38 2.48 -8.31 -4.24
N TYR A 39 1.85 -8.50 -5.38
CA TYR A 39 0.91 -7.52 -5.92
C TYR A 39 -0.23 -8.27 -6.58
N LEU A 40 -1.46 -8.09 -6.12
CA LEU A 40 -2.58 -8.80 -6.72
C LEU A 40 -2.89 -8.19 -8.08
N SER A 41 -2.78 -9.01 -9.12
CA SER A 41 -2.94 -8.54 -10.48
C SER A 41 -4.40 -8.25 -10.79
N ASN A 42 -5.30 -8.80 -9.98
CA ASN A 42 -6.72 -8.51 -10.10
C ASN A 42 -7.08 -7.33 -9.20
N LEU A 43 -7.03 -6.13 -9.75
CA LEU A 43 -7.37 -4.94 -8.98
C LEU A 43 -8.88 -4.76 -8.93
N ASN A 44 -9.51 -5.41 -7.97
CA ASN A 44 -10.95 -5.30 -7.81
C ASN A 44 -11.37 -5.66 -6.38
N ASP A 45 -11.24 -6.94 -6.04
CA ASP A 45 -11.73 -7.44 -4.76
C ASP A 45 -10.65 -7.38 -3.69
N TRP A 46 -9.92 -6.27 -3.65
CA TRP A 46 -8.94 -6.06 -2.59
C TRP A 46 -9.66 -5.91 -1.26
N VAL A 47 -9.37 -6.83 -0.35
CA VAL A 47 -9.93 -6.79 1.00
C VAL A 47 -8.81 -6.67 2.02
N PRO A 48 -9.11 -6.23 3.25
CA PRO A 48 -8.12 -6.09 4.32
C PRO A 48 -7.30 -7.35 4.54
N GLY A 49 -7.94 -8.52 4.38
CA GLY A 49 -7.25 -9.78 4.52
C GLY A 49 -6.07 -9.91 3.58
N VAL A 50 -6.20 -9.36 2.38
CA VAL A 50 -5.11 -9.37 1.42
C VAL A 50 -3.90 -8.61 1.96
N ALA A 51 -4.16 -7.43 2.50
CA ALA A 51 -3.12 -6.59 3.05
C ALA A 51 -2.50 -7.25 4.29
N ASP A 52 -3.34 -7.86 5.12
CA ASP A 52 -2.87 -8.55 6.32
C ASP A 52 -1.89 -9.66 5.95
N VAL A 53 -2.29 -10.51 5.01
CA VAL A 53 -1.45 -11.62 4.55
C VAL A 53 -0.19 -11.09 3.86
N MET A 54 -0.35 -10.03 3.07
CA MET A 54 0.77 -9.41 2.38
C MET A 54 1.81 -8.91 3.39
N ALA A 55 1.33 -8.21 4.39
CA ALA A 55 2.19 -7.67 5.44
C ALA A 55 2.80 -8.79 6.27
N LYS A 56 2.10 -9.91 6.35
CA LYS A 56 2.57 -11.07 7.09
C LYS A 56 3.75 -11.72 6.37
N GLN A 57 3.79 -11.54 5.06
CA GLN A 57 4.87 -12.07 4.24
C GLN A 57 6.15 -11.25 4.43
N ASP A 58 6.00 -9.94 4.39
CA ASP A 58 7.15 -9.03 4.52
C ASP A 58 7.54 -8.85 5.98
N ASN A 59 6.62 -9.25 6.86
CA ASN A 59 6.79 -9.12 8.32
C ASN A 59 6.79 -7.67 8.72
N LEU A 60 5.60 -7.09 8.64
CA LEU A 60 5.36 -5.72 9.06
C LEU A 60 3.89 -5.60 9.46
N GLU A 61 3.64 -5.49 10.76
CA GLU A 61 2.28 -5.51 11.27
C GLU A 61 1.56 -4.20 10.95
N LEU A 62 0.48 -4.31 10.19
CA LEU A 62 -0.29 -3.15 9.80
C LEU A 62 -1.12 -2.65 10.96
N THR A 63 -0.75 -1.50 11.50
CA THR A 63 -1.49 -0.89 12.58
C THR A 63 -2.36 0.23 12.02
N GLU A 64 -3.09 0.94 12.89
CA GLU A 64 -4.01 1.99 12.45
C GLU A 64 -3.33 3.00 11.54
N GLU A 65 -2.11 3.40 11.91
CA GLU A 65 -1.34 4.35 11.12
C GLU A 65 -1.08 3.81 9.72
N HIS A 66 -0.67 2.54 9.65
CA HIS A 66 -0.36 1.90 8.38
C HIS A 66 -1.63 1.79 7.54
N TRP A 67 -2.71 1.32 8.16
CA TRP A 67 -3.99 1.16 7.47
C TRP A 67 -4.47 2.49 6.91
N ASP A 68 -4.30 3.56 7.68
CA ASP A 68 -4.76 4.88 7.26
C ASP A 68 -4.04 5.32 5.98
N ILE A 69 -2.74 5.04 5.91
CA ILE A 69 -1.94 5.37 4.73
C ILE A 69 -2.30 4.46 3.56
N ILE A 70 -2.42 3.16 3.84
CA ILE A 70 -2.73 2.18 2.81
C ILE A 70 -4.11 2.43 2.20
N ASN A 71 -5.10 2.65 3.06
CA ASN A 71 -6.47 2.89 2.61
C ASN A 71 -6.54 4.24 1.90
N PHE A 72 -5.72 5.19 2.34
CA PHE A 72 -5.62 6.49 1.67
C PHE A 72 -5.17 6.30 0.22
N LEU A 73 -4.15 5.46 0.03
CA LEU A 73 -3.66 5.14 -1.30
C LEU A 73 -4.72 4.42 -2.12
N ARG A 74 -5.47 3.55 -1.45
CA ARG A 74 -6.57 2.84 -2.10
C ARG A 74 -7.57 3.82 -2.70
N GLU A 75 -8.08 4.73 -1.87
CA GLU A 75 -9.10 5.67 -2.32
C GLU A 75 -8.49 6.74 -3.22
N TYR A 76 -7.19 6.97 -3.08
CA TYR A 76 -6.48 7.88 -3.97
C TYR A 76 -6.52 7.33 -5.40
N TYR A 77 -6.29 6.04 -5.52
CA TYR A 77 -6.36 5.36 -6.81
C TYR A 77 -7.82 5.21 -7.23
N GLU A 78 -8.68 5.00 -6.24
CA GLU A 78 -10.12 4.89 -6.47
C GLU A 78 -10.65 6.15 -7.16
N GLU A 79 -10.27 7.31 -6.64
CA GLU A 79 -10.73 8.58 -7.18
C GLU A 79 -9.89 9.05 -8.38
N TYR A 80 -8.59 9.17 -8.19
CA TYR A 80 -7.73 9.82 -9.18
C TYR A 80 -7.14 8.82 -10.18
N GLN A 81 -7.24 7.53 -9.87
CA GLN A 81 -6.71 6.47 -10.74
C GLN A 81 -5.20 6.59 -10.96
N ILE A 82 -4.50 7.17 -9.98
CA ILE A 82 -3.07 7.36 -10.09
C ILE A 82 -2.38 6.97 -8.79
N ALA A 83 -1.22 6.33 -8.89
CA ALA A 83 -0.44 5.97 -7.73
C ALA A 83 0.66 7.01 -7.50
N PRO A 84 0.60 7.72 -6.36
CA PRO A 84 1.56 8.76 -6.04
C PRO A 84 2.90 8.21 -5.56
N ALA A 85 3.98 8.74 -6.12
CA ALA A 85 5.32 8.34 -5.71
C ALA A 85 5.63 8.83 -4.31
N VAL A 86 6.76 8.39 -3.76
CA VAL A 86 7.15 8.74 -2.39
C VAL A 86 7.10 10.26 -2.17
N ARG A 87 7.67 11.00 -3.10
CA ARG A 87 7.71 12.46 -3.01
C ARG A 87 6.29 13.05 -2.96
N VAL A 88 5.42 12.55 -3.82
CA VAL A 88 4.07 13.06 -3.91
C VAL A 88 3.24 12.65 -2.70
N LEU A 89 3.41 11.40 -2.28
CA LEU A 89 2.67 10.86 -1.14
C LEU A 89 3.00 11.64 0.14
N THR A 90 4.26 12.00 0.29
CA THR A 90 4.72 12.75 1.45
C THR A 90 3.94 14.07 1.59
N LYS A 91 3.61 14.68 0.47
CA LYS A 91 2.88 15.93 0.48
C LYS A 91 1.37 15.69 0.60
N ALA A 92 0.88 14.70 -0.14
CA ALA A 92 -0.54 14.38 -0.16
C ALA A 92 -1.01 13.84 1.19
N VAL A 93 -0.18 13.01 1.81
CA VAL A 93 -0.50 12.43 3.11
C VAL A 93 -0.56 13.51 4.20
N GLY A 94 0.10 14.64 3.94
CA GLY A 94 0.11 15.74 4.88
C GLY A 94 -1.30 16.17 5.25
N LYS A 95 -2.14 16.37 4.23
CA LYS A 95 -3.51 16.82 4.44
C LYS A 95 -4.35 15.78 5.19
N LYS A 96 -3.86 14.54 5.22
CA LYS A 96 -4.57 13.47 5.89
C LYS A 96 -4.18 13.42 7.37
N LEU A 97 -2.92 13.72 7.64
CA LEU A 97 -2.41 13.71 9.02
C LEU A 97 -2.65 15.05 9.71
N GLY A 98 -2.83 16.10 8.91
CA GLY A 98 -3.10 17.42 9.45
C GLY A 98 -2.04 18.41 9.06
N LYS A 99 -1.48 19.09 10.05
CA LYS A 99 -0.37 20.00 9.81
C LYS A 99 0.84 19.59 10.63
N GLU A 100 0.58 18.88 11.73
CA GLU A 100 1.63 18.41 12.60
C GLU A 100 2.37 17.23 11.97
N LYS A 101 1.65 16.14 11.75
CA LYS A 101 2.26 14.92 11.25
C LYS A 101 2.29 14.88 9.73
N GLY A 102 2.67 13.74 9.18
CA GLY A 102 2.97 13.65 7.77
C GLY A 102 4.45 13.39 7.60
N ASN A 103 5.13 14.26 6.86
CA ASN A 103 6.60 14.24 6.79
C ASN A 103 7.13 12.98 6.13
N SER A 104 8.42 12.97 5.84
CA SER A 104 9.06 11.81 5.22
C SER A 104 9.48 10.80 6.29
N LYS A 105 10.08 11.29 7.37
CA LYS A 105 10.61 10.43 8.42
C LYS A 105 9.53 9.55 9.03
N TYR A 106 8.37 10.15 9.25
CA TYR A 106 7.22 9.44 9.81
C TYR A 106 6.85 8.26 8.92
N LEU A 107 6.81 8.49 7.62
CA LEU A 107 6.46 7.45 6.67
C LEU A 107 7.57 6.42 6.53
N TYR A 108 8.81 6.85 6.70
CA TYR A 108 9.95 5.94 6.65
C TYR A 108 9.98 5.05 7.89
N SER A 109 9.57 5.60 9.03
CA SER A 109 9.47 4.81 10.25
C SER A 109 8.27 3.87 10.19
N LEU A 110 7.33 4.19 9.30
CA LEU A 110 6.20 3.31 9.03
C LEU A 110 6.61 2.18 8.10
N PHE A 111 7.18 2.55 6.96
CA PHE A 111 7.57 1.57 5.95
C PHE A 111 9.06 1.69 5.61
N PRO A 112 9.88 0.76 6.12
CA PRO A 112 11.34 0.83 6.01
C PRO A 112 11.86 0.79 4.56
N TYR A 113 11.26 -0.09 3.75
CA TYR A 113 11.73 -0.29 2.37
C TYR A 113 11.29 0.84 1.45
N GLY A 114 10.56 1.80 2.01
CA GLY A 114 10.01 2.87 1.21
C GLY A 114 8.56 3.11 1.53
N PRO A 115 8.21 4.34 1.96
CA PRO A 115 6.85 4.68 2.39
C PRO A 115 5.79 4.27 1.40
N ALA A 116 5.84 4.84 0.21
CA ALA A 116 4.86 4.55 -0.82
C ALA A 116 4.97 3.13 -1.33
N LYS A 117 6.20 2.63 -1.42
CA LYS A 117 6.46 1.32 -2.01
C LYS A 117 5.82 0.20 -1.18
N GLN A 118 6.07 0.20 0.11
CA GLN A 118 5.49 -0.82 0.98
C GLN A 118 3.99 -0.64 1.10
N ALA A 119 3.55 0.60 1.23
CA ALA A 119 2.14 0.90 1.38
C ALA A 119 1.34 0.43 0.17
N CYS A 120 1.83 0.74 -1.04
CA CYS A 120 1.15 0.34 -2.26
C CYS A 120 1.23 -1.18 -2.44
N ARG A 121 2.27 -1.78 -1.86
CA ARG A 121 2.47 -3.22 -1.95
C ARG A 121 1.35 -3.95 -1.21
N PHE A 122 0.96 -3.41 -0.06
CA PHE A 122 -0.11 -4.00 0.73
C PHE A 122 -1.47 -3.65 0.14
N ALA A 123 -1.55 -2.48 -0.50
CA ALA A 123 -2.78 -2.03 -1.14
C ALA A 123 -2.97 -2.71 -2.50
N GLY A 124 -1.90 -3.29 -3.01
CA GLY A 124 -1.97 -3.97 -4.29
C GLY A 124 -1.78 -3.05 -5.46
N LEU A 125 -1.40 -1.81 -5.18
CA LEU A 125 -1.20 -0.82 -6.22
C LEU A 125 0.09 -1.08 -6.98
N PRO A 126 0.09 -0.86 -8.30
CA PRO A 126 1.29 -0.95 -9.11
C PRO A 126 2.37 0.00 -8.61
N LYS A 127 3.60 -0.51 -8.51
CA LYS A 127 4.73 0.26 -7.99
C LYS A 127 4.86 1.61 -8.69
N PRO A 128 4.66 2.70 -7.93
CA PRO A 128 4.70 4.07 -8.46
C PRO A 128 6.13 4.61 -8.55
N THR A 129 7.07 3.72 -8.83
CA THR A 129 8.46 4.11 -8.94
C THR A 129 9.10 3.47 -10.17
N GLY A 130 9.17 4.23 -11.26
CA GLY A 130 9.72 3.73 -12.49
C GLY A 130 8.79 3.97 -13.65
N CYS A 131 8.38 2.89 -14.31
CA CYS A 131 7.42 2.99 -15.41
C CYS A 131 6.45 1.82 -15.36
N VAL A 132 5.17 2.11 -15.59
CA VAL A 132 4.14 1.08 -15.54
C VAL A 132 3.90 0.54 -16.94
#